data_6TGJ
# 
_entry.id   6TGJ 
# 
_audit_conform.dict_name       mmcif_pdbx.dic 
_audit_conform.dict_version    5.392 
_audit_conform.dict_location   http://mmcif.pdb.org/dictionaries/ascii/mmcif_pdbx.dic 
# 
loop_
_database_2.database_id 
_database_2.database_code 
_database_2.pdbx_database_accession 
_database_2.pdbx_DOI 
PDB   6TGJ         pdb_00006tgj 10.2210/pdb6tgj/pdb 
WWPDB D_1292105428 ?            ?                   
# 
loop_
_pdbx_audit_revision_history.ordinal 
_pdbx_audit_revision_history.data_content_type 
_pdbx_audit_revision_history.major_revision 
_pdbx_audit_revision_history.minor_revision 
_pdbx_audit_revision_history.revision_date 
1 'Structure model' 1 0 2020-09-30 
2 'Structure model' 1 1 2020-10-14 
3 'Structure model' 1 2 2020-10-28 
4 'Structure model' 1 3 2024-05-15 
# 
_pdbx_audit_revision_details.ordinal             1 
_pdbx_audit_revision_details.revision_ordinal    1 
_pdbx_audit_revision_details.data_content_type   'Structure model' 
_pdbx_audit_revision_details.provider            repository 
_pdbx_audit_revision_details.type                'Initial release' 
_pdbx_audit_revision_details.description         ? 
_pdbx_audit_revision_details.details             ? 
# 
loop_
_pdbx_audit_revision_group.ordinal 
_pdbx_audit_revision_group.revision_ordinal 
_pdbx_audit_revision_group.data_content_type 
_pdbx_audit_revision_group.group 
1 2 'Structure model' 'Database references' 
2 3 'Structure model' 'Database references' 
3 4 'Structure model' 'Data collection'     
4 4 'Structure model' 'Database references' 
# 
loop_
_pdbx_audit_revision_category.ordinal 
_pdbx_audit_revision_category.revision_ordinal 
_pdbx_audit_revision_category.data_content_type 
_pdbx_audit_revision_category.category 
1 2 'Structure model' citation        
2 2 'Structure model' citation_author 
3 3 'Structure model' citation        
4 4 'Structure model' chem_comp_atom  
5 4 'Structure model' chem_comp_bond  
6 4 'Structure model' database_2      
# 
loop_
_pdbx_audit_revision_item.ordinal 
_pdbx_audit_revision_item.revision_ordinal 
_pdbx_audit_revision_item.data_content_type 
_pdbx_audit_revision_item.item 
1  2 'Structure model' '_citation.country'                   
2  2 'Structure model' '_citation.journal_abbrev'            
3  2 'Structure model' '_citation.journal_id_ASTM'           
4  2 'Structure model' '_citation.journal_id_CSD'            
5  2 'Structure model' '_citation.journal_id_ISSN'           
6  2 'Structure model' '_citation.pdbx_database_id_DOI'      
7  2 'Structure model' '_citation.pdbx_database_id_PubMed'   
8  2 'Structure model' '_citation.title'                     
9  2 'Structure model' '_citation.year'                      
10 3 'Structure model' '_citation.journal_volume'            
11 3 'Structure model' '_citation.page_first'                
12 4 'Structure model' '_database_2.pdbx_DOI'                
13 4 'Structure model' '_database_2.pdbx_database_accession' 
# 
_pdbx_database_status.status_code                     REL 
_pdbx_database_status.status_code_sf                  REL 
_pdbx_database_status.status_code_mr                  ? 
_pdbx_database_status.entry_id                        6TGJ 
_pdbx_database_status.recvd_initial_deposition_date   2019-11-15 
_pdbx_database_status.SG_entry                        N 
_pdbx_database_status.deposit_site                    PDBE 
_pdbx_database_status.process_site                    PDBE 
_pdbx_database_status.status_code_cs                  ? 
_pdbx_database_status.methods_development_category    ? 
_pdbx_database_status.pdb_format_compatible           Y 
_pdbx_database_status.status_code_nmr_data            ? 
# 
loop_
_audit_author.name 
_audit_author.pdbx_ordinal 
_audit_author.identifier_ORCID 
'Oerum, S.'  1 0000-0001-9525-7295 
'Catala, M.' 2 ?                   
'Degut, C.'  3 ?                   
'Tisne, C.'  4 ?                   
# 
_citation.abstract                  ? 
_citation.abstract_id_CAS           ? 
_citation.book_id_ISBN              ? 
_citation.book_publisher            ? 
_citation.book_publisher_city       ? 
_citation.book_title                ? 
_citation.coordinate_linkage        ? 
_citation.country                   US 
_citation.database_id_Medline       ? 
_citation.details                   ? 
_citation.id                        primary 
_citation.journal_abbrev            Mol.Cell 
_citation.journal_id_ASTM           MOCEFL 
_citation.journal_id_CSD            2168 
_citation.journal_id_ISSN           1097-2765 
_citation.journal_full              ? 
_citation.journal_issue             ? 
_citation.journal_volume            80 
_citation.language                  ? 
_citation.page_first                227 
_citation.page_last                 ? 
_citation.title                     'Structures of B. subtilis Maturation RNases Captured on 50S Ribosome with Pre-rRNAs.' 
_citation.year                      2020 
_citation.database_id_CSD           ? 
_citation.pdbx_database_id_DOI      10.1016/j.molcel.2020.09.008 
_citation.pdbx_database_id_PubMed   32991829 
_citation.unpublished_flag          ? 
# 
loop_
_citation_author.citation_id 
_citation_author.name 
_citation_author.ordinal 
_citation_author.identifier_ORCID 
primary 'Oerum, S.'      1  ? 
primary 'Dendooven, T.'  2  ? 
primary 'Catala, M.'     3  ? 
primary 'Gilet, L.'      4  ? 
primary 'Degut, C.'      5  ? 
primary 'Trinquier, A.'  6  ? 
primary 'Bourguet, M.'   7  ? 
primary 'Barraud, P.'    8  ? 
primary 'Cianferani, S.' 9  ? 
primary 'Luisi, B.F.'    10 ? 
primary 'Condon, C.'     11 ? 
primary 'Tisne, C.'      12 ? 
# 
loop_
_entity.id 
_entity.type 
_entity.src_method 
_entity.pdbx_description 
_entity.formula_weight 
_entity.pdbx_number_of_molecules 
_entity.pdbx_ec 
_entity.pdbx_mutation 
_entity.pdbx_fragment 
_entity.details 
1 polymer man 'Ribonuclease M5' 10235.617 2   3.1.26.8 ? ? ? 
2 water   nat water             18.015    120 ?        ? ? ? 
# 
_entity_name_com.entity_id   1 
_entity_name_com.name        'RNase M5,Ribosomal RNA terminal maturase M5' 
# 
_entity_poly.entity_id                      1 
_entity_poly.type                           'polypeptide(L)' 
_entity_poly.nstd_linkage                   no 
_entity_poly.nstd_monomer                   no 
_entity_poly.pdbx_seq_one_letter_code       
;GGSMKIKQALANVYEETADWEEEITFAELIEAGLVGGEMARRRRQRLGEELKIGYANGRQFHKRLKVFRISRDAFYAALA
QVMREEAGDA
;
_entity_poly.pdbx_seq_one_letter_code_can   
;GGSMKIKQALANVYEETADWEEEITFAELIEAGLVGGEMARRRRQRLGEELKIGYANGRQFHKRLKVFRISRDAFYAALA
QVMREEAGDA
;
_entity_poly.pdbx_strand_id                 A,B 
_entity_poly.pdbx_target_identifier         ? 
# 
_pdbx_entity_nonpoly.entity_id   2 
_pdbx_entity_nonpoly.name        water 
_pdbx_entity_nonpoly.comp_id     HOH 
# 
loop_
_entity_poly_seq.entity_id 
_entity_poly_seq.num 
_entity_poly_seq.mon_id 
_entity_poly_seq.hetero 
1 1  GLY n 
1 2  GLY n 
1 3  SER n 
1 4  MET n 
1 5  LYS n 
1 6  ILE n 
1 7  LYS n 
1 8  GLN n 
1 9  ALA n 
1 10 LEU n 
1 11 ALA n 
1 12 ASN n 
1 13 VAL n 
1 14 TYR n 
1 15 GLU n 
1 16 GLU n 
1 17 THR n 
1 18 ALA n 
1 19 ASP n 
1 20 TRP n 
1 21 GLU n 
1 22 GLU n 
1 23 GLU n 
1 24 ILE n 
1 25 THR n 
1 26 PHE n 
1 27 ALA n 
1 28 GLU n 
1 29 LEU n 
1 30 ILE n 
1 31 GLU n 
1 32 ALA n 
1 33 GLY n 
1 34 LEU n 
1 35 VAL n 
1 36 GLY n 
1 37 GLY n 
1 38 GLU n 
1 39 MET n 
1 40 ALA n 
1 41 ARG n 
1 42 ARG n 
1 43 ARG n 
1 44 ARG n 
1 45 GLN n 
1 46 ARG n 
1 47 LEU n 
1 48 GLY n 
1 49 GLU n 
1 50 GLU n 
1 51 LEU n 
1 52 LYS n 
1 53 ILE n 
1 54 GLY n 
1 55 TYR n 
1 56 ALA n 
1 57 ASN n 
1 58 GLY n 
1 59 ARG n 
1 60 GLN n 
1 61 PHE n 
1 62 HIS n 
1 63 LYS n 
1 64 ARG n 
1 65 LEU n 
1 66 LYS n 
1 67 VAL n 
1 68 PHE n 
1 69 ARG n 
1 70 ILE n 
1 71 SER n 
1 72 ARG n 
1 73 ASP n 
1 74 ALA n 
1 75 PHE n 
1 76 TYR n 
1 77 ALA n 
1 78 ALA n 
1 79 LEU n 
1 80 ALA n 
1 81 GLN n 
1 82 VAL n 
1 83 MET n 
1 84 ARG n 
1 85 GLU n 
1 86 GLU n 
1 87 ALA n 
1 88 GLY n 
1 89 ASP n 
1 90 ALA n 
# 
_entity_src_gen.entity_id                          1 
_entity_src_gen.pdbx_src_id                        1 
_entity_src_gen.pdbx_alt_source_flag               sample 
_entity_src_gen.pdbx_seq_type                      'Biological sequence' 
_entity_src_gen.pdbx_beg_seq_num                   1 
_entity_src_gen.pdbx_end_seq_num                   90 
_entity_src_gen.gene_src_common_name               ? 
_entity_src_gen.gene_src_genus                     ? 
_entity_src_gen.pdbx_gene_src_gene                 'rnmV_1, rnmV, AVP43_02013' 
_entity_src_gen.gene_src_species                   ? 
_entity_src_gen.gene_src_strain                    ? 
_entity_src_gen.gene_src_tissue                    ? 
_entity_src_gen.gene_src_tissue_fraction           ? 
_entity_src_gen.gene_src_details                   ? 
_entity_src_gen.pdbx_gene_src_fragment             ? 
_entity_src_gen.pdbx_gene_src_scientific_name      'Geobacillus stearothermophilus' 
_entity_src_gen.pdbx_gene_src_ncbi_taxonomy_id     1422 
_entity_src_gen.pdbx_gene_src_variant              ? 
_entity_src_gen.pdbx_gene_src_cell_line            ? 
_entity_src_gen.pdbx_gene_src_atcc                 ? 
_entity_src_gen.pdbx_gene_src_organ                ? 
_entity_src_gen.pdbx_gene_src_organelle            ? 
_entity_src_gen.pdbx_gene_src_cell                 ? 
_entity_src_gen.pdbx_gene_src_cellular_location    ? 
_entity_src_gen.host_org_common_name               ? 
_entity_src_gen.pdbx_host_org_scientific_name      'Escherichia coli' 
_entity_src_gen.pdbx_host_org_ncbi_taxonomy_id     562 
_entity_src_gen.host_org_genus                     ? 
_entity_src_gen.pdbx_host_org_gene                 ? 
_entity_src_gen.pdbx_host_org_organ                ? 
_entity_src_gen.host_org_species                   ? 
_entity_src_gen.pdbx_host_org_tissue               ? 
_entity_src_gen.pdbx_host_org_tissue_fraction      ? 
_entity_src_gen.pdbx_host_org_strain               ? 
_entity_src_gen.pdbx_host_org_variant              ? 
_entity_src_gen.pdbx_host_org_cell_line            ? 
_entity_src_gen.pdbx_host_org_atcc                 ? 
_entity_src_gen.pdbx_host_org_culture_collection   ? 
_entity_src_gen.pdbx_host_org_cell                 ? 
_entity_src_gen.pdbx_host_org_organelle            ? 
_entity_src_gen.pdbx_host_org_cellular_location    ? 
_entity_src_gen.pdbx_host_org_vector_type          ? 
_entity_src_gen.pdbx_host_org_vector               ? 
_entity_src_gen.host_org_details                   ? 
_entity_src_gen.expression_system_id               ? 
_entity_src_gen.plasmid_name                       ? 
_entity_src_gen.plasmid_details                    ? 
_entity_src_gen.pdbx_description                   ? 
# 
loop_
_chem_comp.id 
_chem_comp.type 
_chem_comp.mon_nstd_flag 
_chem_comp.name 
_chem_comp.pdbx_synonyms 
_chem_comp.formula 
_chem_comp.formula_weight 
ALA 'L-peptide linking' y ALANINE         ? 'C3 H7 N O2'     89.093  
ARG 'L-peptide linking' y ARGININE        ? 'C6 H15 N4 O2 1' 175.209 
ASN 'L-peptide linking' y ASPARAGINE      ? 'C4 H8 N2 O3'    132.118 
ASP 'L-peptide linking' y 'ASPARTIC ACID' ? 'C4 H7 N O4'     133.103 
GLN 'L-peptide linking' y GLUTAMINE       ? 'C5 H10 N2 O3'   146.144 
GLU 'L-peptide linking' y 'GLUTAMIC ACID' ? 'C5 H9 N O4'     147.129 
GLY 'peptide linking'   y GLYCINE         ? 'C2 H5 N O2'     75.067  
HIS 'L-peptide linking' y HISTIDINE       ? 'C6 H10 N3 O2 1' 156.162 
HOH non-polymer         . WATER           ? 'H2 O'           18.015  
ILE 'L-peptide linking' y ISOLEUCINE      ? 'C6 H13 N O2'    131.173 
LEU 'L-peptide linking' y LEUCINE         ? 'C6 H13 N O2'    131.173 
LYS 'L-peptide linking' y LYSINE          ? 'C6 H15 N2 O2 1' 147.195 
MET 'L-peptide linking' y METHIONINE      ? 'C5 H11 N O2 S'  149.211 
PHE 'L-peptide linking' y PHENYLALANINE   ? 'C9 H11 N O2'    165.189 
SER 'L-peptide linking' y SERINE          ? 'C3 H7 N O3'     105.093 
THR 'L-peptide linking' y THREONINE       ? 'C4 H9 N O3'     119.119 
TRP 'L-peptide linking' y TRYPTOPHAN      ? 'C11 H12 N2 O2'  204.225 
TYR 'L-peptide linking' y TYROSINE        ? 'C9 H11 N O3'    181.189 
VAL 'L-peptide linking' y VALINE          ? 'C5 H11 N O2'    117.146 
# 
loop_
_pdbx_poly_seq_scheme.asym_id 
_pdbx_poly_seq_scheme.entity_id 
_pdbx_poly_seq_scheme.seq_id 
_pdbx_poly_seq_scheme.mon_id 
_pdbx_poly_seq_scheme.ndb_seq_num 
_pdbx_poly_seq_scheme.pdb_seq_num 
_pdbx_poly_seq_scheme.auth_seq_num 
_pdbx_poly_seq_scheme.pdb_mon_id 
_pdbx_poly_seq_scheme.auth_mon_id 
_pdbx_poly_seq_scheme.pdb_strand_id 
_pdbx_poly_seq_scheme.pdb_ins_code 
_pdbx_poly_seq_scheme.hetero 
A 1 1  GLY 1  98  ?   ?   ?   A . n 
A 1 2  GLY 2  99  ?   ?   ?   A . n 
A 1 3  SER 3  100 ?   ?   ?   A . n 
A 1 4  MET 4  101 ?   ?   ?   A . n 
A 1 5  LYS 5  102 ?   ?   ?   A . n 
A 1 6  ILE 6  103 ?   ?   ?   A . n 
A 1 7  LYS 7  104 ?   ?   ?   A . n 
A 1 8  GLN 8  105 ?   ?   ?   A . n 
A 1 9  ALA 9  106 ?   ?   ?   A . n 
A 1 10 LEU 10 107 ?   ?   ?   A . n 
A 1 11 ALA 11 108 ?   ?   ?   A . n 
A 1 12 ASN 12 109 ?   ?   ?   A . n 
A 1 13 VAL 13 110 ?   ?   ?   A . n 
A 1 14 TYR 14 111 ?   ?   ?   A . n 
A 1 15 GLU 15 112 ?   ?   ?   A . n 
A 1 16 GLU 16 113 ?   ?   ?   A . n 
A 1 17 THR 17 114 ?   ?   ?   A . n 
A 1 18 ALA 18 115 ?   ?   ?   A . n 
A 1 19 ASP 19 116 ?   ?   ?   A . n 
A 1 20 TRP 20 117 117 TRP TRP A . n 
A 1 21 GLU 21 118 118 GLU GLU A . n 
A 1 22 GLU 22 119 119 GLU GLU A . n 
A 1 23 GLU 23 120 120 GLU GLU A . n 
A 1 24 ILE 24 121 121 ILE ILE A . n 
A 1 25 THR 25 122 122 THR THR A . n 
A 1 26 PHE 26 123 123 PHE PHE A . n 
A 1 27 ALA 27 124 124 ALA ALA A . n 
A 1 28 GLU 28 125 125 GLU GLU A . n 
A 1 29 LEU 29 126 126 LEU LEU A . n 
A 1 30 ILE 30 127 127 ILE ILE A . n 
A 1 31 GLU 31 128 128 GLU GLU A . n 
A 1 32 ALA 32 129 129 ALA ALA A . n 
A 1 33 GLY 33 130 130 GLY GLY A . n 
A 1 34 LEU 34 131 131 LEU LEU A . n 
A 1 35 VAL 35 132 132 VAL VAL A . n 
A 1 36 GLY 36 133 133 GLY GLY A . n 
A 1 37 GLY 37 134 134 GLY GLY A . n 
A 1 38 GLU 38 135 135 GLU GLU A . n 
A 1 39 MET 39 136 136 MET MET A . n 
A 1 40 ALA 40 137 137 ALA ALA A . n 
A 1 41 ARG 41 138 138 ARG ARG A . n 
A 1 42 ARG 42 139 139 ARG ARG A . n 
A 1 43 ARG 43 140 140 ARG ARG A . n 
A 1 44 ARG 44 141 141 ARG ARG A . n 
A 1 45 GLN 45 142 142 GLN GLN A . n 
A 1 46 ARG 46 143 143 ARG ARG A . n 
A 1 47 LEU 47 144 144 LEU LEU A . n 
A 1 48 GLY 48 145 145 GLY GLY A . n 
A 1 49 GLU 49 146 146 GLU GLU A . n 
A 1 50 GLU 50 147 147 GLU GLU A . n 
A 1 51 LEU 51 148 148 LEU LEU A . n 
A 1 52 LYS 52 149 149 LYS LYS A . n 
A 1 53 ILE 53 150 150 ILE ILE A . n 
A 1 54 GLY 54 151 151 GLY GLY A . n 
A 1 55 TYR 55 152 152 TYR TYR A . n 
A 1 56 ALA 56 153 153 ALA ALA A . n 
A 1 57 ASN 57 154 154 ASN ASN A . n 
A 1 58 GLY 58 155 155 GLY GLY A . n 
A 1 59 ARG 59 156 156 ARG ARG A . n 
A 1 60 GLN 60 157 157 GLN GLN A . n 
A 1 61 PHE 61 158 158 PHE PHE A . n 
A 1 62 HIS 62 159 159 HIS HIS A . n 
A 1 63 LYS 63 160 160 LYS LYS A . n 
A 1 64 ARG 64 161 161 ARG ARG A . n 
A 1 65 LEU 65 162 162 LEU LEU A . n 
A 1 66 LYS 66 163 163 LYS LYS A . n 
A 1 67 VAL 67 164 164 VAL VAL A . n 
A 1 68 PHE 68 165 165 PHE PHE A . n 
A 1 69 ARG 69 166 166 ARG ARG A . n 
A 1 70 ILE 70 167 167 ILE ILE A . n 
A 1 71 SER 71 168 168 SER SER A . n 
A 1 72 ARG 72 169 169 ARG ARG A . n 
A 1 73 ASP 73 170 170 ASP ASP A . n 
A 1 74 ALA 74 171 171 ALA ALA A . n 
A 1 75 PHE 75 172 172 PHE PHE A . n 
A 1 76 TYR 76 173 173 TYR TYR A . n 
A 1 77 ALA 77 174 174 ALA ALA A . n 
A 1 78 ALA 78 175 175 ALA ALA A . n 
A 1 79 LEU 79 176 176 LEU LEU A . n 
A 1 80 ALA 80 177 177 ALA ALA A . n 
A 1 81 GLN 81 178 178 GLN GLN A . n 
A 1 82 VAL 82 179 179 VAL VAL A . n 
A 1 83 MET 83 180 180 MET MET A . n 
A 1 84 ARG 84 181 181 ARG ARG A . n 
A 1 85 GLU 85 182 182 GLU GLU A . n 
A 1 86 GLU 86 183 183 GLU GLU A . n 
A 1 87 ALA 87 184 184 ALA ALA A . n 
A 1 88 GLY 88 185 ?   ?   ?   A . n 
A 1 89 ASP 89 186 ?   ?   ?   A . n 
A 1 90 ALA 90 187 ?   ?   ?   A . n 
B 1 1  GLY 1  98  ?   ?   ?   B . n 
B 1 2  GLY 2  99  ?   ?   ?   B . n 
B 1 3  SER 3  100 ?   ?   ?   B . n 
B 1 4  MET 4  101 ?   ?   ?   B . n 
B 1 5  LYS 5  102 ?   ?   ?   B . n 
B 1 6  ILE 6  103 ?   ?   ?   B . n 
B 1 7  LYS 7  104 ?   ?   ?   B . n 
B 1 8  GLN 8  105 ?   ?   ?   B . n 
B 1 9  ALA 9  106 ?   ?   ?   B . n 
B 1 10 LEU 10 107 ?   ?   ?   B . n 
B 1 11 ALA 11 108 ?   ?   ?   B . n 
B 1 12 ASN 12 109 ?   ?   ?   B . n 
B 1 13 VAL 13 110 ?   ?   ?   B . n 
B 1 14 TYR 14 111 ?   ?   ?   B . n 
B 1 15 GLU 15 112 ?   ?   ?   B . n 
B 1 16 GLU 16 113 ?   ?   ?   B . n 
B 1 17 THR 17 114 ?   ?   ?   B . n 
B 1 18 ALA 18 115 ?   ?   ?   B . n 
B 1 19 ASP 19 116 ?   ?   ?   B . n 
B 1 20 TRP 20 117 ?   ?   ?   B . n 
B 1 21 GLU 21 118 ?   ?   ?   B . n 
B 1 22 GLU 22 119 119 GLU GLU B . n 
B 1 23 GLU 23 120 120 GLU GLU B . n 
B 1 24 ILE 24 121 121 ILE ILE B . n 
B 1 25 THR 25 122 122 THR THR B . n 
B 1 26 PHE 26 123 123 PHE PHE B . n 
B 1 27 ALA 27 124 124 ALA ALA B . n 
B 1 28 GLU 28 125 125 GLU GLU B . n 
B 1 29 LEU 29 126 126 LEU LEU B . n 
B 1 30 ILE 30 127 127 ILE ILE B . n 
B 1 31 GLU 31 128 128 GLU GLU B . n 
B 1 32 ALA 32 129 129 ALA ALA B . n 
B 1 33 GLY 33 130 130 GLY GLY B . n 
B 1 34 LEU 34 131 131 LEU LEU B . n 
B 1 35 VAL 35 132 132 VAL VAL B . n 
B 1 36 GLY 36 133 133 GLY GLY B . n 
B 1 37 GLY 37 134 134 GLY GLY B . n 
B 1 38 GLU 38 135 135 GLU GLU B . n 
B 1 39 MET 39 136 136 MET MET B . n 
B 1 40 ALA 40 137 137 ALA ALA B . n 
B 1 41 ARG 41 138 138 ARG ARG B . n 
B 1 42 ARG 42 139 139 ARG ARG B . n 
B 1 43 ARG 43 140 140 ARG ARG B . n 
B 1 44 ARG 44 141 141 ARG ARG B . n 
B 1 45 GLN 45 142 142 GLN GLN B . n 
B 1 46 ARG 46 143 143 ARG ARG B . n 
B 1 47 LEU 47 144 144 LEU LEU B . n 
B 1 48 GLY 48 145 145 GLY GLY B . n 
B 1 49 GLU 49 146 146 GLU GLU B . n 
B 1 50 GLU 50 147 147 GLU GLU B . n 
B 1 51 LEU 51 148 148 LEU LEU B . n 
B 1 52 LYS 52 149 149 LYS LYS B . n 
B 1 53 ILE 53 150 150 ILE ILE B . n 
B 1 54 GLY 54 151 151 GLY GLY B . n 
B 1 55 TYR 55 152 152 TYR TYR B . n 
B 1 56 ALA 56 153 153 ALA ALA B . n 
B 1 57 ASN 57 154 154 ASN ASN B . n 
B 1 58 GLY 58 155 155 GLY GLY B . n 
B 1 59 ARG 59 156 156 ARG ARG B . n 
B 1 60 GLN 60 157 157 GLN GLN B . n 
B 1 61 PHE 61 158 158 PHE PHE B . n 
B 1 62 HIS 62 159 159 HIS HIS B . n 
B 1 63 LYS 63 160 160 LYS LYS B . n 
B 1 64 ARG 64 161 161 ARG ARG B . n 
B 1 65 LEU 65 162 162 LEU LEU B . n 
B 1 66 LYS 66 163 163 LYS LYS B . n 
B 1 67 VAL 67 164 164 VAL VAL B . n 
B 1 68 PHE 68 165 165 PHE PHE B . n 
B 1 69 ARG 69 166 166 ARG ARG B . n 
B 1 70 ILE 70 167 167 ILE ILE B . n 
B 1 71 SER 71 168 168 SER SER B . n 
B 1 72 ARG 72 169 169 ARG ARG B . n 
B 1 73 ASP 73 170 170 ASP ASP B . n 
B 1 74 ALA 74 171 171 ALA ALA B . n 
B 1 75 PHE 75 172 172 PHE PHE B . n 
B 1 76 TYR 76 173 173 TYR TYR B . n 
B 1 77 ALA 77 174 174 ALA ALA B . n 
B 1 78 ALA 78 175 175 ALA ALA B . n 
B 1 79 LEU 79 176 176 LEU LEU B . n 
B 1 80 ALA 80 177 177 ALA ALA B . n 
B 1 81 GLN 81 178 178 GLN GLN B . n 
B 1 82 VAL 82 179 179 VAL VAL B . n 
B 1 83 MET 83 180 180 MET MET B . n 
B 1 84 ARG 84 181 181 ARG ARG B . n 
B 1 85 GLU 85 182 182 GLU GLU B . n 
B 1 86 GLU 86 183 183 GLU GLU B . n 
B 1 87 ALA 87 184 184 ALA ALA B . n 
B 1 88 GLY 88 185 185 GLY GLY B . n 
B 1 89 ASP 89 186 186 ASP ASP B . n 
B 1 90 ALA 90 187 ?   ?   ?   B . n 
# 
loop_
_pdbx_nonpoly_scheme.asym_id 
_pdbx_nonpoly_scheme.entity_id 
_pdbx_nonpoly_scheme.mon_id 
_pdbx_nonpoly_scheme.ndb_seq_num 
_pdbx_nonpoly_scheme.pdb_seq_num 
_pdbx_nonpoly_scheme.auth_seq_num 
_pdbx_nonpoly_scheme.pdb_mon_id 
_pdbx_nonpoly_scheme.auth_mon_id 
_pdbx_nonpoly_scheme.pdb_strand_id 
_pdbx_nonpoly_scheme.pdb_ins_code 
C 2 HOH 1  201 49  HOH HOH A . 
C 2 HOH 2  202 66  HOH HOH A . 
C 2 HOH 3  203 121 HOH HOH A . 
C 2 HOH 4  204 146 HOH HOH A . 
C 2 HOH 5  205 153 HOH HOH A . 
C 2 HOH 6  206 20  HOH HOH A . 
C 2 HOH 7  207 169 HOH HOH A . 
C 2 HOH 8  208 106 HOH HOH A . 
C 2 HOH 9  209 4   HOH HOH A . 
C 2 HOH 10 210 155 HOH HOH A . 
C 2 HOH 11 211 10  HOH HOH A . 
C 2 HOH 12 212 163 HOH HOH A . 
C 2 HOH 13 213 47  HOH HOH A . 
C 2 HOH 14 214 5   HOH HOH A . 
C 2 HOH 15 215 29  HOH HOH A . 
C 2 HOH 16 216 67  HOH HOH A . 
C 2 HOH 17 217 24  HOH HOH A . 
C 2 HOH 18 218 72  HOH HOH A . 
C 2 HOH 19 219 34  HOH HOH A . 
C 2 HOH 20 220 52  HOH HOH A . 
C 2 HOH 21 221 40  HOH HOH A . 
C 2 HOH 22 222 17  HOH HOH A . 
C 2 HOH 23 223 16  HOH HOH A . 
C 2 HOH 24 224 107 HOH HOH A . 
C 2 HOH 25 225 35  HOH HOH A . 
C 2 HOH 26 226 152 HOH HOH A . 
C 2 HOH 27 227 11  HOH HOH A . 
C 2 HOH 28 228 79  HOH HOH A . 
C 2 HOH 29 229 137 HOH HOH A . 
C 2 HOH 30 230 73  HOH HOH A . 
C 2 HOH 31 231 119 HOH HOH A . 
C 2 HOH 32 232 159 HOH HOH A . 
C 2 HOH 33 233 38  HOH HOH A . 
C 2 HOH 34 234 142 HOH HOH A . 
C 2 HOH 35 235 86  HOH HOH A . 
C 2 HOH 36 236 161 HOH HOH A . 
C 2 HOH 37 237 22  HOH HOH A . 
C 2 HOH 38 238 58  HOH HOH A . 
C 2 HOH 39 239 99  HOH HOH A . 
C 2 HOH 40 240 7   HOH HOH A . 
C 2 HOH 41 241 59  HOH HOH A . 
C 2 HOH 42 242 97  HOH HOH A . 
C 2 HOH 43 243 13  HOH HOH A . 
C 2 HOH 44 244 37  HOH HOH A . 
C 2 HOH 45 245 36  HOH HOH A . 
C 2 HOH 46 246 123 HOH HOH A . 
C 2 HOH 47 247 26  HOH HOH A . 
C 2 HOH 48 248 39  HOH HOH A . 
C 2 HOH 49 249 51  HOH HOH A . 
C 2 HOH 50 250 54  HOH HOH A . 
C 2 HOH 51 251 138 HOH HOH A . 
C 2 HOH 52 252 95  HOH HOH A . 
C 2 HOH 53 253 103 HOH HOH A . 
C 2 HOH 54 254 164 HOH HOH A . 
C 2 HOH 55 255 143 HOH HOH A . 
C 2 HOH 56 256 116 HOH HOH A . 
C 2 HOH 57 257 94  HOH HOH A . 
C 2 HOH 58 258 69  HOH HOH A . 
C 2 HOH 59 259 114 HOH HOH A . 
C 2 HOH 60 260 63  HOH HOH A . 
C 2 HOH 61 261 102 HOH HOH A . 
D 2 HOH 1  201 112 HOH HOH B . 
D 2 HOH 2  202 92  HOH HOH B . 
D 2 HOH 3  203 27  HOH HOH B . 
D 2 HOH 4  204 84  HOH HOH B . 
D 2 HOH 5  205 83  HOH HOH B . 
D 2 HOH 6  206 90  HOH HOH B . 
D 2 HOH 7  207 25  HOH HOH B . 
D 2 HOH 8  208 6   HOH HOH B . 
D 2 HOH 9  209 91  HOH HOH B . 
D 2 HOH 10 210 127 HOH HOH B . 
D 2 HOH 11 211 61  HOH HOH B . 
D 2 HOH 12 212 30  HOH HOH B . 
D 2 HOH 13 213 131 HOH HOH B . 
D 2 HOH 14 214 1   HOH HOH B . 
D 2 HOH 15 215 46  HOH HOH B . 
D 2 HOH 16 216 2   HOH HOH B . 
D 2 HOH 17 217 31  HOH HOH B . 
D 2 HOH 18 218 74  HOH HOH B . 
D 2 HOH 19 219 60  HOH HOH B . 
D 2 HOH 20 220 166 HOH HOH B . 
D 2 HOH 21 221 9   HOH HOH B . 
D 2 HOH 22 222 14  HOH HOH B . 
D 2 HOH 23 223 75  HOH HOH B . 
D 2 HOH 24 224 105 HOH HOH B . 
D 2 HOH 25 225 41  HOH HOH B . 
D 2 HOH 26 226 62  HOH HOH B . 
D 2 HOH 27 227 28  HOH HOH B . 
D 2 HOH 28 228 171 HOH HOH B . 
D 2 HOH 29 229 56  HOH HOH B . 
D 2 HOH 30 230 50  HOH HOH B . 
D 2 HOH 31 231 100 HOH HOH B . 
D 2 HOH 32 232 21  HOH HOH B . 
D 2 HOH 33 233 43  HOH HOH B . 
D 2 HOH 34 234 12  HOH HOH B . 
D 2 HOH 35 235 168 HOH HOH B . 
D 2 HOH 36 236 80  HOH HOH B . 
D 2 HOH 37 237 78  HOH HOH B . 
D 2 HOH 38 238 15  HOH HOH B . 
D 2 HOH 39 239 77  HOH HOH B . 
D 2 HOH 40 240 53  HOH HOH B . 
D 2 HOH 41 241 136 HOH HOH B . 
D 2 HOH 42 242 135 HOH HOH B . 
D 2 HOH 43 243 89  HOH HOH B . 
D 2 HOH 44 244 33  HOH HOH B . 
D 2 HOH 45 245 19  HOH HOH B . 
D 2 HOH 46 246 32  HOH HOH B . 
D 2 HOH 47 247 110 HOH HOH B . 
D 2 HOH 48 248 85  HOH HOH B . 
D 2 HOH 49 249 98  HOH HOH B . 
D 2 HOH 50 250 71  HOH HOH B . 
D 2 HOH 51 251 57  HOH HOH B . 
D 2 HOH 52 252 141 HOH HOH B . 
D 2 HOH 53 253 165 HOH HOH B . 
D 2 HOH 54 254 81  HOH HOH B . 
D 2 HOH 55 255 140 HOH HOH B . 
D 2 HOH 56 256 167 HOH HOH B . 
D 2 HOH 57 257 101 HOH HOH B . 
D 2 HOH 58 258 149 HOH HOH B . 
D 2 HOH 59 259 117 HOH HOH B . 
# 
loop_
_pdbx_unobs_or_zero_occ_atoms.id 
_pdbx_unobs_or_zero_occ_atoms.PDB_model_num 
_pdbx_unobs_or_zero_occ_atoms.polymer_flag 
_pdbx_unobs_or_zero_occ_atoms.occupancy_flag 
_pdbx_unobs_or_zero_occ_atoms.auth_asym_id 
_pdbx_unobs_or_zero_occ_atoms.auth_comp_id 
_pdbx_unobs_or_zero_occ_atoms.auth_seq_id 
_pdbx_unobs_or_zero_occ_atoms.PDB_ins_code 
_pdbx_unobs_or_zero_occ_atoms.auth_atom_id 
_pdbx_unobs_or_zero_occ_atoms.label_alt_id 
_pdbx_unobs_or_zero_occ_atoms.label_asym_id 
_pdbx_unobs_or_zero_occ_atoms.label_comp_id 
_pdbx_unobs_or_zero_occ_atoms.label_seq_id 
_pdbx_unobs_or_zero_occ_atoms.label_atom_id 
1 1 Y 1 B GLU 119 ? CG  ? B GLU 22 CG  
2 1 Y 1 B GLU 119 ? CD  ? B GLU 22 CD  
3 1 Y 1 B GLU 119 ? OE1 ? B GLU 22 OE1 
4 1 Y 1 B GLU 119 ? OE2 ? B GLU 22 OE2 
5 1 Y 1 B ASP 186 ? CG  ? B ASP 89 CG  
6 1 Y 1 B ASP 186 ? OD1 ? B ASP 89 OD1 
7 1 Y 1 B ASP 186 ? OD2 ? B ASP 89 OD2 
# 
loop_
_software.citation_id 
_software.classification 
_software.compiler_name 
_software.compiler_version 
_software.contact_author 
_software.contact_author_email 
_software.date 
_software.description 
_software.dependencies 
_software.hardware 
_software.language 
_software.location 
_software.mods 
_software.name 
_software.os 
_software.os_version 
_software.type 
_software.version 
_software.pdbx_ordinal 
? refinement        ? ? ? ? ? ? ? ? ? ? ? PHENIX      ? ? ? 1.16_3549 1 
? 'data extraction' ? ? ? ? ? ? ? ? ? ? ? PDB_EXTRACT ? ? ? 3.25      2 
? 'data reduction'  ? ? ? ? ? ? ? ? ? ? ? XDS         ? ? ? .         3 
? 'data scaling'    ? ? ? ? ? ? ? ? ? ? ? Aimless     ? ? ? .         4 
? phasing           ? ? ? ? ? ? ? ? ? ? ? Arcimboldo  ? ? ? .         5 
# 
_cell.angle_alpha                  90.000 
_cell.angle_alpha_esd              ? 
_cell.angle_beta                   90.000 
_cell.angle_beta_esd               ? 
_cell.angle_gamma                  90.000 
_cell.angle_gamma_esd              ? 
_cell.entry_id                     6TGJ 
_cell.details                      ? 
_cell.formula_units_Z              ? 
_cell.length_a                     27.801 
_cell.length_a_esd                 ? 
_cell.length_b                     72.594 
_cell.length_b_esd                 ? 
_cell.length_c                     72.985 
_cell.length_c_esd                 ? 
_cell.volume                       ? 
_cell.volume_esd                   ? 
_cell.Z_PDB                        8 
_cell.reciprocal_angle_alpha       ? 
_cell.reciprocal_angle_beta        ? 
_cell.reciprocal_angle_gamma       ? 
_cell.reciprocal_angle_alpha_esd   ? 
_cell.reciprocal_angle_beta_esd    ? 
_cell.reciprocal_angle_gamma_esd   ? 
_cell.reciprocal_length_a          ? 
_cell.reciprocal_length_b          ? 
_cell.reciprocal_length_c          ? 
_cell.reciprocal_length_a_esd      ? 
_cell.reciprocal_length_b_esd      ? 
_cell.reciprocal_length_c_esd      ? 
_cell.pdbx_unique_axis             ? 
# 
_symmetry.entry_id                         6TGJ 
_symmetry.cell_setting                     ? 
_symmetry.Int_Tables_number                19 
_symmetry.space_group_name_Hall            ? 
_symmetry.space_group_name_H-M             'P 21 21 21' 
_symmetry.pdbx_full_space_group_name_H-M   ? 
# 
_exptl.absorpt_coefficient_mu     ? 
_exptl.absorpt_correction_T_max   ? 
_exptl.absorpt_correction_T_min   ? 
_exptl.absorpt_correction_type    ? 
_exptl.absorpt_process_details    ? 
_exptl.entry_id                   6TGJ 
_exptl.crystals_number            1 
_exptl.details                    ? 
_exptl.method                     'X-RAY DIFFRACTION' 
_exptl.method_details             ? 
# 
_exptl_crystal.colour                      ? 
_exptl_crystal.density_diffrn              ? 
_exptl_crystal.density_Matthews            1.80 
_exptl_crystal.density_method              ? 
_exptl_crystal.density_percent_sol         31.62 
_exptl_crystal.description                 ? 
_exptl_crystal.F_000                       ? 
_exptl_crystal.id                          1 
_exptl_crystal.preparation                 ? 
_exptl_crystal.size_max                    ? 
_exptl_crystal.size_mid                    ? 
_exptl_crystal.size_min                    ? 
_exptl_crystal.size_rad                    ? 
_exptl_crystal.colour_lustre               ? 
_exptl_crystal.colour_modifier             ? 
_exptl_crystal.colour_primary              ? 
_exptl_crystal.density_meas                ? 
_exptl_crystal.density_meas_esd            ? 
_exptl_crystal.density_meas_gt             ? 
_exptl_crystal.density_meas_lt             ? 
_exptl_crystal.density_meas_temp           ? 
_exptl_crystal.density_meas_temp_esd       ? 
_exptl_crystal.density_meas_temp_gt        ? 
_exptl_crystal.density_meas_temp_lt        ? 
_exptl_crystal.pdbx_crystal_image_url      ? 
_exptl_crystal.pdbx_crystal_image_format   ? 
_exptl_crystal.pdbx_mosaicity              ? 
_exptl_crystal.pdbx_mosaicity_esd          ? 
# 
_exptl_crystal_grow.apparatus       ? 
_exptl_crystal_grow.atmosphere      ? 
_exptl_crystal_grow.crystal_id      1 
_exptl_crystal_grow.details         ? 
_exptl_crystal_grow.method          'VAPOR DIFFUSION, SITTING DROP' 
_exptl_crystal_grow.method_ref      ? 
_exptl_crystal_grow.pH              ? 
_exptl_crystal_grow.pressure        ? 
_exptl_crystal_grow.pressure_esd    ? 
_exptl_crystal_grow.seeding         ? 
_exptl_crystal_grow.seeding_ref     ? 
_exptl_crystal_grow.temp            293 
_exptl_crystal_grow.temp_details    ? 
_exptl_crystal_grow.temp_esd        ? 
_exptl_crystal_grow.time            ? 
_exptl_crystal_grow.pdbx_details    '0.1 M cacodylate pH 6.5, 0.2 ammonium sulfate and 30% PEG 8000' 
_exptl_crystal_grow.pdbx_pH_range   ? 
# 
_diffrn.ambient_environment              ? 
_diffrn.ambient_temp                     100 
_diffrn.ambient_temp_details             ? 
_diffrn.ambient_temp_esd                 ? 
_diffrn.crystal_id                       1 
_diffrn.crystal_support                  ? 
_diffrn.crystal_treatment                ? 
_diffrn.details                          ? 
_diffrn.id                               1 
_diffrn.ambient_pressure                 ? 
_diffrn.ambient_pressure_esd             ? 
_diffrn.ambient_pressure_gt              ? 
_diffrn.ambient_pressure_lt              ? 
_diffrn.ambient_temp_gt                  ? 
_diffrn.ambient_temp_lt                  ? 
_diffrn.pdbx_serial_crystal_experiment   N 
# 
_diffrn_detector.details                      ? 
_diffrn_detector.detector                     PIXEL 
_diffrn_detector.diffrn_id                    1 
_diffrn_detector.type                         'DECTRIS EIGER X 16M' 
_diffrn_detector.area_resol_mean              ? 
_diffrn_detector.dtime                        ? 
_diffrn_detector.pdbx_frames_total            ? 
_diffrn_detector.pdbx_collection_time_total   ? 
_diffrn_detector.pdbx_collection_date         2014-03-19 
_diffrn_detector.pdbx_frequency               ? 
# 
_diffrn_radiation.collimation                      ? 
_diffrn_radiation.diffrn_id                        1 
_diffrn_radiation.filter_edge                      ? 
_diffrn_radiation.inhomogeneity                    ? 
_diffrn_radiation.monochromator                    ? 
_diffrn_radiation.polarisn_norm                    ? 
_diffrn_radiation.polarisn_ratio                   ? 
_diffrn_radiation.probe                            ? 
_diffrn_radiation.type                             ? 
_diffrn_radiation.xray_symbol                      ? 
_diffrn_radiation.wavelength_id                    1 
_diffrn_radiation.pdbx_monochromatic_or_laue_m_l   M 
_diffrn_radiation.pdbx_wavelength_list             ? 
_diffrn_radiation.pdbx_wavelength                  ? 
_diffrn_radiation.pdbx_diffrn_protocol             'SINGLE WAVELENGTH' 
_diffrn_radiation.pdbx_analyzer                    ? 
_diffrn_radiation.pdbx_scattering_type             x-ray 
# 
_diffrn_radiation_wavelength.id           1 
_diffrn_radiation_wavelength.wavelength   0.979 
_diffrn_radiation_wavelength.wt           1.0 
# 
_diffrn_source.current                     ? 
_diffrn_source.details                     ? 
_diffrn_source.diffrn_id                   1 
_diffrn_source.power                       ? 
_diffrn_source.size                        ? 
_diffrn_source.source                      SYNCHROTRON 
_diffrn_source.target                      ? 
_diffrn_source.type                        'SOLEIL BEAMLINE PROXIMA 1' 
_diffrn_source.voltage                     ? 
_diffrn_source.take-off_angle              ? 
_diffrn_source.pdbx_wavelength_list        0.979 
_diffrn_source.pdbx_wavelength             ? 
_diffrn_source.pdbx_synchrotron_beamline   'PROXIMA 1' 
_diffrn_source.pdbx_synchrotron_site       SOLEIL 
# 
_reflns.B_iso_Wilson_estimate            ? 
_reflns.entry_id                         6TGJ 
_reflns.data_reduction_details           ? 
_reflns.data_reduction_method            ? 
_reflns.d_resolution_high                1.497 
_reflns.d_resolution_low                 36.492 
_reflns.details                          ? 
_reflns.limit_h_max                      ? 
_reflns.limit_h_min                      ? 
_reflns.limit_k_max                      ? 
_reflns.limit_k_min                      ? 
_reflns.limit_l_max                      ? 
_reflns.limit_l_min                      ? 
_reflns.number_all                       ? 
_reflns.number_obs                       24152 
_reflns.observed_criterion               ? 
_reflns.observed_criterion_F_max         ? 
_reflns.observed_criterion_F_min         ? 
_reflns.observed_criterion_I_max         ? 
_reflns.observed_criterion_I_min         ? 
_reflns.observed_criterion_sigma_F       ? 
_reflns.observed_criterion_sigma_I       ? 
_reflns.percent_possible_obs             98.10 
_reflns.R_free_details                   ? 
_reflns.Rmerge_F_all                     ? 
_reflns.Rmerge_F_obs                     ? 
_reflns.Friedel_coverage                 ? 
_reflns.number_gt                        ? 
_reflns.threshold_expression             ? 
_reflns.pdbx_redundancy                  7.0 
_reflns.pdbx_Rmerge_I_obs                0.04584 
_reflns.pdbx_Rmerge_I_all                ? 
_reflns.pdbx_Rsym_value                  ? 
_reflns.pdbx_netI_over_av_sigmaI         20.10 
_reflns.pdbx_netI_over_sigmaI            20.16 
_reflns.pdbx_res_netI_over_av_sigmaI_2   ? 
_reflns.pdbx_res_netI_over_sigmaI_2      ? 
_reflns.pdbx_chi_squared                 ? 
_reflns.pdbx_scaling_rejects             ? 
_reflns.pdbx_d_res_high_opt              ? 
_reflns.pdbx_d_res_low_opt               ? 
_reflns.pdbx_d_res_opt_method            ? 
_reflns.phase_calculation_details        ? 
_reflns.pdbx_Rrim_I_all                  ? 
_reflns.pdbx_Rpim_I_all                  ? 
_reflns.pdbx_d_opt                       ? 
_reflns.pdbx_number_measured_all         ? 
_reflns.pdbx_diffrn_id                   1 
_reflns.pdbx_ordinal                     1 
_reflns.pdbx_CC_half                     0.999 
_reflns.pdbx_CC_star                     ? 
_reflns.pdbx_R_split                     ? 
# 
_reflns_shell.d_res_high                  1.497 
_reflns_shell.d_res_low                   1.551 
_reflns_shell.meanI_over_sigI_all         ? 
_reflns_shell.meanI_over_sigI_obs         1.14 
_reflns_shell.number_measured_all         ? 
_reflns_shell.number_measured_obs         ? 
_reflns_shell.number_possible             ? 
_reflns_shell.number_unique_all           ? 
_reflns_shell.number_unique_obs           2249 
_reflns_shell.percent_possible_all        ? 
_reflns_shell.percent_possible_obs        ? 
_reflns_shell.Rmerge_F_all                ? 
_reflns_shell.Rmerge_F_obs                ? 
_reflns_shell.Rmerge_I_all                ? 
_reflns_shell.Rmerge_I_obs                1.431 
_reflns_shell.meanI_over_sigI_gt          ? 
_reflns_shell.meanI_over_uI_all           ? 
_reflns_shell.meanI_over_uI_gt            ? 
_reflns_shell.number_measured_gt          ? 
_reflns_shell.number_unique_gt            ? 
_reflns_shell.percent_possible_gt         ? 
_reflns_shell.Rmerge_F_gt                 ? 
_reflns_shell.Rmerge_I_gt                 ? 
_reflns_shell.pdbx_redundancy             ? 
_reflns_shell.pdbx_Rsym_value             ? 
_reflns_shell.pdbx_chi_squared            ? 
_reflns_shell.pdbx_netI_over_sigmaI_all   ? 
_reflns_shell.pdbx_netI_over_sigmaI_obs   ? 
_reflns_shell.pdbx_Rrim_I_all             ? 
_reflns_shell.pdbx_Rpim_I_all             ? 
_reflns_shell.pdbx_rejects                ? 
_reflns_shell.pdbx_ordinal                1 
_reflns_shell.pdbx_diffrn_id              1 
_reflns_shell.pdbx_CC_half                0.565 
_reflns_shell.pdbx_CC_star                ? 
_reflns_shell.pdbx_R_split                ? 
# 
_refine.aniso_B[1][1]                            ? 
_refine.aniso_B[1][2]                            ? 
_refine.aniso_B[1][3]                            ? 
_refine.aniso_B[2][2]                            ? 
_refine.aniso_B[2][3]                            ? 
_refine.aniso_B[3][3]                            ? 
_refine.B_iso_max                                78.810 
_refine.B_iso_mean                               30.1899 
_refine.B_iso_min                                16.330 
_refine.correlation_coeff_Fo_to_Fc               ? 
_refine.correlation_coeff_Fo_to_Fc_free          ? 
_refine.details                                  ? 
_refine.diff_density_max                         ? 
_refine.diff_density_max_esd                     ? 
_refine.diff_density_min                         ? 
_refine.diff_density_min_esd                     ? 
_refine.diff_density_rms                         ? 
_refine.diff_density_rms_esd                     ? 
_refine.entry_id                                 6TGJ 
_refine.pdbx_refine_id                           'X-RAY DIFFRACTION' 
_refine.ls_abs_structure_details                 ? 
_refine.ls_abs_structure_Flack                   ? 
_refine.ls_abs_structure_Flack_esd               ? 
_refine.ls_abs_structure_Rogers                  ? 
_refine.ls_abs_structure_Rogers_esd              ? 
_refine.ls_d_res_high                            1.5 
_refine.ls_d_res_low                             36.4920 
_refine.ls_extinction_coef                       ? 
_refine.ls_extinction_coef_esd                   ? 
_refine.ls_extinction_expression                 ? 
_refine.ls_extinction_method                     ? 
_refine.ls_goodness_of_fit_all                   ? 
_refine.ls_goodness_of_fit_all_esd               ? 
_refine.ls_goodness_of_fit_obs                   ? 
_refine.ls_goodness_of_fit_obs_esd               ? 
_refine.ls_hydrogen_treatment                    ? 
_refine.ls_matrix_type                           ? 
_refine.ls_number_constraints                    ? 
_refine.ls_number_parameters                     ? 
_refine.ls_number_reflns_all                     ? 
_refine.ls_number_reflns_obs                     24138 
_refine.ls_number_reflns_R_free                  1210 
_refine.ls_number_reflns_R_work                  ? 
_refine.ls_number_restraints                     ? 
_refine.ls_percent_reflns_obs                    98.0300 
_refine.ls_percent_reflns_R_free                 5.0100 
_refine.ls_R_factor_all                          ? 
_refine.ls_R_factor_obs                          0.2121 
_refine.ls_R_factor_R_free                       0.2523 
_refine.ls_R_factor_R_free_error                 ? 
_refine.ls_R_factor_R_free_error_details         ? 
_refine.ls_R_factor_R_work                       0.2099 
_refine.ls_R_Fsqd_factor_obs                     ? 
_refine.ls_R_I_factor_obs                        ? 
_refine.ls_redundancy_reflns_all                 ? 
_refine.ls_redundancy_reflns_obs                 ? 
_refine.ls_restrained_S_all                      ? 
_refine.ls_restrained_S_obs                      ? 
_refine.ls_shift_over_esd_max                    ? 
_refine.ls_shift_over_esd_mean                   ? 
_refine.ls_structure_factor_coef                 ? 
_refine.ls_weighting_details                     ? 
_refine.ls_weighting_scheme                      ? 
_refine.ls_wR_factor_all                         ? 
_refine.ls_wR_factor_obs                         ? 
_refine.ls_wR_factor_R_free                      ? 
_refine.ls_wR_factor_R_work                      ? 
_refine.occupancy_max                            ? 
_refine.occupancy_min                            ? 
_refine.solvent_model_details                    ? 
_refine.solvent_model_param_bsol                 ? 
_refine.solvent_model_param_ksol                 ? 
_refine.pdbx_R_complete                          ? 
_refine.ls_R_factor_gt                           ? 
_refine.ls_goodness_of_fit_gt                    ? 
_refine.ls_goodness_of_fit_ref                   ? 
_refine.ls_shift_over_su_max                     ? 
_refine.ls_shift_over_su_max_lt                  ? 
_refine.ls_shift_over_su_mean                    ? 
_refine.ls_shift_over_su_mean_lt                 ? 
_refine.pdbx_ls_sigma_I                          ? 
_refine.pdbx_ls_sigma_F                          1.340 
_refine.pdbx_ls_sigma_Fsqd                       ? 
_refine.pdbx_data_cutoff_high_absF               ? 
_refine.pdbx_data_cutoff_high_rms_absF           ? 
_refine.pdbx_data_cutoff_low_absF                ? 
_refine.pdbx_isotropic_thermal_model             ? 
_refine.pdbx_ls_cross_valid_method               THROUGHOUT 
_refine.pdbx_method_to_determine_struct          'AB INITIO PHASING' 
_refine.pdbx_starting_model                      ? 
_refine.pdbx_stereochemistry_target_values       ? 
_refine.pdbx_R_Free_selection_details            RANDOM 
_refine.pdbx_stereochem_target_val_spec_case     ? 
_refine.pdbx_overall_ESU_R                       ? 
_refine.pdbx_overall_ESU_R_Free                  ? 
_refine.pdbx_solvent_vdw_probe_radii             1.1100 
_refine.pdbx_solvent_ion_probe_radii             ? 
_refine.pdbx_solvent_shrinkage_radii             0.9000 
_refine.pdbx_real_space_R                        ? 
_refine.pdbx_density_correlation                 ? 
_refine.pdbx_pd_number_of_powder_patterns        ? 
_refine.pdbx_pd_number_of_points                 ? 
_refine.pdbx_pd_meas_number_of_points            ? 
_refine.pdbx_pd_proc_ls_prof_R_factor            ? 
_refine.pdbx_pd_proc_ls_prof_wR_factor           ? 
_refine.pdbx_pd_Marquardt_correlation_coeff      ? 
_refine.pdbx_pd_Fsqrd_R_factor                   ? 
_refine.pdbx_pd_ls_matrix_band_width             ? 
_refine.pdbx_overall_phase_error                 27.7600 
_refine.pdbx_overall_SU_R_free_Cruickshank_DPI   ? 
_refine.pdbx_overall_SU_R_free_Blow_DPI          ? 
_refine.pdbx_overall_SU_R_Blow_DPI               ? 
_refine.pdbx_TLS_residual_ADP_flag               ? 
_refine.pdbx_diffrn_id                           1 
_refine.overall_SU_B                             ? 
_refine.overall_SU_ML                            0.2000 
_refine.overall_SU_R_Cruickshank_DPI             ? 
_refine.overall_SU_R_free                        ? 
_refine.overall_FOM_free_R_set                   ? 
_refine.overall_FOM_work_R_set                   ? 
_refine.pdbx_average_fsc_overall                 ? 
_refine.pdbx_average_fsc_work                    ? 
_refine.pdbx_average_fsc_free                    ? 
# 
_refine_hist.pdbx_refine_id                   'X-RAY DIFFRACTION' 
_refine_hist.cycle_id                         final 
_refine_hist.details                          ? 
_refine_hist.d_res_high                       1.5 
_refine_hist.d_res_low                        36.4920 
_refine_hist.number_atoms_solvent             122 
_refine_hist.number_atoms_total               1226 
_refine_hist.number_reflns_all                ? 
_refine_hist.number_reflns_obs                ? 
_refine_hist.number_reflns_R_free             ? 
_refine_hist.number_reflns_R_work             ? 
_refine_hist.R_factor_all                     ? 
_refine_hist.R_factor_obs                     ? 
_refine_hist.R_factor_R_free                  ? 
_refine_hist.R_factor_R_work                  ? 
_refine_hist.pdbx_number_residues_total       136 
_refine_hist.pdbx_B_iso_mean_ligand           ? 
_refine_hist.pdbx_B_iso_mean_solvent          38.90 
_refine_hist.pdbx_number_atoms_protein        1104 
_refine_hist.pdbx_number_atoms_nucleic_acid   0 
_refine_hist.pdbx_number_atoms_ligand         0 
_refine_hist.pdbx_number_atoms_lipid          ? 
_refine_hist.pdbx_number_atoms_carb           ? 
_refine_hist.pdbx_pseudo_atom_details         ? 
# 
loop_
_refine_ls_shell.pdbx_refine_id 
_refine_ls_shell.d_res_high 
_refine_ls_shell.d_res_low 
_refine_ls_shell.number_reflns_all 
_refine_ls_shell.number_reflns_obs 
_refine_ls_shell.number_reflns_R_free 
_refine_ls_shell.number_reflns_R_work 
_refine_ls_shell.percent_reflns_obs 
_refine_ls_shell.percent_reflns_R_free 
_refine_ls_shell.R_factor_all 
_refine_ls_shell.R_factor_obs 
_refine_ls_shell.R_factor_R_free 
_refine_ls_shell.R_factor_R_free_error 
_refine_ls_shell.R_factor_R_work 
_refine_ls_shell.redundancy_reflns_all 
_refine_ls_shell.redundancy_reflns_obs 
_refine_ls_shell.wR_factor_all 
_refine_ls_shell.wR_factor_obs 
_refine_ls_shell.wR_factor_R_free 
_refine_ls_shell.wR_factor_R_work 
_refine_ls_shell.pdbx_R_complete 
_refine_ls_shell.pdbx_total_number_of_bins_used 
_refine_ls_shell.pdbx_phase_error 
_refine_ls_shell.pdbx_fsc_work 
_refine_ls_shell.pdbx_fsc_free 
'X-RAY DIFFRACTION' 1.5    1.5565  . . 123 2366 92.0000  . . . 0.3693 0.0000 0.3183 . . . . . . . . . . . 
'X-RAY DIFFRACTION' 1.5565 1.6273  . . 109 2517 98.0000  . . . 0.2840 0.0000 0.2792 . . . . . . . . . . . 
'X-RAY DIFFRACTION' 1.6273 1.7131  . . 141 2491 99.0000  . . . 0.2739 0.0000 0.2627 . . . . . . . . . . . 
'X-RAY DIFFRACTION' 1.7131 1.8204  . . 123 2543 98.0000  . . . 0.3445 0.0000 0.2404 . . . . . . . . . . . 
'X-RAY DIFFRACTION' 1.8204 1.9610  . . 154 2505 98.0000  . . . 0.2625 0.0000 0.2441 . . . . . . . . . . . 
'X-RAY DIFFRACTION' 1.9610 2.1583  . . 119 2559 98.0000  . . . 0.2736 0.0000 0.2214 . . . . . . . . . . . 
'X-RAY DIFFRACTION' 2.1583 2.4705  . . 145 2571 99.0000  . . . 0.2500 0.0000 0.2132 . . . . . . . . . . . 
'X-RAY DIFFRACTION' 2.4705 3.1124  . . 137 2630 100.0000 . . . 0.2668 0.0000 0.2156 . . . . . . . . . . . 
'X-RAY DIFFRACTION' 3.1124 36.4920 . . 159 2746 100.0000 . . . 0.2257 0.0000 0.1822 . . . . . . . . . . . 
# 
_struct.entry_id                     6TGJ 
_struct.title                        'RNA-binding domain of RNase M5' 
_struct.pdbx_model_details           ? 
_struct.pdbx_formula_weight          ? 
_struct.pdbx_formula_weight_method   ? 
_struct.pdbx_model_type_details      ? 
_struct.pdbx_CASP_flag               N 
# 
_struct_keywords.entry_id        6TGJ 
_struct_keywords.text            
;RNase M5, RNase, rRNA, 5S rRNA, precursor rRNA, pre-5S rRNA, ribosomal RNA, ribonuclease, novel fold, RNA-binding domain, RNA BINDING PROTEIN
;
_struct_keywords.pdbx_keywords   'RNA BINDING PROTEIN' 
# 
loop_
_struct_asym.id 
_struct_asym.pdbx_blank_PDB_chainid_flag 
_struct_asym.pdbx_modified 
_struct_asym.entity_id 
_struct_asym.details 
A N N 1 ? 
B N N 1 ? 
C N N 2 ? 
D N N 2 ? 
# 
_struct_ref.id                         1 
_struct_ref.db_name                    UNP 
_struct_ref.db_code                    A0A161UFV3_GEOSE 
_struct_ref.pdbx_db_accession          A0A161UFV3 
_struct_ref.pdbx_db_isoform            ? 
_struct_ref.entity_id                  1 
_struct_ref.pdbx_seq_one_letter_code   
;QALANVYEETADWEEEITFAELIEAGLVGGEMARRRRQRLGEELKIGYANGRQFHKRLKVFRISRDAFYAALAQVMREEA
GDA
;
_struct_ref.pdbx_align_begin           138 
# 
loop_
_struct_ref_seq.align_id 
_struct_ref_seq.ref_id 
_struct_ref_seq.pdbx_PDB_id_code 
_struct_ref_seq.pdbx_strand_id 
_struct_ref_seq.seq_align_beg 
_struct_ref_seq.pdbx_seq_align_beg_ins_code 
_struct_ref_seq.seq_align_end 
_struct_ref_seq.pdbx_seq_align_end_ins_code 
_struct_ref_seq.pdbx_db_accession 
_struct_ref_seq.db_align_beg 
_struct_ref_seq.pdbx_db_align_beg_ins_code 
_struct_ref_seq.db_align_end 
_struct_ref_seq.pdbx_db_align_end_ins_code 
_struct_ref_seq.pdbx_auth_seq_align_beg 
_struct_ref_seq.pdbx_auth_seq_align_end 
1 1 6TGJ A 8 ? 90 ? A0A161UFV3 138 ? 220 ? 105 187 
2 1 6TGJ B 8 ? 90 ? A0A161UFV3 138 ? 220 ? 105 187 
# 
loop_
_struct_ref_seq_dif.align_id 
_struct_ref_seq_dif.pdbx_pdb_id_code 
_struct_ref_seq_dif.mon_id 
_struct_ref_seq_dif.pdbx_pdb_strand_id 
_struct_ref_seq_dif.seq_num 
_struct_ref_seq_dif.pdbx_pdb_ins_code 
_struct_ref_seq_dif.pdbx_seq_db_name 
_struct_ref_seq_dif.pdbx_seq_db_accession_code 
_struct_ref_seq_dif.db_mon_id 
_struct_ref_seq_dif.pdbx_seq_db_seq_num 
_struct_ref_seq_dif.details 
_struct_ref_seq_dif.pdbx_auth_seq_num 
_struct_ref_seq_dif.pdbx_ordinal 
1 6TGJ GLY A 1 ? UNP A0A161UFV3 ? ? 'expression tag' 98  1  
1 6TGJ GLY A 2 ? UNP A0A161UFV3 ? ? 'expression tag' 99  2  
1 6TGJ SER A 3 ? UNP A0A161UFV3 ? ? 'expression tag' 100 3  
1 6TGJ MET A 4 ? UNP A0A161UFV3 ? ? 'expression tag' 101 4  
1 6TGJ LYS A 5 ? UNP A0A161UFV3 ? ? 'expression tag' 102 5  
1 6TGJ ILE A 6 ? UNP A0A161UFV3 ? ? 'expression tag' 103 6  
1 6TGJ LYS A 7 ? UNP A0A161UFV3 ? ? 'expression tag' 104 7  
2 6TGJ GLY B 1 ? UNP A0A161UFV3 ? ? 'expression tag' 98  8  
2 6TGJ GLY B 2 ? UNP A0A161UFV3 ? ? 'expression tag' 99  9  
2 6TGJ SER B 3 ? UNP A0A161UFV3 ? ? 'expression tag' 100 10 
2 6TGJ MET B 4 ? UNP A0A161UFV3 ? ? 'expression tag' 101 11 
2 6TGJ LYS B 5 ? UNP A0A161UFV3 ? ? 'expression tag' 102 12 
2 6TGJ ILE B 6 ? UNP A0A161UFV3 ? ? 'expression tag' 103 13 
2 6TGJ LYS B 7 ? UNP A0A161UFV3 ? ? 'expression tag' 104 14 
# 
loop_
_pdbx_struct_assembly.id 
_pdbx_struct_assembly.details 
_pdbx_struct_assembly.method_details 
_pdbx_struct_assembly.oligomeric_details 
_pdbx_struct_assembly.oligomeric_count 
1 author_defined_assembly ? monomeric 1 
2 author_defined_assembly ? monomeric 1 
# 
loop_
_pdbx_struct_assembly_gen.assembly_id 
_pdbx_struct_assembly_gen.oper_expression 
_pdbx_struct_assembly_gen.asym_id_list 
1 1 A,C 
2 1 B,D 
# 
_pdbx_struct_assembly_auth_evidence.id                     1 
_pdbx_struct_assembly_auth_evidence.assembly_id            1 
_pdbx_struct_assembly_auth_evidence.experimental_support   'light scattering' 
_pdbx_struct_assembly_auth_evidence.details                ? 
# 
_pdbx_struct_oper_list.id                   1 
_pdbx_struct_oper_list.type                 'identity operation' 
_pdbx_struct_oper_list.name                 1_555 
_pdbx_struct_oper_list.symmetry_operation   x,y,z 
_pdbx_struct_oper_list.matrix[1][1]         1.0000000000 
_pdbx_struct_oper_list.matrix[1][2]         0.0000000000 
_pdbx_struct_oper_list.matrix[1][3]         0.0000000000 
_pdbx_struct_oper_list.vector[1]            0.0000000000 
_pdbx_struct_oper_list.matrix[2][1]         0.0000000000 
_pdbx_struct_oper_list.matrix[2][2]         1.0000000000 
_pdbx_struct_oper_list.matrix[2][3]         0.0000000000 
_pdbx_struct_oper_list.vector[2]            0.0000000000 
_pdbx_struct_oper_list.matrix[3][1]         0.0000000000 
_pdbx_struct_oper_list.matrix[3][2]         0.0000000000 
_pdbx_struct_oper_list.matrix[3][3]         1.0000000000 
_pdbx_struct_oper_list.vector[3]            0.0000000000 
# 
loop_
_struct_conf.conf_type_id 
_struct_conf.id 
_struct_conf.pdbx_PDB_helix_id 
_struct_conf.beg_label_comp_id 
_struct_conf.beg_label_asym_id 
_struct_conf.beg_label_seq_id 
_struct_conf.pdbx_beg_PDB_ins_code 
_struct_conf.end_label_comp_id 
_struct_conf.end_label_asym_id 
_struct_conf.end_label_seq_id 
_struct_conf.pdbx_end_PDB_ins_code 
_struct_conf.beg_auth_comp_id 
_struct_conf.beg_auth_asym_id 
_struct_conf.beg_auth_seq_id 
_struct_conf.end_auth_comp_id 
_struct_conf.end_auth_asym_id 
_struct_conf.end_auth_seq_id 
_struct_conf.pdbx_PDB_helix_class 
_struct_conf.details 
_struct_conf.pdbx_PDB_helix_length 
HELX_P HELX_P1 AA1 THR A 25 ? ALA A 32 ? THR A 122 ALA A 129 1 ? 8  
HELX_P HELX_P2 AA2 GLY A 37 ? LEU A 51 ? GLY A 134 LEU A 148 1 ? 15 
HELX_P HELX_P3 AA3 ASN A 57 ? PHE A 68 ? ASN A 154 PHE A 165 1 ? 12 
HELX_P HELX_P4 AA4 SER A 71 ? ALA A 87 ? SER A 168 ALA A 184 1 ? 17 
HELX_P HELX_P5 AA5 THR B 25 ? ALA B 32 ? THR B 122 ALA B 129 1 ? 8  
HELX_P HELX_P6 AA6 GLY B 37 ? LEU B 51 ? GLY B 134 LEU B 148 1 ? 15 
HELX_P HELX_P7 AA7 GLN B 60 ? PHE B 68 ? GLN B 157 PHE B 165 1 ? 9  
HELX_P HELX_P8 AA8 SER B 71 ? GLY B 88 ? SER B 168 GLY B 185 1 ? 18 
# 
_struct_conf_type.id          HELX_P 
_struct_conf_type.criteria    ? 
_struct_conf_type.reference   ? 
# 
loop_
_pdbx_unobs_or_zero_occ_residues.id 
_pdbx_unobs_or_zero_occ_residues.PDB_model_num 
_pdbx_unobs_or_zero_occ_residues.polymer_flag 
_pdbx_unobs_or_zero_occ_residues.occupancy_flag 
_pdbx_unobs_or_zero_occ_residues.auth_asym_id 
_pdbx_unobs_or_zero_occ_residues.auth_comp_id 
_pdbx_unobs_or_zero_occ_residues.auth_seq_id 
_pdbx_unobs_or_zero_occ_residues.PDB_ins_code 
_pdbx_unobs_or_zero_occ_residues.label_asym_id 
_pdbx_unobs_or_zero_occ_residues.label_comp_id 
_pdbx_unobs_or_zero_occ_residues.label_seq_id 
1  1 Y 1 A GLY 98  ? A GLY 1  
2  1 Y 1 A GLY 99  ? A GLY 2  
3  1 Y 1 A SER 100 ? A SER 3  
4  1 Y 1 A MET 101 ? A MET 4  
5  1 Y 1 A LYS 102 ? A LYS 5  
6  1 Y 1 A ILE 103 ? A ILE 6  
7  1 Y 1 A LYS 104 ? A LYS 7  
8  1 Y 1 A GLN 105 ? A GLN 8  
9  1 Y 1 A ALA 106 ? A ALA 9  
10 1 Y 1 A LEU 107 ? A LEU 10 
11 1 Y 1 A ALA 108 ? A ALA 11 
12 1 Y 1 A ASN 109 ? A ASN 12 
13 1 Y 1 A VAL 110 ? A VAL 13 
14 1 Y 1 A TYR 111 ? A TYR 14 
15 1 Y 1 A GLU 112 ? A GLU 15 
16 1 Y 1 A GLU 113 ? A GLU 16 
17 1 Y 1 A THR 114 ? A THR 17 
18 1 Y 1 A ALA 115 ? A ALA 18 
19 1 Y 1 A ASP 116 ? A ASP 19 
20 1 Y 1 A GLY 185 ? A GLY 88 
21 1 Y 1 A ASP 186 ? A ASP 89 
22 1 Y 1 A ALA 187 ? A ALA 90 
23 1 Y 1 B GLY 98  ? B GLY 1  
24 1 Y 1 B GLY 99  ? B GLY 2  
25 1 Y 1 B SER 100 ? B SER 3  
26 1 Y 1 B MET 101 ? B MET 4  
27 1 Y 1 B LYS 102 ? B LYS 5  
28 1 Y 1 B ILE 103 ? B ILE 6  
29 1 Y 1 B LYS 104 ? B LYS 7  
30 1 Y 1 B GLN 105 ? B GLN 8  
31 1 Y 1 B ALA 106 ? B ALA 9  
32 1 Y 1 B LEU 107 ? B LEU 10 
33 1 Y 1 B ALA 108 ? B ALA 11 
34 1 Y 1 B ASN 109 ? B ASN 12 
35 1 Y 1 B VAL 110 ? B VAL 13 
36 1 Y 1 B TYR 111 ? B TYR 14 
37 1 Y 1 B GLU 112 ? B GLU 15 
38 1 Y 1 B GLU 113 ? B GLU 16 
39 1 Y 1 B THR 114 ? B THR 17 
40 1 Y 1 B ALA 115 ? B ALA 18 
41 1 Y 1 B ASP 116 ? B ASP 19 
42 1 Y 1 B TRP 117 ? B TRP 20 
43 1 Y 1 B GLU 118 ? B GLU 21 
44 1 Y 1 B ALA 187 ? B ALA 90 
# 
loop_
_chem_comp_atom.comp_id 
_chem_comp_atom.atom_id 
_chem_comp_atom.type_symbol 
_chem_comp_atom.pdbx_aromatic_flag 
_chem_comp_atom.pdbx_stereo_config 
_chem_comp_atom.pdbx_ordinal 
ALA N    N N N 1   
ALA CA   C N S 2   
ALA C    C N N 3   
ALA O    O N N 4   
ALA CB   C N N 5   
ALA OXT  O N N 6   
ALA H    H N N 7   
ALA H2   H N N 8   
ALA HA   H N N 9   
ALA HB1  H N N 10  
ALA HB2  H N N 11  
ALA HB3  H N N 12  
ALA HXT  H N N 13  
ARG N    N N N 14  
ARG CA   C N S 15  
ARG C    C N N 16  
ARG O    O N N 17  
ARG CB   C N N 18  
ARG CG   C N N 19  
ARG CD   C N N 20  
ARG NE   N N N 21  
ARG CZ   C N N 22  
ARG NH1  N N N 23  
ARG NH2  N N N 24  
ARG OXT  O N N 25  
ARG H    H N N 26  
ARG H2   H N N 27  
ARG HA   H N N 28  
ARG HB2  H N N 29  
ARG HB3  H N N 30  
ARG HG2  H N N 31  
ARG HG3  H N N 32  
ARG HD2  H N N 33  
ARG HD3  H N N 34  
ARG HE   H N N 35  
ARG HH11 H N N 36  
ARG HH12 H N N 37  
ARG HH21 H N N 38  
ARG HH22 H N N 39  
ARG HXT  H N N 40  
ASN N    N N N 41  
ASN CA   C N S 42  
ASN C    C N N 43  
ASN O    O N N 44  
ASN CB   C N N 45  
ASN CG   C N N 46  
ASN OD1  O N N 47  
ASN ND2  N N N 48  
ASN OXT  O N N 49  
ASN H    H N N 50  
ASN H2   H N N 51  
ASN HA   H N N 52  
ASN HB2  H N N 53  
ASN HB3  H N N 54  
ASN HD21 H N N 55  
ASN HD22 H N N 56  
ASN HXT  H N N 57  
ASP N    N N N 58  
ASP CA   C N S 59  
ASP C    C N N 60  
ASP O    O N N 61  
ASP CB   C N N 62  
ASP CG   C N N 63  
ASP OD1  O N N 64  
ASP OD2  O N N 65  
ASP OXT  O N N 66  
ASP H    H N N 67  
ASP H2   H N N 68  
ASP HA   H N N 69  
ASP HB2  H N N 70  
ASP HB3  H N N 71  
ASP HD2  H N N 72  
ASP HXT  H N N 73  
GLN N    N N N 74  
GLN CA   C N S 75  
GLN C    C N N 76  
GLN O    O N N 77  
GLN CB   C N N 78  
GLN CG   C N N 79  
GLN CD   C N N 80  
GLN OE1  O N N 81  
GLN NE2  N N N 82  
GLN OXT  O N N 83  
GLN H    H N N 84  
GLN H2   H N N 85  
GLN HA   H N N 86  
GLN HB2  H N N 87  
GLN HB3  H N N 88  
GLN HG2  H N N 89  
GLN HG3  H N N 90  
GLN HE21 H N N 91  
GLN HE22 H N N 92  
GLN HXT  H N N 93  
GLU N    N N N 94  
GLU CA   C N S 95  
GLU C    C N N 96  
GLU O    O N N 97  
GLU CB   C N N 98  
GLU CG   C N N 99  
GLU CD   C N N 100 
GLU OE1  O N N 101 
GLU OE2  O N N 102 
GLU OXT  O N N 103 
GLU H    H N N 104 
GLU H2   H N N 105 
GLU HA   H N N 106 
GLU HB2  H N N 107 
GLU HB3  H N N 108 
GLU HG2  H N N 109 
GLU HG3  H N N 110 
GLU HE2  H N N 111 
GLU HXT  H N N 112 
GLY N    N N N 113 
GLY CA   C N N 114 
GLY C    C N N 115 
GLY O    O N N 116 
GLY OXT  O N N 117 
GLY H    H N N 118 
GLY H2   H N N 119 
GLY HA2  H N N 120 
GLY HA3  H N N 121 
GLY HXT  H N N 122 
HIS N    N N N 123 
HIS CA   C N S 124 
HIS C    C N N 125 
HIS O    O N N 126 
HIS CB   C N N 127 
HIS CG   C Y N 128 
HIS ND1  N Y N 129 
HIS CD2  C Y N 130 
HIS CE1  C Y N 131 
HIS NE2  N Y N 132 
HIS OXT  O N N 133 
HIS H    H N N 134 
HIS H2   H N N 135 
HIS HA   H N N 136 
HIS HB2  H N N 137 
HIS HB3  H N N 138 
HIS HD1  H N N 139 
HIS HD2  H N N 140 
HIS HE1  H N N 141 
HIS HE2  H N N 142 
HIS HXT  H N N 143 
HOH O    O N N 144 
HOH H1   H N N 145 
HOH H2   H N N 146 
ILE N    N N N 147 
ILE CA   C N S 148 
ILE C    C N N 149 
ILE O    O N N 150 
ILE CB   C N S 151 
ILE CG1  C N N 152 
ILE CG2  C N N 153 
ILE CD1  C N N 154 
ILE OXT  O N N 155 
ILE H    H N N 156 
ILE H2   H N N 157 
ILE HA   H N N 158 
ILE HB   H N N 159 
ILE HG12 H N N 160 
ILE HG13 H N N 161 
ILE HG21 H N N 162 
ILE HG22 H N N 163 
ILE HG23 H N N 164 
ILE HD11 H N N 165 
ILE HD12 H N N 166 
ILE HD13 H N N 167 
ILE HXT  H N N 168 
LEU N    N N N 169 
LEU CA   C N S 170 
LEU C    C N N 171 
LEU O    O N N 172 
LEU CB   C N N 173 
LEU CG   C N N 174 
LEU CD1  C N N 175 
LEU CD2  C N N 176 
LEU OXT  O N N 177 
LEU H    H N N 178 
LEU H2   H N N 179 
LEU HA   H N N 180 
LEU HB2  H N N 181 
LEU HB3  H N N 182 
LEU HG   H N N 183 
LEU HD11 H N N 184 
LEU HD12 H N N 185 
LEU HD13 H N N 186 
LEU HD21 H N N 187 
LEU HD22 H N N 188 
LEU HD23 H N N 189 
LEU HXT  H N N 190 
LYS N    N N N 191 
LYS CA   C N S 192 
LYS C    C N N 193 
LYS O    O N N 194 
LYS CB   C N N 195 
LYS CG   C N N 196 
LYS CD   C N N 197 
LYS CE   C N N 198 
LYS NZ   N N N 199 
LYS OXT  O N N 200 
LYS H    H N N 201 
LYS H2   H N N 202 
LYS HA   H N N 203 
LYS HB2  H N N 204 
LYS HB3  H N N 205 
LYS HG2  H N N 206 
LYS HG3  H N N 207 
LYS HD2  H N N 208 
LYS HD3  H N N 209 
LYS HE2  H N N 210 
LYS HE3  H N N 211 
LYS HZ1  H N N 212 
LYS HZ2  H N N 213 
LYS HZ3  H N N 214 
LYS HXT  H N N 215 
MET N    N N N 216 
MET CA   C N S 217 
MET C    C N N 218 
MET O    O N N 219 
MET CB   C N N 220 
MET CG   C N N 221 
MET SD   S N N 222 
MET CE   C N N 223 
MET OXT  O N N 224 
MET H    H N N 225 
MET H2   H N N 226 
MET HA   H N N 227 
MET HB2  H N N 228 
MET HB3  H N N 229 
MET HG2  H N N 230 
MET HG3  H N N 231 
MET HE1  H N N 232 
MET HE2  H N N 233 
MET HE3  H N N 234 
MET HXT  H N N 235 
PHE N    N N N 236 
PHE CA   C N S 237 
PHE C    C N N 238 
PHE O    O N N 239 
PHE CB   C N N 240 
PHE CG   C Y N 241 
PHE CD1  C Y N 242 
PHE CD2  C Y N 243 
PHE CE1  C Y N 244 
PHE CE2  C Y N 245 
PHE CZ   C Y N 246 
PHE OXT  O N N 247 
PHE H    H N N 248 
PHE H2   H N N 249 
PHE HA   H N N 250 
PHE HB2  H N N 251 
PHE HB3  H N N 252 
PHE HD1  H N N 253 
PHE HD2  H N N 254 
PHE HE1  H N N 255 
PHE HE2  H N N 256 
PHE HZ   H N N 257 
PHE HXT  H N N 258 
SER N    N N N 259 
SER CA   C N S 260 
SER C    C N N 261 
SER O    O N N 262 
SER CB   C N N 263 
SER OG   O N N 264 
SER OXT  O N N 265 
SER H    H N N 266 
SER H2   H N N 267 
SER HA   H N N 268 
SER HB2  H N N 269 
SER HB3  H N N 270 
SER HG   H N N 271 
SER HXT  H N N 272 
THR N    N N N 273 
THR CA   C N S 274 
THR C    C N N 275 
THR O    O N N 276 
THR CB   C N R 277 
THR OG1  O N N 278 
THR CG2  C N N 279 
THR OXT  O N N 280 
THR H    H N N 281 
THR H2   H N N 282 
THR HA   H N N 283 
THR HB   H N N 284 
THR HG1  H N N 285 
THR HG21 H N N 286 
THR HG22 H N N 287 
THR HG23 H N N 288 
THR HXT  H N N 289 
TRP N    N N N 290 
TRP CA   C N S 291 
TRP C    C N N 292 
TRP O    O N N 293 
TRP CB   C N N 294 
TRP CG   C Y N 295 
TRP CD1  C Y N 296 
TRP CD2  C Y N 297 
TRP NE1  N Y N 298 
TRP CE2  C Y N 299 
TRP CE3  C Y N 300 
TRP CZ2  C Y N 301 
TRP CZ3  C Y N 302 
TRP CH2  C Y N 303 
TRP OXT  O N N 304 
TRP H    H N N 305 
TRP H2   H N N 306 
TRP HA   H N N 307 
TRP HB2  H N N 308 
TRP HB3  H N N 309 
TRP HD1  H N N 310 
TRP HE1  H N N 311 
TRP HE3  H N N 312 
TRP HZ2  H N N 313 
TRP HZ3  H N N 314 
TRP HH2  H N N 315 
TRP HXT  H N N 316 
TYR N    N N N 317 
TYR CA   C N S 318 
TYR C    C N N 319 
TYR O    O N N 320 
TYR CB   C N N 321 
TYR CG   C Y N 322 
TYR CD1  C Y N 323 
TYR CD2  C Y N 324 
TYR CE1  C Y N 325 
TYR CE2  C Y N 326 
TYR CZ   C Y N 327 
TYR OH   O N N 328 
TYR OXT  O N N 329 
TYR H    H N N 330 
TYR H2   H N N 331 
TYR HA   H N N 332 
TYR HB2  H N N 333 
TYR HB3  H N N 334 
TYR HD1  H N N 335 
TYR HD2  H N N 336 
TYR HE1  H N N 337 
TYR HE2  H N N 338 
TYR HH   H N N 339 
TYR HXT  H N N 340 
VAL N    N N N 341 
VAL CA   C N S 342 
VAL C    C N N 343 
VAL O    O N N 344 
VAL CB   C N N 345 
VAL CG1  C N N 346 
VAL CG2  C N N 347 
VAL OXT  O N N 348 
VAL H    H N N 349 
VAL H2   H N N 350 
VAL HA   H N N 351 
VAL HB   H N N 352 
VAL HG11 H N N 353 
VAL HG12 H N N 354 
VAL HG13 H N N 355 
VAL HG21 H N N 356 
VAL HG22 H N N 357 
VAL HG23 H N N 358 
VAL HXT  H N N 359 
# 
loop_
_chem_comp_bond.comp_id 
_chem_comp_bond.atom_id_1 
_chem_comp_bond.atom_id_2 
_chem_comp_bond.value_order 
_chem_comp_bond.pdbx_aromatic_flag 
_chem_comp_bond.pdbx_stereo_config 
_chem_comp_bond.pdbx_ordinal 
ALA N   CA   sing N N 1   
ALA N   H    sing N N 2   
ALA N   H2   sing N N 3   
ALA CA  C    sing N N 4   
ALA CA  CB   sing N N 5   
ALA CA  HA   sing N N 6   
ALA C   O    doub N N 7   
ALA C   OXT  sing N N 8   
ALA CB  HB1  sing N N 9   
ALA CB  HB2  sing N N 10  
ALA CB  HB3  sing N N 11  
ALA OXT HXT  sing N N 12  
ARG N   CA   sing N N 13  
ARG N   H    sing N N 14  
ARG N   H2   sing N N 15  
ARG CA  C    sing N N 16  
ARG CA  CB   sing N N 17  
ARG CA  HA   sing N N 18  
ARG C   O    doub N N 19  
ARG C   OXT  sing N N 20  
ARG CB  CG   sing N N 21  
ARG CB  HB2  sing N N 22  
ARG CB  HB3  sing N N 23  
ARG CG  CD   sing N N 24  
ARG CG  HG2  sing N N 25  
ARG CG  HG3  sing N N 26  
ARG CD  NE   sing N N 27  
ARG CD  HD2  sing N N 28  
ARG CD  HD3  sing N N 29  
ARG NE  CZ   sing N N 30  
ARG NE  HE   sing N N 31  
ARG CZ  NH1  sing N N 32  
ARG CZ  NH2  doub N N 33  
ARG NH1 HH11 sing N N 34  
ARG NH1 HH12 sing N N 35  
ARG NH2 HH21 sing N N 36  
ARG NH2 HH22 sing N N 37  
ARG OXT HXT  sing N N 38  
ASN N   CA   sing N N 39  
ASN N   H    sing N N 40  
ASN N   H2   sing N N 41  
ASN CA  C    sing N N 42  
ASN CA  CB   sing N N 43  
ASN CA  HA   sing N N 44  
ASN C   O    doub N N 45  
ASN C   OXT  sing N N 46  
ASN CB  CG   sing N N 47  
ASN CB  HB2  sing N N 48  
ASN CB  HB3  sing N N 49  
ASN CG  OD1  doub N N 50  
ASN CG  ND2  sing N N 51  
ASN ND2 HD21 sing N N 52  
ASN ND2 HD22 sing N N 53  
ASN OXT HXT  sing N N 54  
ASP N   CA   sing N N 55  
ASP N   H    sing N N 56  
ASP N   H2   sing N N 57  
ASP CA  C    sing N N 58  
ASP CA  CB   sing N N 59  
ASP CA  HA   sing N N 60  
ASP C   O    doub N N 61  
ASP C   OXT  sing N N 62  
ASP CB  CG   sing N N 63  
ASP CB  HB2  sing N N 64  
ASP CB  HB3  sing N N 65  
ASP CG  OD1  doub N N 66  
ASP CG  OD2  sing N N 67  
ASP OD2 HD2  sing N N 68  
ASP OXT HXT  sing N N 69  
GLN N   CA   sing N N 70  
GLN N   H    sing N N 71  
GLN N   H2   sing N N 72  
GLN CA  C    sing N N 73  
GLN CA  CB   sing N N 74  
GLN CA  HA   sing N N 75  
GLN C   O    doub N N 76  
GLN C   OXT  sing N N 77  
GLN CB  CG   sing N N 78  
GLN CB  HB2  sing N N 79  
GLN CB  HB3  sing N N 80  
GLN CG  CD   sing N N 81  
GLN CG  HG2  sing N N 82  
GLN CG  HG3  sing N N 83  
GLN CD  OE1  doub N N 84  
GLN CD  NE2  sing N N 85  
GLN NE2 HE21 sing N N 86  
GLN NE2 HE22 sing N N 87  
GLN OXT HXT  sing N N 88  
GLU N   CA   sing N N 89  
GLU N   H    sing N N 90  
GLU N   H2   sing N N 91  
GLU CA  C    sing N N 92  
GLU CA  CB   sing N N 93  
GLU CA  HA   sing N N 94  
GLU C   O    doub N N 95  
GLU C   OXT  sing N N 96  
GLU CB  CG   sing N N 97  
GLU CB  HB2  sing N N 98  
GLU CB  HB3  sing N N 99  
GLU CG  CD   sing N N 100 
GLU CG  HG2  sing N N 101 
GLU CG  HG3  sing N N 102 
GLU CD  OE1  doub N N 103 
GLU CD  OE2  sing N N 104 
GLU OE2 HE2  sing N N 105 
GLU OXT HXT  sing N N 106 
GLY N   CA   sing N N 107 
GLY N   H    sing N N 108 
GLY N   H2   sing N N 109 
GLY CA  C    sing N N 110 
GLY CA  HA2  sing N N 111 
GLY CA  HA3  sing N N 112 
GLY C   O    doub N N 113 
GLY C   OXT  sing N N 114 
GLY OXT HXT  sing N N 115 
HIS N   CA   sing N N 116 
HIS N   H    sing N N 117 
HIS N   H2   sing N N 118 
HIS CA  C    sing N N 119 
HIS CA  CB   sing N N 120 
HIS CA  HA   sing N N 121 
HIS C   O    doub N N 122 
HIS C   OXT  sing N N 123 
HIS CB  CG   sing N N 124 
HIS CB  HB2  sing N N 125 
HIS CB  HB3  sing N N 126 
HIS CG  ND1  sing Y N 127 
HIS CG  CD2  doub Y N 128 
HIS ND1 CE1  doub Y N 129 
HIS ND1 HD1  sing N N 130 
HIS CD2 NE2  sing Y N 131 
HIS CD2 HD2  sing N N 132 
HIS CE1 NE2  sing Y N 133 
HIS CE1 HE1  sing N N 134 
HIS NE2 HE2  sing N N 135 
HIS OXT HXT  sing N N 136 
HOH O   H1   sing N N 137 
HOH O   H2   sing N N 138 
ILE N   CA   sing N N 139 
ILE N   H    sing N N 140 
ILE N   H2   sing N N 141 
ILE CA  C    sing N N 142 
ILE CA  CB   sing N N 143 
ILE CA  HA   sing N N 144 
ILE C   O    doub N N 145 
ILE C   OXT  sing N N 146 
ILE CB  CG1  sing N N 147 
ILE CB  CG2  sing N N 148 
ILE CB  HB   sing N N 149 
ILE CG1 CD1  sing N N 150 
ILE CG1 HG12 sing N N 151 
ILE CG1 HG13 sing N N 152 
ILE CG2 HG21 sing N N 153 
ILE CG2 HG22 sing N N 154 
ILE CG2 HG23 sing N N 155 
ILE CD1 HD11 sing N N 156 
ILE CD1 HD12 sing N N 157 
ILE CD1 HD13 sing N N 158 
ILE OXT HXT  sing N N 159 
LEU N   CA   sing N N 160 
LEU N   H    sing N N 161 
LEU N   H2   sing N N 162 
LEU CA  C    sing N N 163 
LEU CA  CB   sing N N 164 
LEU CA  HA   sing N N 165 
LEU C   O    doub N N 166 
LEU C   OXT  sing N N 167 
LEU CB  CG   sing N N 168 
LEU CB  HB2  sing N N 169 
LEU CB  HB3  sing N N 170 
LEU CG  CD1  sing N N 171 
LEU CG  CD2  sing N N 172 
LEU CG  HG   sing N N 173 
LEU CD1 HD11 sing N N 174 
LEU CD1 HD12 sing N N 175 
LEU CD1 HD13 sing N N 176 
LEU CD2 HD21 sing N N 177 
LEU CD2 HD22 sing N N 178 
LEU CD2 HD23 sing N N 179 
LEU OXT HXT  sing N N 180 
LYS N   CA   sing N N 181 
LYS N   H    sing N N 182 
LYS N   H2   sing N N 183 
LYS CA  C    sing N N 184 
LYS CA  CB   sing N N 185 
LYS CA  HA   sing N N 186 
LYS C   O    doub N N 187 
LYS C   OXT  sing N N 188 
LYS CB  CG   sing N N 189 
LYS CB  HB2  sing N N 190 
LYS CB  HB3  sing N N 191 
LYS CG  CD   sing N N 192 
LYS CG  HG2  sing N N 193 
LYS CG  HG3  sing N N 194 
LYS CD  CE   sing N N 195 
LYS CD  HD2  sing N N 196 
LYS CD  HD3  sing N N 197 
LYS CE  NZ   sing N N 198 
LYS CE  HE2  sing N N 199 
LYS CE  HE3  sing N N 200 
LYS NZ  HZ1  sing N N 201 
LYS NZ  HZ2  sing N N 202 
LYS NZ  HZ3  sing N N 203 
LYS OXT HXT  sing N N 204 
MET N   CA   sing N N 205 
MET N   H    sing N N 206 
MET N   H2   sing N N 207 
MET CA  C    sing N N 208 
MET CA  CB   sing N N 209 
MET CA  HA   sing N N 210 
MET C   O    doub N N 211 
MET C   OXT  sing N N 212 
MET CB  CG   sing N N 213 
MET CB  HB2  sing N N 214 
MET CB  HB3  sing N N 215 
MET CG  SD   sing N N 216 
MET CG  HG2  sing N N 217 
MET CG  HG3  sing N N 218 
MET SD  CE   sing N N 219 
MET CE  HE1  sing N N 220 
MET CE  HE2  sing N N 221 
MET CE  HE3  sing N N 222 
MET OXT HXT  sing N N 223 
PHE N   CA   sing N N 224 
PHE N   H    sing N N 225 
PHE N   H2   sing N N 226 
PHE CA  C    sing N N 227 
PHE CA  CB   sing N N 228 
PHE CA  HA   sing N N 229 
PHE C   O    doub N N 230 
PHE C   OXT  sing N N 231 
PHE CB  CG   sing N N 232 
PHE CB  HB2  sing N N 233 
PHE CB  HB3  sing N N 234 
PHE CG  CD1  doub Y N 235 
PHE CG  CD2  sing Y N 236 
PHE CD1 CE1  sing Y N 237 
PHE CD1 HD1  sing N N 238 
PHE CD2 CE2  doub Y N 239 
PHE CD2 HD2  sing N N 240 
PHE CE1 CZ   doub Y N 241 
PHE CE1 HE1  sing N N 242 
PHE CE2 CZ   sing Y N 243 
PHE CE2 HE2  sing N N 244 
PHE CZ  HZ   sing N N 245 
PHE OXT HXT  sing N N 246 
SER N   CA   sing N N 247 
SER N   H    sing N N 248 
SER N   H2   sing N N 249 
SER CA  C    sing N N 250 
SER CA  CB   sing N N 251 
SER CA  HA   sing N N 252 
SER C   O    doub N N 253 
SER C   OXT  sing N N 254 
SER CB  OG   sing N N 255 
SER CB  HB2  sing N N 256 
SER CB  HB3  sing N N 257 
SER OG  HG   sing N N 258 
SER OXT HXT  sing N N 259 
THR N   CA   sing N N 260 
THR N   H    sing N N 261 
THR N   H2   sing N N 262 
THR CA  C    sing N N 263 
THR CA  CB   sing N N 264 
THR CA  HA   sing N N 265 
THR C   O    doub N N 266 
THR C   OXT  sing N N 267 
THR CB  OG1  sing N N 268 
THR CB  CG2  sing N N 269 
THR CB  HB   sing N N 270 
THR OG1 HG1  sing N N 271 
THR CG2 HG21 sing N N 272 
THR CG2 HG22 sing N N 273 
THR CG2 HG23 sing N N 274 
THR OXT HXT  sing N N 275 
TRP N   CA   sing N N 276 
TRP N   H    sing N N 277 
TRP N   H2   sing N N 278 
TRP CA  C    sing N N 279 
TRP CA  CB   sing N N 280 
TRP CA  HA   sing N N 281 
TRP C   O    doub N N 282 
TRP C   OXT  sing N N 283 
TRP CB  CG   sing N N 284 
TRP CB  HB2  sing N N 285 
TRP CB  HB3  sing N N 286 
TRP CG  CD1  doub Y N 287 
TRP CG  CD2  sing Y N 288 
TRP CD1 NE1  sing Y N 289 
TRP CD1 HD1  sing N N 290 
TRP CD2 CE2  doub Y N 291 
TRP CD2 CE3  sing Y N 292 
TRP NE1 CE2  sing Y N 293 
TRP NE1 HE1  sing N N 294 
TRP CE2 CZ2  sing Y N 295 
TRP CE3 CZ3  doub Y N 296 
TRP CE3 HE3  sing N N 297 
TRP CZ2 CH2  doub Y N 298 
TRP CZ2 HZ2  sing N N 299 
TRP CZ3 CH2  sing Y N 300 
TRP CZ3 HZ3  sing N N 301 
TRP CH2 HH2  sing N N 302 
TRP OXT HXT  sing N N 303 
TYR N   CA   sing N N 304 
TYR N   H    sing N N 305 
TYR N   H2   sing N N 306 
TYR CA  C    sing N N 307 
TYR CA  CB   sing N N 308 
TYR CA  HA   sing N N 309 
TYR C   O    doub N N 310 
TYR C   OXT  sing N N 311 
TYR CB  CG   sing N N 312 
TYR CB  HB2  sing N N 313 
TYR CB  HB3  sing N N 314 
TYR CG  CD1  doub Y N 315 
TYR CG  CD2  sing Y N 316 
TYR CD1 CE1  sing Y N 317 
TYR CD1 HD1  sing N N 318 
TYR CD2 CE2  doub Y N 319 
TYR CD2 HD2  sing N N 320 
TYR CE1 CZ   doub Y N 321 
TYR CE1 HE1  sing N N 322 
TYR CE2 CZ   sing Y N 323 
TYR CE2 HE2  sing N N 324 
TYR CZ  OH   sing N N 325 
TYR OH  HH   sing N N 326 
TYR OXT HXT  sing N N 327 
VAL N   CA   sing N N 328 
VAL N   H    sing N N 329 
VAL N   H2   sing N N 330 
VAL CA  C    sing N N 331 
VAL CA  CB   sing N N 332 
VAL CA  HA   sing N N 333 
VAL C   O    doub N N 334 
VAL C   OXT  sing N N 335 
VAL CB  CG1  sing N N 336 
VAL CB  CG2  sing N N 337 
VAL CB  HB   sing N N 338 
VAL CG1 HG11 sing N N 339 
VAL CG1 HG12 sing N N 340 
VAL CG1 HG13 sing N N 341 
VAL CG2 HG21 sing N N 342 
VAL CG2 HG22 sing N N 343 
VAL CG2 HG23 sing N N 344 
VAL OXT HXT  sing N N 345 
# 
_pdbx_audit_support.funding_organization   'French National Research Agency' 
_pdbx_audit_support.country                France 
_pdbx_audit_support.grant_number           ? 
_pdbx_audit_support.ordinal                1 
# 
_atom_sites.entry_id                    6TGJ 
_atom_sites.Cartn_transf_matrix[1][1]   ? 
_atom_sites.Cartn_transf_matrix[1][2]   ? 
_atom_sites.Cartn_transf_matrix[1][3]   ? 
_atom_sites.Cartn_transf_matrix[2][1]   ? 
_atom_sites.Cartn_transf_matrix[2][2]   ? 
_atom_sites.Cartn_transf_matrix[2][3]   ? 
_atom_sites.Cartn_transf_matrix[3][1]   ? 
_atom_sites.Cartn_transf_matrix[3][2]   ? 
_atom_sites.Cartn_transf_matrix[3][3]   ? 
_atom_sites.Cartn_transf_vector[1]      ? 
_atom_sites.Cartn_transf_vector[2]      ? 
_atom_sites.Cartn_transf_vector[3]      ? 
_atom_sites.fract_transf_matrix[1][1]   -0.02041421 
_atom_sites.fract_transf_matrix[1][2]   -0.02942443 
_atom_sites.fract_transf_matrix[1][3]   0.00336206 
_atom_sites.fract_transf_matrix[2][1]   0.01133069 
_atom_sites.fract_transf_matrix[2][2]   -0.00782844 
_atom_sites.fract_transf_matrix[2][3]   0.00028545 
_atom_sites.fract_transf_matrix[3][1]   0.00049553 
_atom_sites.fract_transf_matrix[3][2]   0.00121450 
_atom_sites.fract_transf_matrix[3][3]   0.01363807 
_atom_sites.fract_transf_vector[1]      1.181080 
_atom_sites.fract_transf_vector[2]      -0.030575 
_atom_sites.fract_transf_vector[3]      -0.042616 
_atom_sites.solution_primary            ? 
_atom_sites.solution_secondary          ? 
_atom_sites.solution_hydrogens          ? 
_atom_sites.special_details             ? 
# 
loop_
_atom_type.symbol 
C 
N 
O 
S 
# 
loop_
_atom_site.group_PDB 
_atom_site.id 
_atom_site.type_symbol 
_atom_site.label_atom_id 
_atom_site.label_alt_id 
_atom_site.label_comp_id 
_atom_site.label_asym_id 
_atom_site.label_entity_id 
_atom_site.label_seq_id 
_atom_site.pdbx_PDB_ins_code 
_atom_site.Cartn_x 
_atom_site.Cartn_y 
_atom_site.Cartn_z 
_atom_site.occupancy 
_atom_site.B_iso_or_equiv 
_atom_site.pdbx_formal_charge 
_atom_site.auth_seq_id 
_atom_site.auth_comp_id 
_atom_site.auth_asym_id 
_atom_site.auth_atom_id 
_atom_site.pdbx_PDB_model_num 
ATOM   1    N N   . TRP A 1 20 ? 10.778  2.673   -13.615 1.00 54.27 ?  117 TRP A N   1 
ATOM   2    C CA  . TRP A 1 20 ? 10.876  1.228   -13.446 1.00 57.68 ?  117 TRP A CA  1 
ATOM   3    C C   . TRP A 1 20 ? 11.996  0.841   -12.492 1.00 58.45 ?  117 TRP A C   1 
ATOM   4    O O   . TRP A 1 20 ? 13.057  1.465   -12.477 1.00 57.34 ?  117 TRP A O   1 
ATOM   5    C CB  . TRP A 1 20 ? 11.095  0.526   -14.792 1.00 56.75 ?  117 TRP A CB  1 
ATOM   6    C CG  . TRP A 1 20 ? 11.229  -0.979  -14.666 1.00 55.84 ?  117 TRP A CG  1 
ATOM   7    C CD1 . TRP A 1 20 ? 10.227  -1.896  -14.778 1.00 57.30 ?  117 TRP A CD1 1 
ATOM   8    C CD2 . TRP A 1 20 ? 12.429  -1.722  -14.420 1.00 58.78 ?  117 TRP A CD2 1 
ATOM   9    N NE1 . TRP A 1 20 ? 10.719  -3.159  -14.608 1.00 58.90 ?  117 TRP A NE1 1 
ATOM   10   C CE2 . TRP A 1 20 ? 12.070  -3.084  -14.388 1.00 56.58 ?  117 TRP A CE2 1 
ATOM   11   C CE3 . TRP A 1 20 ? 13.771  -1.372  -14.215 1.00 57.54 ?  117 TRP A CE3 1 
ATOM   12   C CZ2 . TRP A 1 20 ? 13.006  -4.095  -14.160 1.00 57.30 ?  117 TRP A CZ2 1 
ATOM   13   C CZ3 . TRP A 1 20 ? 14.686  -2.382  -13.997 1.00 52.79 ?  117 TRP A CZ3 1 
ATOM   14   C CH2 . TRP A 1 20 ? 14.298  -3.719  -13.969 1.00 50.05 ?  117 TRP A CH2 1 
ATOM   15   N N   . GLU A 1 21 ? 11.758  -0.214  -11.717 1.00 52.83 ?  118 GLU A N   1 
ATOM   16   C CA  . GLU A 1 21 ? 12.762  -0.787  -10.837 1.00 52.34 ?  118 GLU A CA  1 
ATOM   17   C C   . GLU A 1 21 ? 12.725  -2.305  -10.921 1.00 36.90 ?  118 GLU A C   1 
ATOM   18   O O   . GLU A 1 21 ? 11.682  -2.917  -11.161 1.00 36.27 ?  118 GLU A O   1 
ATOM   19   C CB  . GLU A 1 21 ? 12.550  -0.380  -9.374  1.00 51.65 ?  118 GLU A CB  1 
ATOM   20   C CG  . GLU A 1 21 ? 12.875  1.060   -9.061  1.00 55.87 ?  118 GLU A CG  1 
ATOM   21   C CD  . GLU A 1 21 ? 13.102  1.272   -7.584  1.00 48.23 ?  118 GLU A CD  1 
ATOM   22   O OE1 . GLU A 1 21 ? 12.280  0.767   -6.784  1.00 39.43 ?  118 GLU A OE1 1 
ATOM   23   O OE2 . GLU A 1 21 ? 14.113  1.917   -7.230  1.00 56.75 ?  118 GLU A OE2 1 
ATOM   24   N N   . GLU A 1 22 ? 13.888  -2.903  -10.705 1.00 40.79 ?  119 GLU A N   1 
ATOM   25   C CA  . GLU A 1 22 ? 13.976  -4.344  -10.522 1.00 36.57 ?  119 GLU A CA  1 
ATOM   26   C C   . GLU A 1 22 ? 13.159  -4.759  -9.294  1.00 24.53 ?  119 GLU A C   1 
ATOM   27   O O   . GLU A 1 22 ? 13.229  -4.121  -8.244  1.00 27.96 ?  119 GLU A O   1 
ATOM   28   C CB  . GLU A 1 22 ? 15.463  -4.718  -10.423 1.00 39.13 ?  119 GLU A CB  1 
ATOM   29   C CG  . GLU A 1 22 ? 15.875  -5.867  -9.541  1.00 38.37 ?  119 GLU A CG  1 
ATOM   30   C CD  . GLU A 1 22 ? 17.389  -5.866  -9.260  1.00 32.52 ?  119 GLU A CD  1 
ATOM   31   O OE1 . GLU A 1 22 ? 17.990  -4.775  -9.203  1.00 44.33 ?  119 GLU A OE1 1 
ATOM   32   O OE2 . GLU A 1 22 ? 17.969  -6.951  -9.124  1.00 42.43 ?  119 GLU A OE2 1 
ATOM   33   N N   . GLU A 1 23 ? 12.340  -5.801  -9.449  1.00 26.17 ?  120 GLU A N   1 
ATOM   34   C CA  . GLU A 1 23 ? 11.501  -6.266  -8.350  1.00 29.45 ?  120 GLU A CA  1 
ATOM   35   C C   . GLU A 1 23 ? 12.362  -6.720  -7.176  1.00 24.84 ?  120 GLU A C   1 
ATOM   36   O O   . GLU A 1 23 ? 13.460  -7.252  -7.357  1.00 26.95 ?  120 GLU A O   1 
ATOM   37   C CB  . GLU A 1 23 ? 10.684  -7.461  -8.827  1.00 31.55 ?  120 GLU A CB  1 
ATOM   38   C CG  . GLU A 1 23 ? 9.406   -7.693  -8.069  1.00 45.04 ?  120 GLU A CG  1 
ATOM   39   C CD  . GLU A 1 23 ? 8.390   -8.433  -8.911  1.00 55.51 ?  120 GLU A CD  1 
ATOM   40   O OE1 . GLU A 1 23 ? 7.485   -7.772  -9.462  1.00 62.20 ?  120 GLU A OE1 1 
ATOM   41   O OE2 . GLU A 1 23 ? 8.502   -9.673  -9.027  1.00 60.13 ?  120 GLU A OE2 1 
ATOM   42   N N   . ILE A 1 24 ? 11.859  -6.502  -5.961  1.00 23.52 ?  121 ILE A N   1 
ATOM   43   C CA  . ILE A 1 24 ? 12.525  -7.015  -4.765  1.00 20.60 ?  121 ILE A CA  1 
ATOM   44   C C   . ILE A 1 24 ? 12.116  -8.479  -4.609  1.00 22.49 ?  121 ILE A C   1 
ATOM   45   O O   . ILE A 1 24 ? 10.954  -8.779  -4.323  1.00 26.97 ?  121 ILE A O   1 
ATOM   46   C CB  . ILE A 1 24 ? 12.159  -6.203  -3.518  1.00 19.53 ?  121 ILE A CB  1 
ATOM   47   C CG1 . ILE A 1 24 ? 12.616  -4.747  -3.665  1.00 24.89 ?  121 ILE A CG1 1 
ATOM   48   C CG2 . ILE A 1 24 ? 12.768  -6.876  -2.262  1.00 22.47 ?  121 ILE A CG2 1 
ATOM   49   C CD1 . ILE A 1 24 ? 12.012  -3.816  -2.645  1.00 25.83 ?  121 ILE A CD1 1 
ATOM   50   N N   . THR A 1 25 ? 13.066  -9.385  -4.805  1.00 21.89 ?  122 THR A N   1 
ATOM   51   C CA  . THR A 1 25 ? 12.793  -10.815 -4.849  1.00 24.67 ?  122 THR A CA  1 
ATOM   52   C C   . THR A 1 25 ? 12.801  -11.422 -3.450  1.00 20.72 ?  122 THR A C   1 
ATOM   53   O O   . THR A 1 25 ? 13.331  -10.852 -2.489  1.00 20.26 ?  122 THR A O   1 
ATOM   54   C CB  . THR A 1 25 ? 13.844  -11.535 -5.699  1.00 20.15 ?  122 THR A CB  1 
ATOM   55   O OG1 . THR A 1 25 ? 15.146  -11.397 -5.104  1.00 22.96 ?  122 THR A OG1 1 
ATOM   56   C CG2 . THR A 1 25 ? 13.880  -10.955 -7.114  1.00 28.71 ?  122 THR A CG2 1 
ATOM   57   N N   . PHE A 1 26 ? 12.257  -12.637 -3.355  1.00 21.64 ?  123 PHE A N   1 
ATOM   58   C CA  . PHE A 1 26 ? 12.306  -13.350 -2.081  1.00 20.51 ?  123 PHE A CA  1 
ATOM   59   C C   . PHE A 1 26 ? 13.744  -13.601 -1.651  1.00 20.94 ?  123 PHE A C   1 
ATOM   60   O O   . PHE A 1 26 ? 14.065  -13.495 -0.458  1.00 19.93 ?  123 PHE A O   1 
ATOM   61   C CB  . PHE A 1 26 ? 11.528  -14.666 -2.163  1.00 19.81 ?  123 PHE A CB  1 
ATOM   62   C CG  . PHE A 1 26 ? 11.268  -15.317 -0.816  1.00 21.25 ?  123 PHE A CG  1 
ATOM   63   C CD1 . PHE A 1 26 ? 10.293  -14.823 0.032   1.00 25.13 ?  123 PHE A CD1 1 
ATOM   64   C CD2 . PHE A 1 26 ? 12.007  -16.406 -0.402  1.00 23.94 ?  123 PHE A CD2 1 
ATOM   65   C CE1 . PHE A 1 26 ? 10.056  -15.418 1.270   1.00 26.07 ?  123 PHE A CE1 1 
ATOM   66   C CE2 . PHE A 1 26 ? 11.765  -17.007 0.826   1.00 23.98 ?  123 PHE A CE2 1 
ATOM   67   C CZ  . PHE A 1 26 ? 10.801  -16.513 1.662   1.00 22.63 ?  123 PHE A CZ  1 
ATOM   68   N N   . ALA A 1 27 ? 14.622  -13.935 -2.604  1.00 19.45 ?  124 ALA A N   1 
ATOM   69   C CA  . ALA A 1 27 ? 16.037  -14.105 -2.289  1.00 19.83 ?  124 ALA A CA  1 
ATOM   70   C C   . ALA A 1 27 ? 16.610  -12.822 -1.702  1.00 19.78 ?  124 ALA A C   1 
ATOM   71   O O   . ALA A 1 27 ? 17.385  -12.862 -0.734  1.00 19.48 ?  124 ALA A O   1 
ATOM   72   C CB  . ALA A 1 27 ? 16.807  -14.490 -3.556  1.00 22.11 ?  124 ALA A CB  1 
ATOM   73   N N   . GLU A 1 28 ? 16.199  -11.674 -2.240  1.00 21.33 ?  125 GLU A N   1 
ATOM   74   C CA  . GLU A 1 28 ? 16.655  -10.398 -1.701  1.00 19.79 ?  125 GLU A CA  1 
ATOM   75   C C   . GLU A 1 28 ? 16.181  -10.192 -0.268  1.00 16.76 ?  125 GLU A C   1 
ATOM   76   O O   . GLU A 1 28 ? 16.923  -9.650  0.570   1.00 17.92 ?  125 GLU A O   1 
ATOM   77   C CB  . GLU A 1 28 ? 16.155  -9.266  -2.593  1.00 20.66 ?  125 GLU A CB  1 
ATOM   78   C CG  . GLU A 1 28 ? 16.832  -7.950  -2.308  1.00 20.48 ?  125 GLU A CG  1 
ATOM   79   C CD  . GLU A 1 28 ? 16.481  -6.875  -3.331  1.00 23.35 ?  125 GLU A CD  1 
ATOM   80   O OE1 . GLU A 1 28 ? 16.068  -7.234  -4.475  1.00 23.83 ?  125 GLU A OE1 1 
ATOM   81   O OE2 . GLU A 1 28 ? 16.656  -5.688  -2.970  1.00 21.10 ?  125 GLU A OE2 1 
ATOM   82   N N   . LEU A 1 29 ? 14.963  -10.634 0.043   1.00 16.33 ?  126 LEU A N   1 
ATOM   83   C CA  . LEU A 1 29 ? 14.477  -10.547 1.416   1.00 17.30 ?  126 LEU A CA  1 
ATOM   84   C C   . LEU A 1 29 ? 15.275  -11.443 2.351   1.00 18.30 ?  126 LEU A C   1 
ATOM   85   O O   . LEU A 1 29 ? 15.530  -11.067 3.501   1.00 17.35 ?  126 LEU A O   1 
ATOM   86   C CB  . LEU A 1 29 ? 12.996  -10.902 1.482   1.00 18.54 ?  126 LEU A CB  1 
ATOM   87   C CG  . LEU A 1 29 ? 12.099  -9.914  0.743   1.00 20.34 ?  126 LEU A CG  1 
ATOM   88   C CD1 . LEU A 1 29 ? 10.684  -10.405 0.831   1.00 25.68 ?  126 LEU A CD1 1 
ATOM   89   C CD2 . LEU A 1 29 ? 12.180  -8.502  1.326   1.00 22.01 ?  126 LEU A CD2 1 
ATOM   90   N N   . ILE A 1 30 ? 15.690  -12.628 1.881   1.00 18.63 ?  127 ILE A N   1 
ATOM   91   C CA  . ILE A 1 30 ? 16.539  -13.484 2.708   1.00 16.58 ?  127 ILE A CA  1 
ATOM   92   C C   . ILE A 1 30 ? 17.855  -12.781 2.999   1.00 16.41 ?  127 ILE A C   1 
ATOM   93   O O   . ILE A 1 30 ? 18.330  -12.763 4.145   1.00 18.87 ?  127 ILE A O   1 
ATOM   94   C CB  . ILE A 1 30 ? 16.786  -14.843 2.027   1.00 16.70 ?  127 ILE A CB  1 
ATOM   95   C CG1 . ILE A 1 30 ? 15.495  -15.630 1.844   1.00 18.62 ?  127 ILE A CG1 1 
ATOM   96   C CG2 . ILE A 1 30 ? 17.798  -15.630 2.852   1.00 18.49 ?  127 ILE A CG2 1 
ATOM   97   C CD1 . ILE A 1 30 ? 15.626  -16.778 0.815   1.00 19.01 ?  127 ILE A CD1 1 
ATOM   98   N N   . GLU A 1 31 ? 18.457  -12.183 1.963   1.00 17.78 ?  128 GLU A N   1 
ATOM   99   C CA  . GLU A 1 31 ? 19.762  -11.553 2.107   1.00 18.68 ?  128 GLU A CA  1 
ATOM   100  C C   . GLU A 1 31 ? 19.682  -10.290 2.950   1.00 18.21 ?  128 GLU A C   1 
ATOM   101  O O   . GLU A 1 31 ? 20.692  -9.892  3.551   1.00 20.31 ?  128 GLU A O   1 
ATOM   102  C CB  . GLU A 1 31 ? 20.405  -11.303 0.730   1.00 22.86 ?  128 GLU A CB  1 
ATOM   103  C CG  . GLU A 1 31 ? 20.595  -12.586 -0.100  1.00 23.51 ?  128 GLU A CG  1 
ATOM   104  C CD  . GLU A 1 31 ? 21.693  -12.500 -1.153  1.00 32.11 ?  128 GLU A CD  1 
ATOM   105  O OE1 . GLU A 1 31 ? 21.961  -11.390 -1.645  1.00 31.24 ?  128 GLU A OE1 1 
ATOM   106  O OE2 . GLU A 1 31 ? 22.290  -13.553 -1.484  1.00 34.38 ?  128 GLU A OE2 1 
ATOM   107  N N   . ALA A 1 32 ? 18.499  -9.670  3.030   1.00 17.69 ?  129 ALA A N   1 
ATOM   108  C CA  . ALA A 1 32 ? 18.268  -8.500  3.857   1.00 19.33 ?  129 ALA A CA  1 
ATOM   109  C C   . ALA A 1 32 ? 18.046  -8.838  5.322   1.00 20.63 ?  129 ALA A C   1 
ATOM   110  O O   . ALA A 1 32 ? 17.946  -7.916  6.137   1.00 24.29 ?  129 ALA A O   1 
ATOM   111  C CB  . ALA A 1 32 ? 17.050  -7.721  3.329   1.00 19.67 ?  129 ALA A CB  1 
ATOM   112  N N   . GLY A 1 33 ? 17.969  -10.120 5.681   1.00 19.53 ?  130 GLY A N   1 
ATOM   113  C CA  . GLY A 1 33 ? 17.737  -10.513 7.060   1.00 19.29 ?  130 GLY A CA  1 
ATOM   114  C C   . GLY A 1 33 ? 16.283  -10.574 7.477   1.00 19.43 ?  130 GLY A C   1 
ATOM   115  O O   . GLY A 1 33 ? 15.995  -10.523 8.678   1.00 22.44 ?  130 GLY A O   1 
ATOM   116  N N   . LEU A 1 34 ? 15.352  -10.662 6.531   1.00 18.23 ?  131 LEU A N   1 
ATOM   117  C CA  . LEU A 1 34 ? 13.933  -10.627 6.850   1.00 21.32 ?  131 LEU A CA  1 
ATOM   118  C C   . LEU A 1 34 ? 13.257  -11.985 6.746   1.00 21.92 ?  131 LEU A C   1 
ATOM   119  O O   . LEU A 1 34 ? 12.031  -12.070 6.900   1.00 21.12 ?  131 LEU A O   1 
ATOM   120  C CB  . LEU A 1 34 ? 13.216  -9.615  5.955   1.00 19.67 ?  131 LEU A CB  1 
ATOM   121  C CG  . LEU A 1 34 ? 13.799  -8.213  6.054   1.00 20.23 ?  131 LEU A CG  1 
ATOM   122  C CD1 . LEU A 1 34 ? 13.201  -7.358  4.950   1.00 24.71 ?  131 LEU A CD1 1 
ATOM   123  C CD2 . LEU A 1 34 ? 13.531  -7.589  7.415   1.00 23.00 ?  131 LEU A CD2 1 
ATOM   124  N N   . VAL A 1 35 ? 14.024  -13.038 6.502   1.00 21.41 ?  132 VAL A N   1 
ATOM   125  C CA  . VAL A 1 35 ? 13.531  -14.411 6.495   1.00 18.32 ?  132 VAL A CA  1 
ATOM   126  C C   . VAL A 1 35 ? 14.441  -15.187 7.434   1.00 20.12 ?  132 VAL A C   1 
ATOM   127  O O   . VAL A 1 35 ? 15.666  -15.205 7.247   1.00 26.18 ?  132 VAL A O   1 
ATOM   128  C CB  . VAL A 1 35 ? 13.562  -15.016 5.080   1.00 21.22 ?  132 VAL A CB  1 
ATOM   129  C CG1 . VAL A 1 35 ? 13.030  -16.458 5.087   1.00 19.77 ?  132 VAL A CG1 1 
ATOM   130  C CG2 . VAL A 1 35 ? 12.738  -14.158 4.131   1.00 22.61 ?  132 VAL A CG2 1 
ATOM   131  N N   . GLY A 1 36 ? 13.854  -15.815 8.444   1.00 19.64 ?  133 GLY A N   1 
ATOM   132  C CA  . GLY A 1 36 ? 14.666  -16.521 9.417   1.00 22.94 ?  133 GLY A CA  1 
ATOM   133  C C   . GLY A 1 36 ? 13.889  -16.895 10.649  1.00 21.24 ?  133 GLY A C   1 
ATOM   134  O O   . GLY A 1 36 ? 12.736  -17.349 10.569  1.00 24.89 ?  133 GLY A O   1 
ATOM   135  N N   . GLY A 1 37 ? 14.521  -16.702 11.797  1.00 25.98 ?  134 GLY A N   1 
ATOM   136  C CA  . GLY A 1 37 ? 13.946  -17.018 13.083  1.00 27.71 ?  134 GLY A CA  1 
ATOM   137  C C   . GLY A 1 37 ? 13.293  -15.821 13.731  1.00 23.57 ?  134 GLY A C   1 
ATOM   138  O O   . GLY A 1 37 ? 12.690  -14.969 13.063  1.00 23.63 ?  134 GLY A O   1 
ATOM   139  N N   . GLU A 1 38 ? 13.400  -15.752 15.063  1.00 24.04 ?  135 GLU A N   1 
ATOM   140  C CA  . GLU A 1 38 ? 12.691  -14.695 15.780  1.00 21.94 ?  135 GLU A CA  1 
ATOM   141  C C   . GLU A 1 38 ? 13.277  -13.315 15.511  1.00 21.60 ?  135 GLU A C   1 
ATOM   142  O O   . GLU A 1 38 ? 12.524  -12.337 15.472  1.00 21.16 ?  135 GLU A O   1 
ATOM   143  C CB  . GLU A 1 38 ? 12.680  -14.966 17.288  1.00 28.30 ?  135 GLU A CB  1 
ATOM   144  C CG  . GLU A 1 38 ? 11.834  -16.168 17.704  1.00 31.95 ?  135 GLU A CG  1 
ATOM   145  C CD  . GLU A 1 38 ? 10.375  -16.035 17.287  1.00 33.17 ?  135 GLU A CD  1 
ATOM   146  O OE1 . GLU A 1 38 ? 9.717   -15.053 17.704  1.00 28.28 ?  135 GLU A OE1 1 
ATOM   147  O OE2 . GLU A 1 38 ? 9.885   -16.907 16.532  1.00 34.72 ?  135 GLU A OE2 1 
ATOM   148  N N   . MET A 1 39 ? 14.599  -13.204 15.343  1.00 23.19 ?  136 MET A N   1 
ATOM   149  C CA  . MET A 1 39 ? 15.182  -11.905 15.003  1.00 20.65 ?  136 MET A CA  1 
ATOM   150  C C   . MET A 1 39 ? 14.588  -11.375 13.702  1.00 20.99 ?  136 MET A C   1 
ATOM   151  O O   . MET A 1 39 ? 14.206  -10.199 13.598  1.00 21.75 ?  136 MET A O   1 
ATOM   152  C CB  . MET A 1 39 ? 16.712  -12.014 14.885  1.00 27.62 ?  136 MET A CB  1 
ATOM   153  C CG  . MET A 1 39 ? 17.510  -12.140 16.185  1.00 46.57 ?  136 MET A CG  1 
ATOM   154  S SD  . MET A 1 39 ? 17.460  -10.651 17.180  1.00 42.46 ?  136 MET A SD  1 
ATOM   155  C CE  . MET A 1 39 ? 18.388  -9.498  16.178  1.00 38.67 ?  136 MET A CE  1 
ATOM   156  N N   . ALA A 1 40 ? 14.477  -12.244 12.697  1.00 21.85 ?  137 ALA A N   1 
ATOM   157  C CA  . ALA A 1 40 ? 13.946  -11.812 11.408  1.00 19.75 ?  137 ALA A CA  1 
ATOM   158  C C   . ALA A 1 40 ? 12.469  -11.450 11.515  1.00 20.69 ?  137 ALA A C   1 
ATOM   159  O O   . ALA A 1 40 ? 12.008  -10.470 10.904  1.00 19.63 ?  137 ALA A O   1 
ATOM   160  C CB  . ALA A 1 40 ? 14.177  -12.917 10.369  1.00 20.61 ?  137 ALA A CB  1 
ATOM   161  N N   . ARG A 1 41 ? 11.698  -12.249 12.265  1.00 20.44 ?  138 ARG A N   1 
ATOM   162  C CA  . ARG A 1 41 ? 10.283  -11.952 12.455  1.00 18.74 ?  138 ARG A CA  1 
ATOM   163  C C   . ARG A 1 41 ? 10.095  -10.575 13.066  1.00 20.08 ?  138 ARG A C   1 
ATOM   164  O O   . ARG A 1 41 ? 9.253   -9.792  12.606  1.00 20.99 ?  138 ARG A O   1 
ATOM   165  C CB  . ARG A 1 41 ? 9.624   -13.002 13.347  1.00 21.86 ?  138 ARG A CB  1 
ATOM   166  C CG  . ARG A 1 41 ? 8.146   -12.751 13.596  1.00 23.96 ?  138 ARG A CG  1 
ATOM   167  C CD  . ARG A 1 41 ? 7.575   -13.807 14.547  1.00 26.95 ?  138 ARG A CD  1 
ATOM   168  N NE  . ARG A 1 41 ? 6.124   -13.690 14.698  1.00 28.44 ?  138 ARG A NE  1 
ATOM   169  C CZ  . ARG A 1 41 ? 5.238   -14.473 14.079  1.00 35.23 ?  138 ARG A CZ  1 
ATOM   170  N NH1 . ARG A 1 41 ? 3.936   -14.293 14.267  1.00 37.28 ?  138 ARG A NH1 1 
ATOM   171  N NH2 . ARG A 1 41 ? 5.651   -15.435 13.263  1.00 35.38 ?  138 ARG A NH2 1 
ATOM   172  N N   . ARG A 1 42 ? 10.879  -10.257 14.108  1.00 19.00 ?  139 ARG A N   1 
ATOM   173  C CA  . ARG A 1 42 ? 10.768  -8.934  14.710  1.00 22.46 ?  139 ARG A CA  1 
ATOM   174  C C   . ARG A 1 42 ? 11.140  -7.834  13.716  1.00 21.72 ?  139 ARG A C   1 
ATOM   175  O O   . ARG A 1 42 ? 10.498  -6.777  13.676  1.00 22.14 ?  139 ARG A O   1 
ATOM   176  C CB  . ARG A 1 42 ? 11.632  -8.860  15.971  1.00 21.28 ?  139 ARG A CB  1 
ATOM   177  C CG  . ARG A 1 42 ? 11.447  -7.534  16.703  1.00 25.57 ?  139 ARG A CG  1 
ATOM   178  C CD  . ARG A 1 42 ? 12.257  -7.482  17.970  1.00 25.71 ?  139 ARG A CD  1 
ATOM   179  N NE  . ARG A 1 42 ? 13.682  -7.528  17.685  1.00 25.29 ?  139 ARG A NE  1 
ATOM   180  C CZ  . ARG A 1 42 ? 14.617  -7.292  18.596  1.00 29.00 ?  139 ARG A CZ  1 
ATOM   181  N NH1 . ARG A 1 42 ? 14.265  -7.013  19.842  1.00 26.30 ?  139 ARG A NH1 1 
ATOM   182  N NH2 . ARG A 1 42 ? 15.891  -7.351  18.256  1.00 28.23 ?  139 ARG A NH2 1 
ATOM   183  N N   . ARG A 1 43 ? 12.169  -8.078  12.890  1.00 19.94 ?  140 ARG A N   1 
ATOM   184  C CA  . ARG A 1 43 ? 12.542  -7.108  11.865  1.00 20.21 ?  140 ARG A CA  1 
ATOM   185  C C   . ARG A 1 43 ? 11.396  -6.849  10.902  1.00 25.08 ?  140 ARG A C   1 
ATOM   186  O O   . ARG A 1 43 ? 11.157  -5.700  10.511  1.00 23.22 ?  140 ARG A O   1 
ATOM   187  C CB  . ARG A 1 43 ? 13.729  -7.625  11.068  1.00 25.15 ?  140 ARG A CB  1 
ATOM   188  C CG  . ARG A 1 43 ? 15.002  -6.957  11.374  1.00 28.10 ?  140 ARG A CG  1 
ATOM   189  C CD  . ARG A 1 43 ? 16.153  -7.691  10.708  1.00 28.17 ?  140 ARG A CD  1 
ATOM   190  N NE  . ARG A 1 43 ? 17.181  -7.925  11.707  1.00 24.35 ?  140 ARG A NE  1 
ATOM   191  C CZ  . ARG A 1 43 ? 17.885  -9.037  11.833  1.00 26.99 ?  140 ARG A CZ  1 
ATOM   192  N NH1 . ARG A 1 43 ? 17.713  -10.047 10.999  1.00 27.12 ?  140 ARG A NH1 1 
ATOM   193  N NH2 . ARG A 1 43 ? 18.791  -9.123  12.796  1.00 28.88 ?  140 ARG A NH2 1 
ATOM   194  N N   . ARG A 1 44 ? 10.698  -7.910  10.471  1.00 22.85 ?  141 ARG A N   1 
ATOM   195  C CA  . ARG A 1 44 ? 9.550   -7.735  9.579   1.00 22.30 ?  141 ARG A CA  1 
ATOM   196  C C   . ARG A 1 44 ? 8.448   -6.936  10.244  1.00 24.45 ?  141 ARG A C   1 
ATOM   197  O O   . ARG A 1 44 ? 7.785   -6.119  9.595   1.00 25.52 ?  141 ARG A O   1 
ATOM   198  C CB  . ARG A 1 44 ? 8.978   -9.092  9.155   1.00 24.81 ?  141 ARG A CB  1 
ATOM   199  C CG  . ARG A 1 44 ? 9.736   -9.712  8.003   1.00 26.35 ?  141 ARG A CG  1 
ATOM   200  C CD  . ARG A 1 44 ? 8.980   -10.874 7.332   1.00 20.65 ?  141 ARG A CD  1 
ATOM   201  N NE  . ARG A 1 44 ? 8.311   -11.755 8.297   1.00 21.39 ?  141 ARG A NE  1 
ATOM   202  C CZ  . ARG A 1 44 ? 8.902   -12.746 8.961   1.00 21.95 ?  141 ARG A CZ  1 
ATOM   203  N NH1 . ARG A 1 44 ? 10.197  -13.013 8.777   1.00 20.40 ?  141 ARG A NH1 1 
ATOM   204  N NH2 . ARG A 1 44 ? 8.198   -13.490 9.813   1.00 23.29 ?  141 ARG A NH2 1 
ATOM   205  N N   A GLN A 1 45 ? 8.217   -7.166  11.532  0.54 23.72 ?  142 GLN A N   1 
ATOM   206  N N   B GLN A 1 45 ? 8.197   -7.202  11.527  0.46 23.73 ?  142 GLN A N   1 
ATOM   207  C CA  A GLN A 1 45 ? 7.196   -6.386  12.223  0.54 24.49 ?  142 GLN A CA  1 
ATOM   208  C CA  B GLN A 1 45 ? 7.212   -6.417  12.265  0.46 24.53 ?  142 GLN A CA  1 
ATOM   209  C C   A GLN A 1 45 ? 7.582   -4.912  12.283  0.54 25.04 ?  142 GLN A C   1 
ATOM   210  C C   B GLN A 1 45 ? 7.576   -4.939  12.234  0.46 25.07 ?  142 GLN A C   1 
ATOM   211  O O   A GLN A 1 45 ? 6.753   -4.030  12.024  0.54 25.25 ?  142 GLN A O   1 
ATOM   212  O O   B GLN A 1 45 ? 6.760   -4.088  11.858  0.46 25.18 ?  142 GLN A O   1 
ATOM   213  C CB  A GLN A 1 45 ? 6.964   -6.961  13.620  0.54 24.71 ?  142 GLN A CB  1 
ATOM   214  C CB  B GLN A 1 45 ? 7.123   -6.921  13.710  0.46 24.72 ?  142 GLN A CB  1 
ATOM   215  C CG  A GLN A 1 45 ? 6.157   -6.072  14.547  0.54 26.26 ?  142 GLN A CG  1 
ATOM   216  C CG  B GLN A 1 45 ? 6.576   -8.342  13.870  0.46 25.84 ?  142 GLN A CG  1 
ATOM   217  C CD  A GLN A 1 45 ? 7.023   -5.412  15.613  0.54 33.99 ?  142 GLN A CD  1 
ATOM   218  C CD  B GLN A 1 45 ? 6.446   -8.783  15.327  0.46 30.50 ?  142 GLN A CD  1 
ATOM   219  O OE1 A GLN A 1 45 ? 7.957   -6.025  16.140  0.54 38.99 ?  142 GLN A OE1 1 
ATOM   220  O OE1 B GLN A 1 45 ? 7.321   -8.519  16.155  0.46 30.74 ?  142 GLN A OE1 1 
ATOM   221  N NE2 A GLN A 1 45 ? 6.720   -4.160  15.931  0.54 38.88 ?  142 GLN A NE2 1 
ATOM   222  N NE2 B GLN A 1 45 ? 5.348   -9.463  15.642  0.46 34.93 ?  142 GLN A NE2 1 
ATOM   223  N N   A ARG A 1 46 ? 8.849   -4.624  12.582  0.54 23.22 ?  143 ARG A N   1 
ATOM   224  N N   B ARG A 1 46 ? 8.821   -4.619  12.588  0.46 23.28 ?  143 ARG A N   1 
ATOM   225  C CA  A ARG A 1 46 ? 9.285   -3.233  12.635  0.54 23.20 ?  143 ARG A CA  1 
ATOM   226  C CA  B ARG A 1 46 ? 9.241   -3.224  12.627  0.46 23.25 ?  143 ARG A CA  1 
ATOM   227  C C   A ARG A 1 46 ? 9.284   -2.595  11.251  0.54 27.57 ?  143 ARG A C   1 
ATOM   228  C C   B ARG A 1 46 ? 9.243   -2.600  11.237  0.46 27.56 ?  143 ARG A C   1 
ATOM   229  O O   A ARG A 1 46 ? 8.885   -1.433  11.096  0.54 24.06 ?  143 ARG A O   1 
ATOM   230  O O   B ARG A 1 46 ? 8.807   -1.456  11.064  0.46 24.09 ?  143 ARG A O   1 
ATOM   231  C CB  A ARG A 1 46 ? 10.668  -3.139  13.281  0.54 25.45 ?  143 ARG A CB  1 
ATOM   232  C CB  B ARG A 1 46 ? 10.616  -3.118  13.278  0.46 25.46 ?  143 ARG A CB  1 
ATOM   233  C CG  A ARG A 1 46 ? 10.643  -2.943  14.800  0.54 31.00 ?  143 ARG A CG  1 
ATOM   234  C CG  B ARG A 1 46 ? 10.630  -3.559  14.734  0.46 30.19 ?  143 ARG A CG  1 
ATOM   235  C CD  A ARG A 1 46 ? 10.939  -1.499  15.187  0.54 34.30 ?  143 ARG A CD  1 
ATOM   236  C CD  B ARG A 1 46 ? 11.891  -3.095  15.435  0.46 34.49 ?  143 ARG A CD  1 
ATOM   237  N NE  A ARG A 1 46 ? 10.563  -0.597  14.107  0.54 36.75 ?  143 ARG A NE  1 
ATOM   238  N NE  B ARG A 1 46 ? 12.046  -3.681  16.765  0.46 33.01 ?  143 ARG A NE  1 
ATOM   239  C CZ  A ARG A 1 46 ? 9.439   0.106   14.079  0.54 33.53 ?  143 ARG A CZ  1 
ATOM   240  C CZ  B ARG A 1 46 ? 13.219  -3.915  17.343  0.46 32.61 ?  143 ARG A CZ  1 
ATOM   241  N NH1 A ARG A 1 46 ? 9.172   0.885   13.040  0.54 26.41 ?  143 ARG A NH1 1 
ATOM   242  N NH1 B ARG A 1 46 ? 13.270  -4.442  18.552  0.46 35.65 ?  143 ARG A NH1 1 
ATOM   243  N NH2 A ARG A 1 46 ? 8.586   0.027   15.089  0.54 36.80 ?  143 ARG A NH2 1 
ATOM   244  N NH2 B ARG A 1 46 ? 14.346  -3.637  16.706  0.46 34.64 ?  143 ARG A NH2 1 
ATOM   245  N N   . LEU A 1 47 ? 9.733   -3.334  10.235  1.00 22.66 ?  144 LEU A N   1 
ATOM   246  C CA  . LEU A 1 47 ? 9.752   -2.800  8.879   1.00 23.23 ?  144 LEU A CA  1 
ATOM   247  C C   . LEU A 1 47 ? 8.335   -2.622  8.361   1.00 29.10 ?  144 LEU A C   1 
ATOM   248  O O   . LEU A 1 47 ? 8.040   -1.646  7.659   1.00 28.25 ?  144 LEU A O   1 
ATOM   249  C CB  . LEU A 1 47 ? 10.588  -3.729  7.980   1.00 25.03 ?  144 LEU A CB  1 
ATOM   250  C CG  . LEU A 1 47 ? 11.032  -3.251  6.591   1.00 29.57 ?  144 LEU A CG  1 
ATOM   251  C CD1 . LEU A 1 47 ? 11.660  -1.881  6.636   1.00 27.63 ?  144 LEU A CD1 1 
ATOM   252  C CD2 . LEU A 1 47 ? 11.982  -4.243  5.961   1.00 25.84 ?  144 LEU A CD2 1 
ATOM   253  N N   . GLY A 1 48 ? 7.441   -3.551  8.717   1.00 27.04 ?  145 GLY A N   1 
ATOM   254  C CA  . GLY A 1 48 ? 6.036   -3.410  8.359   1.00 28.86 ?  145 GLY A CA  1 
ATOM   255  C C   . GLY A 1 48 ? 5.402   -2.160  8.940   1.00 27.00 ?  145 GLY A C   1 
ATOM   256  O O   . GLY A 1 48 ? 4.656   -1.461  8.251   1.00 33.24 ?  145 GLY A O   1 
ATOM   257  N N   . GLU A 1 49 ? 5.702   -1.849  10.207  1.00 26.17 ?  146 GLU A N   1 
ATOM   258  C CA  . GLU A 1 49 ? 5.212   -0.606  10.798  1.00 27.29 ?  146 GLU A CA  1 
ATOM   259  C C   . GLU A 1 49 ? 5.772   0.605   10.065  1.00 29.69 ?  146 GLU A C   1 
ATOM   260  O O   . GLU A 1 49 ? 5.035   1.538   9.729   1.00 30.46 ?  146 GLU A O   1 
ATOM   261  C CB  . GLU A 1 49 ? 5.555   -0.541  12.289  1.00 30.88 ?  146 GLU A CB  1 
ATOM   262  C CG  . GLU A 1 49 ? 4.793   -1.541  13.141  1.00 40.97 ?  146 GLU A CG  1 
ATOM   263  C CD  . GLU A 1 49 ? 5.512   -1.888  14.432  1.00 44.12 ?  146 GLU A CD  1 
ATOM   264  O OE1 . GLU A 1 49 ? 6.583   -1.302  14.700  1.00 47.64 ?  146 GLU A OE1 1 
ATOM   265  O OE2 . GLU A 1 49 ? 5.006   -2.751  15.184  1.00 51.78 ?  146 GLU A OE2 1 
ATOM   266  N N   . GLU A 1 50 ? 7.070   0.596   9.766   1.00 25.30 ?  147 GLU A N   1 
ATOM   267  C CA  . GLU A 1 50 ? 7.682   1.775   9.163   1.00 26.84 ?  147 GLU A CA  1 
ATOM   268  C C   . GLU A 1 50 ? 7.168   2.013   7.748   1.00 30.29 ?  147 GLU A C   1 
ATOM   269  O O   . GLU A 1 50 ? 6.981   3.165   7.333   1.00 33.77 ?  147 GLU A O   1 
ATOM   270  C CB  . GLU A 1 50 ? 9.206   1.653   9.188   1.00 29.67 ?  147 GLU A CB  1 
ATOM   271  C CG  . GLU A 1 50 ? 9.920   2.987   9.097   1.00 48.36 ?  147 GLU A CG  1 
ATOM   272  C CD  . GLU A 1 50 ? 9.605   3.887   10.283  1.00 56.23 ?  147 GLU A CD  1 
ATOM   273  O OE1 . GLU A 1 50 ? 9.508   3.373   11.422  1.00 49.46 ?  147 GLU A OE1 1 
ATOM   274  O OE2 . GLU A 1 50 ? 9.455   5.109   10.074  1.00 63.92 ?  147 GLU A OE2 1 
ATOM   275  N N   . LEU A 1 51 ? 6.918   0.945   7.002   1.00 24.40 ?  148 LEU A N   1 
ATOM   276  C CA  . LEU A 1 51 ? 6.411   1.045   5.643   1.00 23.34 ?  148 LEU A CA  1 
ATOM   277  C C   . LEU A 1 51 ? 4.896   1.092   5.594   1.00 25.79 ?  148 LEU A C   1 
ATOM   278  O O   . LEU A 1 51 ? 4.336   1.238   4.503   1.00 28.95 ?  148 LEU A O   1 
ATOM   279  C CB  . LEU A 1 51 ? 6.908   -0.130  4.802   1.00 24.96 ?  148 LEU A CB  1 
ATOM   280  C CG  . LEU A 1 51 ? 8.426   -0.206  4.594   1.00 25.51 ?  148 LEU A CG  1 
ATOM   281  C CD1 . LEU A 1 51 ? 8.797   -1.495  3.863   1.00 26.94 ?  148 LEU A CD1 1 
ATOM   282  C CD2 . LEU A 1 51 ? 8.946   1.016   3.837   1.00 23.90 ?  148 LEU A CD2 1 
ATOM   283  N N   . LYS A 1 52 ? 4.238   0.965   6.747   1.00 24.58 ?  149 LYS A N   1 
ATOM   284  C CA  . LYS A 1 52 ? 2.777   1.006   6.855   1.00 24.69 ?  149 LYS A CA  1 
ATOM   285  C C   . LYS A 1 52 ? 2.106   -0.138  6.100   1.00 32.82 ?  149 LYS A C   1 
ATOM   286  O O   . LYS A 1 52 ? 0.995   0.007   5.587   1.00 31.56 ?  149 LYS A O   1 
ATOM   287  C CB  . LYS A 1 52 ? 2.202   2.377   6.471   1.00 29.43 ?  149 LYS A CB  1 
ATOM   288  C CG  . LYS A 1 52 ? 2.728   3.497   7.344   1.00 30.05 ?  149 LYS A CG  1 
ATOM   289  C CD  . LYS A 1 52 ? 2.192   4.852   6.906   1.00 36.89 ?  149 LYS A CD  1 
ATOM   290  C CE  . LYS A 1 52 ? 3.274   5.912   7.011   1.00 48.22 ?  149 LYS A CE  1 
ATOM   291  N NZ  . LYS A 1 52 ? 3.597   6.261   8.419   1.00 55.98 ?  149 LYS A NZ  1 
ATOM   292  N N   . ILE A 1 53 ? 2.761   -1.295  6.031   1.00 28.28 ?  150 ILE A N   1 
ATOM   293  C CA  . ILE A 1 53 ? 2.186   -2.448  5.348   1.00 29.44 ?  150 ILE A CA  1 
ATOM   294  C C   . ILE A 1 53 ? 1.711   -3.531  6.295   1.00 26.36 ?  150 ILE A C   1 
ATOM   295  O O   . ILE A 1 53 ? 1.160   -4.539  5.829   1.00 30.62 ?  150 ILE A O   1 
ATOM   296  C CB  . ILE A 1 53 ? 3.101   -3.024  4.249   1.00 31.39 ?  150 ILE A CB  1 
ATOM   297  C CG1 . ILE A 1 53 ? 4.438   -3.505  4.824   1.00 25.67 ?  150 ILE A CG1 1 
ATOM   298  C CG2 . ILE A 1 53 ? 3.335   -1.994  3.160   1.00 27.05 ?  150 ILE A CG2 1 
ATOM   299  C CD1 . ILE A 1 53 ? 5.262   -4.254  3.811   1.00 28.76 ?  150 ILE A CD1 1 
ATOM   300  N N   . GLY A 1 54 ? 1.889   -3.365  7.600   1.00 27.61 ?  151 GLY A N   1 
ATOM   301  C CA  . GLY A 1 54 ? 1.462   -4.362  8.562   1.00 28.67 ?  151 GLY A CA  1 
ATOM   302  C C   . GLY A 1 54 ? 2.455   -5.505  8.688   1.00 29.06 ?  151 GLY A C   1 
ATOM   303  O O   . GLY A 1 54 ? 3.424   -5.620  7.938   1.00 32.22 ?  151 GLY A O   1 
ATOM   304  N N   . TYR A 1 55 ? 2.205   -6.371  9.669   1.00 30.61 ?  152 TYR A N   1 
ATOM   305  C CA  . TYR A 1 55 ? 3.031   -7.563  9.809   1.00 29.17 ?  152 TYR A CA  1 
ATOM   306  C C   . TYR A 1 55 ? 2.631   -8.597  8.763   1.00 28.46 ?  152 TYR A C   1 
ATOM   307  O O   . TYR A 1 55 ? 1.442   -8.801  8.483   1.00 30.74 ?  152 TYR A O   1 
ATOM   308  C CB  . TYR A 1 55 ? 2.925   -8.192  11.204  1.00 34.19 ?  152 TYR A CB  1 
ATOM   309  C CG  . TYR A 1 55 ? 3.631   -9.516  11.191  1.00 31.87 ?  152 TYR A CG  1 
ATOM   310  C CD1 . TYR A 1 55 ? 5.013   -9.569  11.182  1.00 30.34 ?  152 TYR A CD1 1 
ATOM   311  C CD2 . TYR A 1 55 ? 2.926   -10.706 11.048  1.00 28.25 ?  152 TYR A CD2 1 
ATOM   312  C CE1 . TYR A 1 55 ? 5.683   -10.759 11.114  1.00 26.68 ?  152 TYR A CE1 1 
ATOM   313  C CE2 . TYR A 1 55 ? 3.587   -11.914 10.968  1.00 28.85 ?  152 TYR A CE2 1 
ATOM   314  C CZ  . TYR A 1 55 ? 4.966   -11.930 11.000  1.00 29.22 ?  152 TYR A CZ  1 
ATOM   315  O OH  . TYR A 1 55 ? 5.643   -13.117 10.917  1.00 28.27 ?  152 TYR A OH  1 
ATOM   316  N N   . ALA A 1 56 ? 3.632   -9.267  8.194   1.00 27.19 ?  153 ALA A N   1 
ATOM   317  C CA  . ALA A 1 56 ? 3.397   -10.361 7.265   1.00 25.22 ?  153 ALA A CA  1 
ATOM   318  C C   . ALA A 1 56 ? 4.527   -11.361 7.428   1.00 22.19 ?  153 ALA A C   1 
ATOM   319  O O   . ALA A 1 56 ? 5.618   -11.015 7.892   1.00 25.70 ?  153 ALA A O   1 
ATOM   320  C CB  . ALA A 1 56 ? 3.390   -9.869  5.813   1.00 29.51 ?  153 ALA A CB  1 
ATOM   321  N N   . ASN A 1 57 ? 4.272   -12.607 7.023   1.00 23.41 ?  154 ASN A N   1 
ATOM   322  C CA  . ASN A 1 57 ? 5.386   -13.525 6.831   1.00 23.20 ?  154 ASN A CA  1 
ATOM   323  C C   . ASN A 1 57 ? 6.179   -13.125 5.591   1.00 25.11 ?  154 ASN A C   1 
ATOM   324  O O   . ASN A 1 57 ? 5.820   -12.202 4.859   1.00 22.67 ?  154 ASN A O   1 
ATOM   325  C CB  . ASN A 1 57 ? 4.933   -14.989 6.814   1.00 24.90 ?  154 ASN A CB  1 
ATOM   326  C CG  . ASN A 1 57 ? 4.027   -15.330 5.636   1.00 24.84 ?  154 ASN A CG  1 
ATOM   327  O OD1 . ASN A 1 57 ? 4.128   -14.763 4.545   1.00 23.35 ?  154 ASN A OD1 1 
ATOM   328  N ND2 . ASN A 1 57 ? 3.169   -16.310 5.842   1.00 28.99 ?  154 ASN A ND2 1 
ATOM   329  N N   . GLY A 1 58 ? 7.288   -13.820 5.349   1.00 20.13 ?  155 GLY A N   1 
ATOM   330  C CA  . GLY A 1 58 ? 8.153   -13.429 4.251   1.00 23.24 ?  155 GLY A CA  1 
ATOM   331  C C   . GLY A 1 58 ? 7.459   -13.474 2.897   1.00 22.31 ?  155 GLY A C   1 
ATOM   332  O O   . GLY A 1 58 ? 7.634   -12.572 2.077   1.00 22.06 ?  155 GLY A O   1 
ATOM   333  N N   A ARG A 1 59 ? 6.678   -14.531 2.654   0.45 23.23 ?  156 ARG A N   1 
ATOM   334  N N   C ARG A 1 59 ? 6.683   -14.533 2.649   0.55 23.22 ?  156 ARG A N   1 
ATOM   335  C CA  A ARG A 1 59 ? 5.999   -14.658 1.367   0.45 24.75 ?  156 ARG A CA  1 
ATOM   336  C CA  C ARG A 1 59 ? 6.000   -14.649 1.363   0.55 24.73 ?  156 ARG A CA  1 
ATOM   337  C C   A ARG A 1 59 ? 4.986   -13.537 1.170   0.45 26.70 ?  156 ARG A C   1 
ATOM   338  C C   C ARG A 1 59 ? 4.995   -13.518 1.174   0.55 26.71 ?  156 ARG A C   1 
ATOM   339  O O   A ARG A 1 59 ? 4.942   -12.908 0.105   0.45 24.62 ?  156 ARG A O   1 
ATOM   340  O O   C ARG A 1 59 ? 4.966   -12.863 0.125   0.55 24.60 ?  156 ARG A O   1 
ATOM   341  C CB  A ARG A 1 59 ? 5.323   -16.027 1.275   0.45 26.20 ?  156 ARG A CB  1 
ATOM   342  C CB  C ARG A 1 59 ? 5.318   -16.015 1.256   0.55 26.19 ?  156 ARG A CB  1 
ATOM   343  C CG  A ARG A 1 59 ? 4.992   -16.465 -0.136  0.45 31.18 ?  156 ARG A CG  1 
ATOM   344  C CG  C ARG A 1 59 ? 4.427   -16.156 0.043   0.55 28.48 ?  156 ARG A CG  1 
ATOM   345  C CD  A ARG A 1 59 ? 5.695   -17.774 -0.491  0.45 33.52 ?  156 ARG A CD  1 
ATOM   346  C CD  C ARG A 1 59 ? 4.150   -17.622 -0.284  0.55 29.16 ?  156 ARG A CD  1 
ATOM   347  N NE  A ARG A 1 59 ? 5.362   -18.861 0.428   0.45 34.96 ?  156 ARG A NE  1 
ATOM   348  N NE  C ARG A 1 59 ? 3.424   -17.755 -1.544  0.55 38.72 ?  156 ARG A NE  1 
ATOM   349  C CZ  A ARG A 1 59 ? 6.223   -19.419 1.276   0.45 30.55 ?  156 ARG A CZ  1 
ATOM   350  C CZ  C ARG A 1 59 ? 3.988   -17.958 -2.730  0.55 40.97 ?  156 ARG A CZ  1 
ATOM   351  N NH1 A ARG A 1 59 ? 7.484   -18.993 1.332   0.45 19.99 ?  156 ARG A NH1 1 
ATOM   352  N NH1 C ARG A 1 59 ? 3.224   -18.049 -3.812  0.55 41.96 ?  156 ARG A NH1 1 
ATOM   353  N NH2 A ARG A 1 59 ? 5.818   -20.408 2.069   0.45 26.40 ?  156 ARG A NH2 1 
ATOM   354  N NH2 C ARG A 1 59 ? 5.305   -18.079 -2.842  0.55 36.37 ?  156 ARG A NH2 1 
ATOM   355  N N   . GLN A 1 60 ? 4.180   -13.260 2.199   1.00 24.18 ?  157 GLN A N   1 
ATOM   356  C CA  . GLN A 1 60 ? 3.215   -12.168 2.128   1.00 23.26 ?  157 GLN A CA  1 
ATOM   357  C C   . GLN A 1 60 ? 3.905   -10.811 2.082   1.00 23.91 ?  157 GLN A C   1 
ATOM   358  O O   . GLN A 1 60 ? 3.429   -9.882  1.412   1.00 25.34 ?  157 GLN A O   1 
ATOM   359  C CB  . GLN A 1 60 ? 2.276   -12.233 3.335   1.00 27.58 ?  157 GLN A CB  1 
ATOM   360  C CG  . GLN A 1 60 ? 1.495   -13.503 3.476   1.00 34.67 ?  157 GLN A CG  1 
ATOM   361  C CD  . GLN A 1 60 ? 0.934   -13.683 4.889   1.00 46.41 ?  157 GLN A CD  1 
ATOM   362  O OE1 . GLN A 1 60 ? 1.432   -13.089 5.856   1.00 37.49 ?  157 GLN A OE1 1 
ATOM   363  N NE2 . GLN A 1 60 ? -0.115  -14.496 5.011   1.00 35.93 ?  157 GLN A NE2 1 
ATOM   364  N N   . PHE A 1 61 ? 5.014   -10.664 2.813   1.00 22.78 ?  158 PHE A N   1 
ATOM   365  C CA  . PHE A 1 61 ? 5.739   -9.399  2.796   1.00 21.81 ?  158 PHE A CA  1 
ATOM   366  C C   . PHE A 1 61 ? 6.218   -9.070  1.385   1.00 22.89 ?  158 PHE A C   1 
ATOM   367  O O   . PHE A 1 61 ? 6.089   -7.927  0.921   1.00 22.98 ?  158 PHE A O   1 
ATOM   368  C CB  . PHE A 1 61 ? 6.911   -9.501  3.786   1.00 21.77 ?  158 PHE A CB  1 
ATOM   369  C CG  . PHE A 1 61 ? 7.534   -8.186  4.144   1.00 22.53 ?  158 PHE A CG  1 
ATOM   370  C CD1 . PHE A 1 61 ? 8.517   -7.628  3.344   1.00 24.93 ?  158 PHE A CD1 1 
ATOM   371  C CD2 . PHE A 1 61 ? 7.176   -7.528  5.309   1.00 27.93 ?  158 PHE A CD2 1 
ATOM   372  C CE1 . PHE A 1 61 ? 9.112   -6.418  3.682   1.00 27.92 ?  158 PHE A CE1 1 
ATOM   373  C CE2 . PHE A 1 61 ? 7.769   -6.311  5.653   1.00 27.30 ?  158 PHE A CE2 1 
ATOM   374  C CZ  . PHE A 1 61 ? 8.730   -5.764  4.842   1.00 24.27 ?  158 PHE A CZ  1 
ATOM   375  N N   . HIS A 1 62 ? 6.769   -10.068 0.692   1.00 18.91 ?  159 HIS A N   1 
ATOM   376  C CA  . HIS A 1 62 ? 7.232   -9.920  -0.679  1.00 20.16 ?  159 HIS A CA  1 
ATOM   377  C C   . HIS A 1 62 ? 6.097   -9.468  -1.585  1.00 24.72 ?  159 HIS A C   1 
ATOM   378  O O   . HIS A 1 62 ? 6.250   -8.532  -2.375  1.00 24.08 ?  159 HIS A O   1 
ATOM   379  C CB  . HIS A 1 62 ? 7.774   -11.274 -1.139  1.00 24.18 ?  159 HIS A CB  1 
ATOM   380  C CG  . HIS A 1 62 ? 8.117   -11.333 -2.588  1.00 27.07 ?  159 HIS A CG  1 
ATOM   381  N ND1 . HIS A 1 62 ? 7.302   -11.939 -3.519  1.00 36.66 ?  159 HIS A ND1 1 
ATOM   382  C CD2 . HIS A 1 62 ? 9.178   -10.846 -3.273  1.00 28.35 ?  159 HIS A CD2 1 
ATOM   383  C CE1 . HIS A 1 62 ? 7.852   -11.832 -4.715  1.00 42.27 ?  159 HIS A CE1 1 
ATOM   384  N NE2 . HIS A 1 62 ? 8.993   -11.178 -4.593  1.00 36.07 ?  159 HIS A NE2 1 
ATOM   385  N N   . LYS A 1 63 ? 4.938   -10.115 -1.453  1.00 23.82 ?  160 LYS A N   1 
ATOM   386  C CA  . LYS A 1 63 ? 3.792   -9.753  -2.277  1.00 22.61 ?  160 LYS A CA  1 
ATOM   387  C C   . LYS A 1 63 ? 3.346   -8.324  -2.000  1.00 22.37 ?  160 LYS A C   1 
ATOM   388  O O   . LYS A 1 63 ? 3.040   -7.566  -2.933  1.00 23.89 ?  160 LYS A O   1 
ATOM   389  C CB  . LYS A 1 63 ? 2.647   -10.732 -2.017  1.00 22.59 ?  160 LYS A CB  1 
ATOM   390  C CG  . LYS A 1 63 ? 2.869   -12.165 -2.487  1.00 31.05 ?  160 LYS A CG  1 
ATOM   391  C CD  . LYS A 1 63 ? 3.962   -12.291 -3.536  1.00 42.88 ?  160 LYS A CD  1 
ATOM   392  C CE  . LYS A 1 63 ? 4.506   -13.722 -3.602  1.00 45.43 ?  160 LYS A CE  1 
ATOM   393  N NZ  . LYS A 1 63 ? 5.453   -14.025 -2.479  1.00 39.89 ?  160 LYS A NZ  1 
ATOM   394  N N   . ARG A 1 64 ? 3.316   -7.931  -0.720  1.00 21.90 ?  161 ARG A N   1 
ATOM   395  C CA  . ARG A 1 64 ? 2.838   -6.593  -0.366  1.00 21.06 ?  161 ARG A CA  1 
ATOM   396  C C   . ARG A 1 64 ? 3.769   -5.495  -0.879  1.00 24.74 ?  161 ARG A C   1 
ATOM   397  O O   . ARG A 1 64 ? 3.310   -4.430  -1.319  1.00 22.00 ?  161 ARG A O   1 
ATOM   398  C CB  . ARG A 1 64 ? 2.563   -6.501  1.135   1.00 21.48 ?  161 ARG A CB  1 
ATOM   399  C CG  . ARG A 1 64 ? 1.356   -7.384  1.537   1.00 26.54 ?  161 ARG A CG  1 
ATOM   400  C CD  . ARG A 1 64 ? 1.111   -7.503  3.038   1.00 35.30 ?  161 ARG A CD  1 
ATOM   401  N NE  . ARG A 1 64 ? 0.562   -6.297  3.652   1.00 39.76 ?  161 ARG A NE  1 
ATOM   402  C CZ  . ARG A 1 64 ? -0.711  -5.904  3.571   1.00 34.31 ?  161 ARG A CZ  1 
ATOM   403  N NH1 . ARG A 1 64 ? -1.097  -4.799  4.194   1.00 35.81 ?  161 ARG A NH1 1 
ATOM   404  N NH2 . ARG A 1 64 ? -1.599  -6.603  2.871   1.00 36.76 ?  161 ARG A NH2 1 
ATOM   405  N N   . LEU A 1 65 ? 5.077   -5.735  -0.862  1.00 21.59 ?  162 LEU A N   1 
ATOM   406  C CA  . LEU A 1 65 ? 5.999   -4.755  -1.429  1.00 19.83 ?  162 LEU A CA  1 
ATOM   407  C C   . LEU A 1 65 ? 5.680   -4.493  -2.897  1.00 21.77 ?  162 LEU A C   1 
ATOM   408  O O   . LEU A 1 65 ? 5.770   -3.350  -3.369  1.00 22.64 ?  162 LEU A O   1 
ATOM   409  C CB  . LEU A 1 65 ? 7.433   -5.282  -1.309  1.00 22.52 ?  162 LEU A CB  1 
ATOM   410  C CG  . LEU A 1 65 ? 8.118   -5.324  0.051   1.00 25.43 ?  162 LEU A CG  1 
ATOM   411  C CD1 . LEU A 1 65 ? 9.491   -5.991  -0.149  1.00 23.56 ?  162 LEU A CD1 1 
ATOM   412  C CD2 . LEU A 1 65 ? 8.269   -3.954  0.702   1.00 25.32 ?  162 LEU A CD2 1 
ATOM   413  N N   . LYS A 1 66 ? 5.311   -5.539  -3.639  1.00 20.69 ?  163 LYS A N   1 
ATOM   414  C CA  . LYS A 1 66 ? 4.976   -5.367  -5.044  1.00 23.18 ?  163 LYS A CA  1 
ATOM   415  C C   . LYS A 1 66 ? 3.608   -4.704  -5.213  1.00 23.64 ?  163 LYS A C   1 
ATOM   416  O O   . LYS A 1 66 ? 3.472   -3.753  -5.991  1.00 27.71 ?  163 LYS A O   1 
ATOM   417  C CB  . LYS A 1 66 ? 4.995   -6.721  -5.748  1.00 28.85 ?  163 LYS A CB  1 
ATOM   418  C CG  . LYS A 1 66 ? 4.798   -6.603  -7.250  1.00 37.21 ?  163 LYS A CG  1 
ATOM   419  C CD  . LYS A 1 66 ? 4.792   -7.959  -7.939  1.00 51.44 ?  163 LYS A CD  1 
ATOM   420  C CE  . LYS A 1 66 ? 3.792   -7.995  -9.088  1.00 57.43 ?  163 LYS A CE  1 
ATOM   421  N NZ  . LYS A 1 66 ? 2.718   -9.004  -8.877  1.00 59.51 ?  163 LYS A NZ  1 
ATOM   422  N N   . VAL A 1 67 ? 2.600   -5.171  -4.474  1.00 22.45 ?  164 VAL A N   1 
ATOM   423  C CA  . VAL A 1 67 ? 1.240   -4.638  -4.616  1.00 23.23 ?  164 VAL A CA  1 
ATOM   424  C C   . VAL A 1 67 ? 1.214   -3.148  -4.328  1.00 26.09 ?  164 VAL A C   1 
ATOM   425  O O   . VAL A 1 67 ? 0.554   -2.365  -5.035  1.00 24.75 ?  164 VAL A O   1 
ATOM   426  C CB  . VAL A 1 67 ? 0.279   -5.408  -3.696  1.00 24.26 ?  164 VAL A CB  1 
ATOM   427  C CG1 . VAL A 1 67 ? -1.074  -4.703  -3.604  1.00 27.50 ?  164 VAL A CG1 1 
ATOM   428  C CG2 . VAL A 1 67 ? 0.103   -6.825  -4.195  1.00 31.25 ?  164 VAL A CG2 1 
ATOM   429  N N   . PHE A 1 68 ? 1.902   -2.733  -3.275  1.00 22.03 ?  165 PHE A N   1 
ATOM   430  C CA  . PHE A 1 68 ? 1.926   -1.332  -2.872  1.00 22.29 ?  165 PHE A CA  1 
ATOM   431  C C   . PHE A 1 68 ? 3.020   -0.520  -3.562  1.00 23.72 ?  165 PHE A C   1 
ATOM   432  O O   . PHE A 1 68 ? 3.150   0.677   -3.271  1.00 27.13 ?  165 PHE A O   1 
ATOM   433  C CB  . PHE A 1 68 ? 2.009   -1.228  -1.343  1.00 21.31 ?  165 PHE A CB  1 
ATOM   434  C CG  . PHE A 1 68 ? 0.816   -1.839  -0.636  1.00 23.01 ?  165 PHE A CG  1 
ATOM   435  C CD1 . PHE A 1 68 ? -0.474  -1.430  -0.958  1.00 31.78 ?  165 PHE A CD1 1 
ATOM   436  C CD2 . PHE A 1 68 ? 0.968   -2.829  0.327   1.00 26.39 ?  165 PHE A CD2 1 
ATOM   437  C CE1 . PHE A 1 68 ? -1.569  -1.990  -0.327  1.00 30.13 ?  165 PHE A CE1 1 
ATOM   438  C CE2 . PHE A 1 68 ? -0.132  -3.392  0.966   1.00 29.42 ?  165 PHE A CE2 1 
ATOM   439  C CZ  . PHE A 1 68 ? -1.404  -2.966  0.633   1.00 30.74 ?  165 PHE A CZ  1 
ATOM   440  N N   . ARG A 1 69 ? 3.799   -1.128  -4.470  1.00 22.65 ?  166 ARG A N   1 
ATOM   441  C CA  . ARG A 1 69 ? 4.801   -0.422  -5.267  1.00 24.78 ?  166 ARG A CA  1 
ATOM   442  C C   . ARG A 1 69 ? 5.800   0.327   -4.386  1.00 25.13 ?  166 ARG A C   1 
ATOM   443  O O   . ARG A 1 69 ? 6.106   1.499   -4.615  1.00 27.62 ?  166 ARG A O   1 
ATOM   444  C CB  . ARG A 1 69 ? 4.150   0.510   -6.296  1.00 23.95 ?  166 ARG A CB  1 
ATOM   445  C CG  . ARG A 1 69 ? 3.198   -0.231  -7.224  1.00 32.07 ?  166 ARG A CG  1 
ATOM   446  C CD  . ARG A 1 69 ? 2.694   0.661   -8.341  1.00 39.04 ?  166 ARG A CD  1 
ATOM   447  N NE  . ARG A 1 69 ? 1.773   -0.062  -9.215  1.00 52.57 ?  166 ARG A NE  1 
ATOM   448  C CZ  . ARG A 1 69 ? 1.319   0.406   -10.373 1.00 57.02 ?  166 ARG A CZ  1 
ATOM   449  N NH1 . ARG A 1 69 ? 1.710   1.597   -10.806 1.00 57.25 ?  166 ARG A NH1 1 
ATOM   450  N NH2 . ARG A 1 69 ? 0.482   -0.323  -11.101 1.00 51.67 ?  166 ARG A NH2 1 
ATOM   451  N N   A ILE A 1 70 ? 6.307   -0.357  -3.366  0.29 24.70 ?  167 ILE A N   1 
ATOM   452  N N   B ILE A 1 70 ? 6.274   -0.358  -3.339  0.71 24.68 ?  167 ILE A N   1 
ATOM   453  C CA  A ILE A 1 70 ? 7.268   0.250   -2.450  0.29 23.96 ?  167 ILE A CA  1 
ATOM   454  C CA  B ILE A 1 70 ? 7.288   0.202   -2.450  0.71 24.04 ?  167 ILE A CA  1 
ATOM   455  C C   A ILE A 1 70 ? 8.639   0.253   -3.112  0.29 22.54 ?  167 ILE A C   1 
ATOM   456  C C   B ILE A 1 70 ? 8.618   0.253   -3.190  0.71 22.46 ?  167 ILE A C   1 
ATOM   457  O O   A ILE A 1 70 ? 9.160   -0.799  -3.493  0.29 24.87 ?  167 ILE A O   1 
ATOM   458  O O   B ILE A 1 70 ? 9.087   -0.761  -3.721  0.71 24.80 ?  167 ILE A O   1 
ATOM   459  C CB  A ILE A 1 70 ? 7.296   -0.488  -1.106  0.29 22.09 ?  167 ILE A CB  1 
ATOM   460  C CB  B ILE A 1 70 ? 7.401   -0.653  -1.178  0.71 22.09 ?  167 ILE A CB  1 
ATOM   461  C CG1 A ILE A 1 70 ? 6.016   -0.193  -0.328  0.29 24.70 ?  167 ILE A CG1 1 
ATOM   462  C CG1 B ILE A 1 70 ? 6.026   -0.876  -0.546  0.71 24.88 ?  167 ILE A CG1 1 
ATOM   463  C CG2 A ILE A 1 70 ? 8.513   -0.076  -0.299  0.29 22.69 ?  167 ILE A CG2 1 
ATOM   464  C CG2 B ILE A 1 70 ? 8.326   0.002   -0.175  0.71 22.73 ?  167 ILE A CG2 1 
ATOM   465  C CD1 A ILE A 1 70 ? 5.727   -1.207  0.723   0.29 24.15 ?  167 ILE A CD1 1 
ATOM   466  C CD1 B ILE A 1 70 ? 5.418   0.369   0.052   0.71 25.04 ?  167 ILE A CD1 1 
ATOM   467  N N   . SER A 1 71 ? 9.220   1.438   -3.250  1.00 26.21 ?  168 SER A N   1 
ATOM   468  C CA  . SER A 1 71 ? 10.473  1.583   -3.973  1.00 27.64 ?  168 SER A CA  1 
ATOM   469  C C   . SER A 1 71 ? 11.629  0.956   -3.208  1.00 26.81 ?  168 SER A C   1 
ATOM   470  O O   . SER A 1 71 ? 11.616  0.865   -1.980  1.00 24.80 ?  168 SER A O   1 
ATOM   471  C CB  . SER A 1 71 ? 10.797  3.060   -4.234  1.00 28.83 ?  168 SER A CB  1 
ATOM   472  O OG  . SER A 1 71 ? 11.104  3.765   -3.032  1.00 29.00 ?  168 SER A OG  1 
ATOM   473  N N   . ARG A 1 72 ? 12.639  0.534   -3.963  1.00 29.53 ?  169 ARG A N   1 
ATOM   474  C CA  . ARG A 1 72 ? 13.873  0.029   -3.368  1.00 25.49 ?  169 ARG A CA  1 
ATOM   475  C C   . ARG A 1 72 ? 14.451  1.035   -2.386  1.00 26.11 ?  169 ARG A C   1 
ATOM   476  O O   . ARG A 1 72 ? 14.865  0.674   -1.280  1.00 27.38 ?  169 ARG A O   1 
ATOM   477  C CB  . ARG A 1 72 ? 14.900  -0.231  -4.468  1.00 30.85 ?  169 ARG A CB  1 
ATOM   478  C CG  . ARG A 1 72 ? 14.416  -1.085  -5.591  1.00 36.71 ?  169 ARG A CG  1 
ATOM   479  C CD  . ARG A 1 72 ? 15.562  -1.601  -6.438  1.00 34.02 ?  169 ARG A CD  1 
ATOM   480  N NE  . ARG A 1 72 ? 15.263  -2.985  -6.727  1.00 28.25 ?  169 ARG A NE  1 
ATOM   481  C CZ  . ARG A 1 72 ? 15.773  -3.981  -6.019  1.00 21.11 ?  169 ARG A CZ  1 
ATOM   482  N NH1 . ARG A 1 72 ? 16.591  -3.699  -5.011  1.00 24.14 ?  169 ARG A NH1 1 
ATOM   483  N NH2 . ARG A 1 72 ? 15.427  -5.229  -6.270  1.00 23.98 ?  169 ARG A NH2 1 
ATOM   484  N N   . ASP A 1 73 ? 14.520  2.306   -2.792  1.00 27.75 ?  170 ASP A N   1 
ATOM   485  C CA  . ASP A 1 73 ? 15.088  3.340   -1.930  1.00 31.47 ?  170 ASP A CA  1 
ATOM   486  C C   . ASP A 1 73 ? 14.342  3.424   -0.607  1.00 28.24 ?  170 ASP A C   1 
ATOM   487  O O   . ASP A 1 73 ? 14.955  3.505   0.465   1.00 27.94 ?  170 ASP A O   1 
ATOM   488  C CB  . ASP A 1 73 ? 15.046  4.699   -2.633  1.00 40.79 ?  170 ASP A CB  1 
ATOM   489  C CG  . ASP A 1 73 ? 16.105  4.844   -3.708  1.00 49.01 ?  170 ASP A CG  1 
ATOM   490  O OD1 . ASP A 1 73 ? 16.964  3.946   -3.843  1.00 51.86 ?  170 ASP A OD1 1 
ATOM   491  O OD2 . ASP A 1 73 ? 16.091  5.878   -4.411  1.00 58.14 ?  170 ASP A OD2 1 
ATOM   492  N N   . ALA A 1 74 ? 13.011  3.399   -0.661  1.00 25.28 ?  171 ALA A N   1 
ATOM   493  C CA  . ALA A 1 74 ? 12.221  3.493   0.559   1.00 23.70 ?  171 ALA A CA  1 
ATOM   494  C C   . ALA A 1 74 ? 12.376  2.244   1.405   1.00 22.53 ?  171 ALA A C   1 
ATOM   495  O O   . ALA A 1 74 ? 12.427  2.323   2.636   1.00 21.70 ?  171 ALA A O   1 
ATOM   496  C CB  . ALA A 1 74 ? 10.747  3.686   0.213   1.00 27.70 ?  171 ALA A CB  1 
ATOM   497  N N   . PHE A 1 75 ? 12.421  1.079   0.764   1.00 21.69 ?  172 PHE A N   1 
ATOM   498  C CA  . PHE A 1 75 ? 12.575  -0.163  1.510   1.00 19.94 ?  172 PHE A CA  1 
ATOM   499  C C   . PHE A 1 75 ? 13.907  -0.181  2.263   1.00 20.08 ?  172 PHE A C   1 
ATOM   500  O O   . PHE A 1 75 ? 13.952  -0.469  3.465   1.00 19.60 ?  172 PHE A O   1 
ATOM   501  C CB  . PHE A 1 75 ? 12.473  -1.329  0.527   1.00 22.67 ?  172 PHE A CB  1 
ATOM   502  C CG  . PHE A 1 75 ? 12.778  -2.663  1.129   1.00 20.44 ?  172 PHE A CG  1 
ATOM   503  C CD1 . PHE A 1 75 ? 11.835  -3.324  1.903   1.00 24.43 ?  172 PHE A CD1 1 
ATOM   504  C CD2 . PHE A 1 75 ? 14.010  -3.263  0.925   1.00 21.12 ?  172 PHE A CD2 1 
ATOM   505  C CE1 . PHE A 1 75 ? 12.127  -4.558  2.464   1.00 27.83 ?  172 PHE A CE1 1 
ATOM   506  C CE2 . PHE A 1 75 ? 14.300  -4.504  1.487   1.00 24.62 ?  172 PHE A CE2 1 
ATOM   507  C CZ  . PHE A 1 75 ? 13.353  -5.143  2.260   1.00 23.31 ?  172 PHE A CZ  1 
ATOM   508  N N   . TYR A 1 76 ? 14.997  0.170   1.577   1.00 19.71 ?  173 TYR A N   1 
ATOM   509  C CA  . TYR A 1 76 ? 16.313  0.111   2.214   1.00 19.11 ?  173 TYR A CA  1 
ATOM   510  C C   . TYR A 1 76 ? 16.540  1.245   3.204   1.00 20.78 ?  173 TYR A C   1 
ATOM   511  O O   . TYR A 1 76 ? 17.284  1.068   4.177   1.00 21.18 ?  173 TYR A O   1 
ATOM   512  C CB  . TYR A 1 76 ? 17.421  -0.027  1.171   1.00 21.37 ?  173 TYR A CB  1 
ATOM   513  C CG  . TYR A 1 76 ? 17.464  -1.449  0.694   1.00 19.54 ?  173 TYR A CG  1 
ATOM   514  C CD1 . TYR A 1 76 ? 17.822  -2.476  1.579   1.00 19.70 ?  173 TYR A CD1 1 
ATOM   515  C CD2 . TYR A 1 76 ? 17.096  -1.787  -0.594  1.00 20.70 ?  173 TYR A CD2 1 
ATOM   516  C CE1 . TYR A 1 76 ? 17.809  -3.795  1.173   1.00 21.55 ?  173 TYR A CE1 1 
ATOM   517  C CE2 . TYR A 1 76 ? 17.095  -3.112  -1.015  1.00 20.00 ?  173 TYR A CE2 1 
ATOM   518  C CZ  . TYR A 1 76 ? 17.460  -4.104  -0.124  1.00 19.90 ?  173 TYR A CZ  1 
ATOM   519  O OH  . TYR A 1 76 ? 17.429  -5.411  -0.546  1.00 22.10 ?  173 TYR A OH  1 
ATOM   520  N N   . ALA A 1 77 ? 15.908  2.403   3.009   1.00 21.76 ?  174 ALA A N   1 
ATOM   521  C CA  . ALA A 1 77 ? 15.992  3.427   4.049   1.00 21.83 ?  174 ALA A CA  1 
ATOM   522  C C   . ALA A 1 77 ? 15.347  2.939   5.339   1.00 23.06 ?  174 ALA A C   1 
ATOM   523  O O   . ALA A 1 77 ? 15.918  3.074   6.430   1.00 24.14 ?  174 ALA A O   1 
ATOM   524  C CB  . ALA A 1 77 ? 15.335  4.722   3.578   1.00 24.90 ?  174 ALA A CB  1 
ATOM   525  N N   . ALA A 1 78 ? 14.164  2.334   5.225   1.00 20.60 ?  175 ALA A N   1 
ATOM   526  C CA  . ALA A 1 78 ? 13.479  1.817   6.399   1.00 20.95 ?  175 ALA A CA  1 
ATOM   527  C C   . ALA A 1 78 ? 14.255  0.662   7.009   1.00 22.18 ?  175 ALA A C   1 
ATOM   528  O O   . ALA A 1 78 ? 14.373  0.567   8.233   1.00 22.26 ?  175 ALA A O   1 
ATOM   529  C CB  . ALA A 1 78 ? 12.044  1.405   6.036   1.00 22.95 ?  175 ALA A CB  1 
ATOM   530  N N   . LEU A 1 79 ? 14.821  -0.209  6.169   1.00 19.07 ?  176 LEU A N   1 
ATOM   531  C CA  . LEU A 1 79 ? 15.607  -1.324  6.701   1.00 20.50 ?  176 LEU A CA  1 
ATOM   532  C C   . LEU A 1 79 ? 16.831  -0.836  7.468   1.00 22.37 ?  176 LEU A C   1 
ATOM   533  O O   . LEU A 1 79 ? 17.153  -1.377  8.525   1.00 20.32 ?  176 LEU A O   1 
ATOM   534  C CB  . LEU A 1 79 ? 16.019  -2.300  5.599   1.00 18.32 ?  176 LEU A CB  1 
ATOM   535  C CG  . LEU A 1 79 ? 16.749  -3.557  6.090   1.00 18.80 ?  176 LEU A CG  1 
ATOM   536  C CD1 . LEU A 1 79 ? 15.843  -4.424  6.986   1.00 24.40 ?  176 LEU A CD1 1 
ATOM   537  C CD2 . LEU A 1 79 ? 17.316  -4.352  4.899   1.00 20.27 ?  176 LEU A CD2 1 
ATOM   538  N N   . ALA A 1 80 ? 17.528  0.178   6.952   1.00 20.49 ?  177 ALA A N   1 
ATOM   539  C CA  . ALA A 1 80 ? 18.682  0.711   7.664   1.00 19.83 ?  177 ALA A CA  1 
ATOM   540  C C   . ALA A 1 80 ? 18.285  1.289   9.018   1.00 21.37 ?  177 ALA A C   1 
ATOM   541  O O   . ALA A 1 80 ? 19.012  1.115   10.002  1.00 24.50 ?  177 ALA A O   1 
ATOM   542  C CB  . ALA A 1 80 ? 19.399  1.759   6.806   1.00 18.46 ?  177 ALA A CB  1 
ATOM   543  N N   . GLN A 1 81 ? 17.138  1.975   9.084   1.00 23.77 ?  178 GLN A N   1 
ATOM   544  C CA  . GLN A 1 81 ? 16.675  2.541   10.351  1.00 26.21 ?  178 GLN A CA  1 
ATOM   545  C C   . GLN A 1 81 ? 16.375  1.439   11.357  1.00 26.52 ?  178 GLN A C   1 
ATOM   546  O O   . GLN A 1 81 ? 16.778  1.512   12.525  1.00 27.55 ?  178 GLN A O   1 
ATOM   547  C CB  . GLN A 1 81 ? 15.439  3.404   10.096  1.00 29.53 ?  178 GLN A CB  1 
ATOM   548  C CG  . GLN A 1 81 ? 14.741  3.926   11.347  1.00 36.76 ?  178 GLN A CG  1 
ATOM   549  C CD  . GLN A 1 81 ? 13.465  4.686   11.011  1.00 51.62 ?  178 GLN A CD  1 
ATOM   550  O OE1 . GLN A 1 81 ? 13.353  5.288   9.939   1.00 52.68 ?  178 GLN A OE1 1 
ATOM   551  N NE2 . GLN A 1 81 ? 12.498  4.664   11.924  1.00 56.60 ?  178 GLN A NE2 1 
ATOM   552  N N   . VAL A 1 82 ? 15.695  0.387   10.911  1.00 24.44 ?  179 VAL A N   1 
ATOM   553  C CA  . VAL A 1 82 ? 15.394  -0.745  11.779  1.00 23.83 ?  179 VAL A CA  1 
ATOM   554  C C   . VAL A 1 82 ? 16.680  -1.393  12.281  1.00 27.18 ?  179 VAL A C   1 
ATOM   555  O O   . VAL A 1 82 ? 16.796  -1.756  13.458  1.00 29.73 ?  179 VAL A O   1 
ATOM   556  C CB  . VAL A 1 82 ? 14.492  -1.742  11.026  1.00 22.70 ?  179 VAL A CB  1 
ATOM   557  C CG1 . VAL A 1 82 ? 14.444  -3.080  11.745  1.00 30.19 ?  179 VAL A CG1 1 
ATOM   558  C CG2 . VAL A 1 82 ? 13.089  -1.131  10.820  1.00 24.98 ?  179 VAL A CG2 1 
ATOM   559  N N   . MET A 1 83 ? 17.673  -1.538  11.403  1.00 22.86 ?  180 MET A N   1 
ATOM   560  C CA  . MET A 1 83 ? 18.932  -2.167  11.791  1.00 22.04 ?  180 MET A CA  1 
ATOM   561  C C   . MET A 1 83 ? 19.756  -1.262  12.693  1.00 30.31 ?  180 MET A C   1 
ATOM   562  O O   . MET A 1 83 ? 20.493  -1.752  13.558  1.00 33.13 ?  180 MET A O   1 
ATOM   563  C CB  . MET A 1 83 ? 19.740  -2.570  10.551  1.00 24.29 ?  180 MET A CB  1 
ATOM   564  C CG  . MET A 1 83 ? 19.133  -3.705  9.713   1.00 24.31 ?  180 MET A CG  1 
ATOM   565  S SD  . MET A 1 83 ? 18.717  -5.158  10.687  1.00 26.35 ?  180 MET A SD  1 
ATOM   566  C CE  . MET A 1 83 ? 20.343  -5.645  11.222  1.00 26.04 ?  180 MET A CE  1 
ATOM   567  N N   . ARG A 1 84 ? 19.643  0.051   12.508  1.00 27.00 ?  181 ARG A N   1 
ATOM   568  C CA  . ARG A 1 84 ? 20.330  0.985   13.394  1.00 30.87 ?  181 ARG A CA  1 
ATOM   569  C C   . ARG A 1 84 ? 19.807  0.865   14.821  1.00 34.70 ?  181 ARG A C   1 
ATOM   570  O O   . ARG A 1 84 ? 20.589  0.857   15.780  1.00 39.30 ?  181 ARG A O   1 
ATOM   571  C CB  . ARG A 1 84 ? 20.180  2.405   12.848  1.00 27.78 ?  181 ARG A CB  1 
ATOM   572  C CG  . ARG A 1 84 ? 20.941  3.458   13.614  1.00 38.42 ?  181 ARG A CG  1 
ATOM   573  C CD  . ARG A 1 84 ? 20.624  4.847   13.067  1.00 33.11 ?  181 ARG A CD  1 
ATOM   574  N NE  . ARG A 1 84 ? 21.088  5.895   13.972  1.00 33.16 ?  181 ARG A NE  1 
ATOM   575  C CZ  . ARG A 1 84 ? 22.367  6.210   14.128  1.00 35.98 ?  181 ARG A CZ  1 
ATOM   576  N NH1 . ARG A 1 84 ? 22.713  7.173   14.973  1.00 34.94 ?  181 ARG A NH1 1 
ATOM   577  N NH2 . ARG A 1 84 ? 23.301  5.554   13.444  1.00 33.90 ?  181 ARG A NH2 1 
ATOM   578  N N   . GLU A 1 85 ? 18.488  0.727   14.982  1.00 36.12 ?  182 GLU A N   1 
ATOM   579  C CA  . GLU A 1 85 ? 17.930  0.554   16.321  1.00 41.25 ?  182 GLU A CA  1 
ATOM   580  C C   . GLU A 1 85 ? 18.427  -0.722  16.989  1.00 45.92 ?  182 GLU A C   1 
ATOM   581  O O   . GLU A 1 85 ? 18.554  -0.765  18.220  1.00 48.80 ?  182 GLU A O   1 
ATOM   582  C CB  . GLU A 1 85 ? 16.403  0.610   16.292  1.00 39.50 ?  182 GLU A CB  1 
ATOM   583  C CG  . GLU A 1 85 ? 15.857  1.931   15.789  1.00 42.51 ?  182 GLU A CG  1 
ATOM   584  C CD  . GLU A 1 85 ? 14.371  1.884   15.494  1.00 54.06 ?  182 GLU A CD  1 
ATOM   585  O OE1 . GLU A 1 85 ? 13.791  2.963   15.243  1.00 51.27 ?  182 GLU A OE1 1 
ATOM   586  O OE2 . GLU A 1 85 ? 13.784  0.775   15.524  1.00 52.70 ?  182 GLU A OE2 1 
ATOM   587  N N   . GLU A 1 86 ? 18.721  -1.766  16.209  1.00 42.44 ?  183 GLU A N   1 
ATOM   588  C CA  . GLU A 1 86 ? 19.271  -2.982  16.801  1.00 39.56 ?  183 GLU A CA  1 
ATOM   589  C C   . GLU A 1 86 ? 20.647  -2.759  17.418  1.00 52.33 ?  183 GLU A C   1 
ATOM   590  O O   . GLU A 1 86 ? 21.050  -3.528  18.297  1.00 55.38 ?  183 GLU A O   1 
ATOM   591  C CB  . GLU A 1 86 ? 19.296  -4.139  15.789  1.00 41.81 ?  183 GLU A CB  1 
ATOM   592  C CG  . GLU A 1 86 ? 17.927  -4.784  15.572  1.00 43.60 ?  183 GLU A CG  1 
ATOM   593  C CD  . GLU A 1 86 ? 17.935  -5.957  14.587  1.00 29.93 ?  183 GLU A CD  1 
ATOM   594  O OE1 . GLU A 1 86 ? 18.989  -6.613  14.400  1.00 34.01 ?  183 GLU A OE1 1 
ATOM   595  O OE2 . GLU A 1 86 ? 16.857  -6.224  14.013  1.00 39.89 ?  183 GLU A OE2 1 
ATOM   596  N N   . ALA A 1 87 ? 21.369  -1.727  16.992  1.00 54.79 ?  184 ALA A N   1 
ATOM   597  C CA  . ALA A 1 87 ? 22.678  -1.416  17.561  1.00 53.74 ?  184 ALA A CA  1 
ATOM   598  C C   . ALA A 1 87 ? 22.578  -0.331  18.634  1.00 60.72 ?  184 ALA A C   1 
ATOM   599  O O   . ALA A 1 87 ? 22.122  -0.584  19.752  1.00 57.60 ?  184 ALA A O   1 
ATOM   600  C CB  . ALA A 1 87 ? 23.642  -0.990  16.467  1.00 56.84 ?  184 ALA A CB  1 
ATOM   601  N N   . GLU B 1 22 ? -27.441 8.554   -6.907  1.00 54.74 ?  119 GLU B N   1 
ATOM   602  C CA  . GLU B 1 22 ? -26.717 9.201   -5.816  1.00 52.35 ?  119 GLU B CA  1 
ATOM   603  C C   . GLU B 1 22 ? -25.210 9.076   -6.036  1.00 54.16 ?  119 GLU B C   1 
ATOM   604  O O   . GLU B 1 22 ? -24.575 8.163   -5.509  1.00 41.65 ?  119 GLU B O   1 
ATOM   605  C CB  . GLU B 1 22 ? -27.108 8.581   -4.472  1.00 43.08 ?  119 GLU B CB  1 
ATOM   606  N N   . GLU B 1 23 ? -24.650 10.005  -6.811  1.00 48.51 ?  120 GLU B N   1 
ATOM   607  C CA  . GLU B 1 23 ? -23.259 9.911   -7.230  1.00 50.01 ?  120 GLU B CA  1 
ATOM   608  C C   . GLU B 1 23 ? -22.308 10.164  -6.061  1.00 36.51 ?  120 GLU B C   1 
ATOM   609  O O   . GLU B 1 23 ? -22.682 10.699  -5.012  1.00 41.78 ?  120 GLU B O   1 
ATOM   610  C CB  . GLU B 1 23 ? -22.981 10.886  -8.373  1.00 47.85 ?  120 GLU B CB  1 
ATOM   611  C CG  . GLU B 1 23 ? -23.434 12.309  -8.094  1.00 59.79 ?  120 GLU B CG  1 
ATOM   612  C CD  . GLU B 1 23 ? -22.376 13.135  -7.388  1.00 60.74 ?  120 GLU B CD  1 
ATOM   613  O OE1 . GLU B 1 23 ? -21.185 12.755  -7.453  1.00 60.50 ?  120 GLU B OE1 1 
ATOM   614  O OE2 . GLU B 1 23 ? -22.731 14.166  -6.771  1.00 61.59 ?  120 GLU B OE2 1 
ATOM   615  N N   . ILE B 1 24 ? -21.055 9.773   -6.261  1.00 29.57 ?  121 ILE B N   1 
ATOM   616  C CA  . ILE B 1 24 ? -20.062 9.821   -5.194  1.00 26.84 ?  121 ILE B CA  1 
ATOM   617  C C   . ILE B 1 24 ? -19.562 11.251  -5.049  1.00 29.90 ?  121 ILE B C   1 
ATOM   618  O O   . ILE B 1 24 ? -18.948 11.803  -5.968  1.00 31.56 ?  121 ILE B O   1 
ATOM   619  C CB  . ILE B 1 24 ? -18.904 8.854   -5.465  1.00 27.15 ?  121 ILE B CB  1 
ATOM   620  C CG1 . ILE B 1 24 ? -19.420 7.419   -5.555  1.00 34.17 ?  121 ILE B CG1 1 
ATOM   621  C CG2 . ILE B 1 24 ? -17.886 8.949   -4.356  1.00 24.57 ?  121 ILE B CG2 1 
ATOM   622  C CD1 . ILE B 1 24 ? -19.213 6.802   -6.890  1.00 37.02 ?  121 ILE B CD1 1 
ATOM   623  N N   . THR B 1 25 ? -19.804 11.841  -3.886  1.00 23.88 ?  122 THR B N   1 
ATOM   624  C CA  . THR B 1 25 ? -19.425 13.229  -3.676  1.00 27.31 ?  122 THR B CA  1 
ATOM   625  C C   . THR B 1 25 ? -17.965 13.340  -3.237  1.00 25.29 ?  122 THR B C   1 
ATOM   626  O O   . THR B 1 25 ? -17.325 12.379  -2.782  1.00 22.88 ?  122 THR B O   1 
ATOM   627  C CB  . THR B 1 25 ? -20.292 13.864  -2.583  1.00 29.60 ?  122 THR B CB  1 
ATOM   628  O OG1 . THR B 1 25 ? -20.000 13.259  -1.316  1.00 28.97 ?  122 THR B OG1 1 
ATOM   629  C CG2 . THR B 1 25 ? -21.778 13.655  -2.879  1.00 30.15 ?  122 THR B CG2 1 
ATOM   630  N N   . PHE B 1 26 ? -17.441 14.555  -3.345  1.00 23.53 ?  123 PHE B N   1 
ATOM   631  C CA  . PHE B 1 26 ? -16.084 14.807  -2.878  1.00 21.41 ?  123 PHE B CA  1 
ATOM   632  C C   . PHE B 1 26 ? -15.978 14.614  -1.370  1.00 22.61 ?  123 PHE B C   1 
ATOM   633  O O   . PHE B 1 26 ? -14.983 14.068  -0.878  1.00 22.10 ?  123 PHE B O   1 
ATOM   634  C CB  . PHE B 1 26 ? -15.657 16.220  -3.266  1.00 24.68 ?  123 PHE B CB  1 
ATOM   635  C CG  . PHE B 1 26 ? -14.282 16.550  -2.828  1.00 30.53 ?  123 PHE B CG  1 
ATOM   636  C CD1 . PHE B 1 26 ? -13.198 15.981  -3.461  1.00 27.86 ?  123 PHE B CD1 1 
ATOM   637  C CD2 . PHE B 1 26 ? -14.070 17.409  -1.762  1.00 30.66 ?  123 PHE B CD2 1 
ATOM   638  C CE1 . PHE B 1 26 ? -11.906 16.270  -3.049  1.00 34.21 ?  123 PHE B CE1 1 
ATOM   639  C CE2 . PHE B 1 26 ? -12.796 17.709  -1.350  1.00 31.50 ?  123 PHE B CE2 1 
ATOM   640  C CZ  . PHE B 1 26 ? -11.711 17.137  -1.992  1.00 33.17 ?  123 PHE B CZ  1 
ATOM   641  N N   . ALA B 1 27 ? -16.994 15.049  -0.616  1.00 23.02 ?  124 ALA B N   1 
ATOM   642  C CA  . ALA B 1 27 ? -16.953 14.859  0.829   1.00 23.97 ?  124 ALA B CA  1 
ATOM   643  C C   . ALA B 1 27 ? -16.920 13.377  1.179   1.00 23.28 ?  124 ALA B C   1 
ATOM   644  O O   . ALA B 1 27 ? -16.248 12.975  2.134   1.00 21.80 ?  124 ALA B O   1 
ATOM   645  C CB  . ALA B 1 27 ? -18.138 15.557  1.499   1.00 26.38 ?  124 ALA B CB  1 
ATOM   646  N N   . GLU B 1 28 ? -17.614 12.551  0.395   1.00 21.11 ?  125 GLU B N   1 
ATOM   647  C CA  . GLU B 1 28 ? -17.574 11.110  0.594   1.00 19.15 ?  125 GLU B CA  1 
ATOM   648  C C   . GLU B 1 28 ? -16.169 10.564  0.444   1.00 20.17 ?  125 GLU B C   1 
ATOM   649  O O   . GLU B 1 28 ? -15.786 9.628   1.152   1.00 23.49 ?  125 GLU B O   1 
ATOM   650  C CB  . GLU B 1 28 ? -18.456 10.434  -0.449  1.00 28.38 ?  125 GLU B CB  1 
ATOM   651  C CG  . GLU B 1 28 ? -19.544 9.646   0.132   1.00 33.60 ?  125 GLU B CG  1 
ATOM   652  C CD  . GLU B 1 28 ? -20.434 9.080   -0.938  1.00 23.33 ?  125 GLU B CD  1 
ATOM   653  O OE1 . GLU B 1 28 ? -21.039 9.887   -1.699  1.00 29.13 ?  125 GLU B OE1 1 
ATOM   654  O OE2 . GLU B 1 28 ? -20.521 7.847   -1.002  1.00 28.20 -1 125 GLU B OE2 1 
ATOM   655  N N   . LEU B 1 29 ? -15.409 11.101  -0.514  1.00 19.54 ?  126 LEU B N   1 
ATOM   656  C CA  . LEU B 1 29 ? -14.043 10.635  -0.719  1.00 19.19 ?  126 LEU B CA  1 
ATOM   657  C C   . LEU B 1 29 ? -13.187 10.947  0.493   1.00 21.92 ?  126 LEU B C   1 
ATOM   658  O O   . LEU B 1 29 ? -12.295 10.167  0.858   1.00 22.00 ?  126 LEU B O   1 
ATOM   659  C CB  . LEU B 1 29 ? -13.450 11.311  -1.955  1.00 22.33 ?  126 LEU B CB  1 
ATOM   660  C CG  . LEU B 1 29 ? -14.134 10.989  -3.297  1.00 23.88 ?  126 LEU B CG  1 
ATOM   661  C CD1 . LEU B 1 29 ? -13.459 11.705  -4.454  1.00 28.11 ?  126 LEU B CD1 1 
ATOM   662  C CD2 . LEU B 1 29 ? -14.216 9.487   -3.546  1.00 24.32 ?  126 LEU B CD2 1 
ATOM   663  N N   . ILE B 1 30 ? -13.426 12.102  1.111   1.00 20.54 ?  127 ILE B N   1 
ATOM   664  C CA  . ILE B 1 30 ? -12.741 12.442  2.357   1.00 21.95 ?  127 ILE B CA  1 
ATOM   665  C C   . ILE B 1 30 ? -13.156 11.482  3.465   1.00 23.34 ?  127 ILE B C   1 
ATOM   666  O O   . ILE B 1 30 ? -12.308 10.939  4.193   1.00 25.17 ?  127 ILE B O   1 
ATOM   667  C CB  . ILE B 1 30 ? -13.016 13.908  2.730   1.00 23.41 ?  127 ILE B CB  1 
ATOM   668  C CG1 . ILE B 1 30 ? -12.480 14.839  1.646   1.00 26.46 ?  127 ILE B CG1 1 
ATOM   669  C CG2 . ILE B 1 30 ? -12.399 14.229  4.091   1.00 27.48 ?  127 ILE B CG2 1 
ATOM   670  C CD1 . ILE B 1 30 ? -12.904 16.272  1.796   1.00 26.02 ?  127 ILE B CD1 1 
ATOM   671  N N   . GLU B 1 31 ? -14.455 11.179  3.555   1.00 24.07 ?  128 GLU B N   1 
ATOM   672  C CA  . GLU B 1 31 ? -14.937 10.247  4.569   1.00 25.11 ?  128 GLU B CA  1 
ATOM   673  C C   . GLU B 1 31 ? -14.266 8.891   4.422   1.00 31.29 ?  128 GLU B C   1 
ATOM   674  O O   . GLU B 1 31 ? -14.013 8.198   5.414   1.00 37.22 ?  128 GLU B O   1 
ATOM   675  C CB  . GLU B 1 31 ? -16.449 10.058  4.426   1.00 26.45 ?  128 GLU B CB  1 
ATOM   676  C CG  . GLU B 1 31 ? -17.325 11.116  5.012   1.00 32.68 ?  128 GLU B CG  1 
ATOM   677  C CD  . GLU B 1 31 ? -18.783 10.676  4.971   1.00 38.92 ?  128 GLU B CD  1 
ATOM   678  O OE1 . GLU B 1 31 ? -19.377 10.420  6.041   1.00 50.67 ?  128 GLU B OE1 1 
ATOM   679  O OE2 . GLU B 1 31 ? -19.316 10.530  3.855   1.00 40.73 -1 128 GLU B OE2 1 
ATOM   680  N N   . ALA B 1 32 ? -13.981 8.495   3.183   1.00 24.10 ?  129 ALA B N   1 
ATOM   681  C CA  . ALA B 1 32 ? -13.419 7.190   2.853   1.00 25.79 ?  129 ALA B CA  1 
ATOM   682  C C   . ALA B 1 32 ? -11.909 7.136   3.000   1.00 29.42 ?  129 ALA B C   1 
ATOM   683  O O   . ALA B 1 32 ? -11.316 6.087   2.710   1.00 37.57 ?  129 ALA B O   1 
ATOM   684  C CB  . ALA B 1 32 ? -13.828 6.814   1.426   1.00 27.51 ?  129 ALA B CB  1 
ATOM   685  N N   . GLY B 1 33 ? -11.270 8.218   3.429   1.00 24.99 ?  130 GLY B N   1 
ATOM   686  C CA  . GLY B 1 33 ? -9.829  8.197   3.603   1.00 32.09 ?  130 GLY B CA  1 
ATOM   687  C C   . GLY B 1 33 ? -9.060  8.233   2.305   1.00 31.79 ?  130 GLY B C   1 
ATOM   688  O O   . GLY B 1 33 ? -7.949  7.698   2.236   1.00 29.81 ?  130 GLY B O   1 
ATOM   689  N N   . LEU B 1 34 ? -9.622  8.853   1.269   1.00 23.83 ?  131 LEU B N   1 
ATOM   690  C CA  . LEU B 1 34 ? -9.010  8.894   -0.053  1.00 21.70 ?  131 LEU B CA  1 
ATOM   691  C C   . LEU B 1 34 ? -8.423  10.245  -0.421  1.00 26.14 ?  131 LEU B C   1 
ATOM   692  O O   . LEU B 1 34 ? -7.889  10.386  -1.528  1.00 24.95 ?  131 LEU B O   1 
ATOM   693  C CB  . LEU B 1 34 ? -10.027 8.472   -1.120  1.00 22.58 ?  131 LEU B CB  1 
ATOM   694  C CG  . LEU B 1 34 ? -10.602 7.086   -0.900  1.00 20.69 ?  131 LEU B CG  1 
ATOM   695  C CD1 . LEU B 1 34 ? -11.732 6.839   -1.854  1.00 25.56 ?  131 LEU B CD1 1 
ATOM   696  C CD2 . LEU B 1 34 ? -9.485  6.042   -1.067  1.00 22.31 ?  131 LEU B CD2 1 
ATOM   697  N N   . VAL B 1 35 ? -8.524  11.243  0.451   1.00 26.21 ?  132 VAL B N   1 
ATOM   698  C CA  . VAL B 1 35 ? -7.991  12.573  0.222   1.00 26.13 ?  132 VAL B CA  1 
ATOM   699  C C   . VAL B 1 35 ? -7.125  12.921  1.421   1.00 34.17 ?  132 VAL B C   1 
ATOM   700  O O   . VAL B 1 35 ? -7.605  12.911  2.563   1.00 43.03 ?  132 VAL B O   1 
ATOM   701  C CB  . VAL B 1 35 ? -9.111  13.618  0.046   1.00 29.41 ?  132 VAL B CB  1 
ATOM   702  C CG1 . VAL B 1 35 ? -8.521  14.961  -0.387  1.00 38.61 ?  132 VAL B CG1 1 
ATOM   703  C CG2 . VAL B 1 35 ? -10.106 13.126  -0.970  1.00 33.02 ?  132 VAL B CG2 1 
ATOM   704  N N   . GLY B 1 36 ? -5.851  13.202  1.168   1.00 26.12 ?  133 GLY B N   1 
ATOM   705  C CA  . GLY B 1 36 ? -4.960  13.709  2.192   1.00 26.77 ?  133 GLY B CA  1 
ATOM   706  C C   . GLY B 1 36 ? -4.020  12.669  2.771   1.00 25.36 ?  133 GLY B C   1 
ATOM   707  O O   . GLY B 1 36 ? -4.459  11.786  3.513   1.00 26.64 ?  133 GLY B O   1 
ATOM   708  N N   . GLY B 1 37 ? -2.740  12.757  2.433   1.00 27.27 ?  134 GLY B N   1 
ATOM   709  C CA  . GLY B 1 37 ? -1.719  11.967  3.102   1.00 27.74 ?  134 GLY B CA  1 
ATOM   710  C C   . GLY B 1 37 ? -1.305  10.728  2.332   1.00 24.38 ?  134 GLY B C   1 
ATOM   711  O O   . GLY B 1 37 ? -1.838  10.390  1.271   1.00 25.87 ?  134 GLY B O   1 
ATOM   712  N N   . GLU B 1 38 ? -0.326  10.024  2.921   1.00 23.85 ?  135 GLU B N   1 
ATOM   713  C CA  . GLU B 1 38 ? 0.342   8.916   2.241   1.00 24.24 ?  135 GLU B CA  1 
ATOM   714  C C   . GLU B 1 38 ? -0.574  7.707   2.072   1.00 23.19 ?  135 GLU B C   1 
ATOM   715  O O   . GLU B 1 38 ? -0.578  7.070   1.010   1.00 24.24 ?  135 GLU B O   1 
ATOM   716  C CB  . GLU B 1 38 ? 1.603   8.532   3.020   1.00 31.22 ?  135 GLU B CB  1 
ATOM   717  C CG  . GLU B 1 38 ? 2.247   7.214   2.597   1.00 29.93 ?  135 GLU B CG  1 
ATOM   718  C CD  . GLU B 1 38 ? 3.353   6.785   3.554   1.00 54.26 ?  135 GLU B CD  1 
ATOM   719  O OE1 . GLU B 1 38 ? 3.706   7.589   4.444   1.00 56.04 ?  135 GLU B OE1 1 
ATOM   720  O OE2 . GLU B 1 38 ? 3.874   5.655   3.415   1.00 57.09 -1 135 GLU B OE2 1 
ATOM   721  N N   . MET B 1 39 ? -1.339  7.352   3.103   1.00 22.11 ?  136 MET B N   1 
ATOM   722  C CA  . MET B 1 39 ? -2.219  6.197   2.966   1.00 24.50 ?  136 MET B CA  1 
ATOM   723  C C   . MET B 1 39 ? -3.341  6.475   1.981   1.00 22.96 ?  136 MET B C   1 
ATOM   724  O O   . MET B 1 39 ? -3.749  5.577   1.238   1.00 21.97 ?  136 MET B O   1 
ATOM   725  C CB  . MET B 1 39 ? -2.776  5.757   4.317   1.00 26.43 ?  136 MET B CB  1 
ATOM   726  C CG  . MET B 1 39 ? -1.700  5.182   5.234   1.00 27.38 ?  136 MET B CG  1 
ATOM   727  S SD  . MET B 1 39 ? -0.867  3.703   4.567   1.00 30.64 ?  136 MET B SD  1 
ATOM   728  C CE  . MET B 1 39 ? -2.241  2.576   4.340   1.00 33.62 ?  136 MET B CE  1 
ATOM   729  N N   . ALA B 1 40 ? -3.856  7.706   1.966   1.00 24.48 ?  137 ALA B N   1 
ATOM   730  C CA  . ALA B 1 40 ? -4.855  8.048   0.963   1.00 22.56 ?  137 ALA B CA  1 
ATOM   731  C C   . ALA B 1 40 ? -4.304  7.861   -0.441  1.00 23.36 ?  137 ALA B C   1 
ATOM   732  O O   . ALA B 1 40 ? -5.001  7.340   -1.324  1.00 20.61 ?  137 ALA B O   1 
ATOM   733  C CB  . ALA B 1 40 ? -5.314  9.491   1.167   1.00 23.29 ?  137 ALA B CB  1 
ATOM   734  N N   . ARG B 1 41 ? -3.050  8.271   -0.668  1.00 21.02 ?  138 ARG B N   1 
ATOM   735  C CA  . ARG B 1 41 ? -2.437  8.115   -1.985  1.00 21.86 ?  138 ARG B CA  1 
ATOM   736  C C   . ARG B 1 41 ? -2.331  6.639   -2.372  1.00 23.46 ?  138 ARG B C   1 
ATOM   737  O O   . ARG B 1 41 ? -2.658  6.246   -3.504  1.00 22.73 ?  138 ARG B O   1 
ATOM   738  C CB  . ARG B 1 41 ? -1.055  8.776   -1.950  1.00 26.37 ?  138 ARG B CB  1 
ATOM   739  C CG  . ARG B 1 41 ? -0.329  8.863   -3.286  1.00 32.82 ?  138 ARG B CG  1 
ATOM   740  C CD  . ARG B 1 41 ? 1.001   9.614   -3.120  1.00 44.15 ?  138 ARG B CD  1 
ATOM   741  N NE  . ARG B 1 41 ? 0.876   10.725  -2.177  1.00 46.40 ?  138 ARG B NE  1 
ATOM   742  C CZ  . ARG B 1 41 ? 1.467   10.770  -0.984  1.00 43.99 ?  138 ARG B CZ  1 
ATOM   743  N NH1 . ARG B 1 41 ? 2.244   9.769   -0.581  1.00 47.40 ?  138 ARG B NH1 1 
ATOM   744  N NH2 . ARG B 1 41 ? 1.280   11.818  -0.191  1.00 43.83 ?  138 ARG B NH2 1 
ATOM   745  N N   . ARG B 1 42 ? -1.899  5.804   -1.425  1.00 21.26 ?  139 ARG B N   1 
ATOM   746  C CA  . ARG B 1 42 ? -1.830  4.367   -1.658  1.00 20.53 ?  139 ARG B CA  1 
ATOM   747  C C   . ARG B 1 42 ? -3.214  3.783   -1.952  1.00 22.07 ?  139 ARG B C   1 
ATOM   748  O O   . ARG B 1 42 ? -3.370  2.955   -2.857  1.00 19.69 ?  139 ARG B O   1 
ATOM   749  C CB  . ARG B 1 42 ? -1.186  3.704   -0.435  1.00 19.49 ?  139 ARG B CB  1 
ATOM   750  C CG  . ARG B 1 42 ? -1.082  2.180   -0.523  1.00 26.56 ?  139 ARG B CG  1 
ATOM   751  C CD  . ARG B 1 42 ? -0.344  1.589   0.688   1.00 27.55 ?  139 ARG B CD  1 
ATOM   752  N NE  . ARG B 1 42 ? 0.987   2.162   0.872   1.00 31.50 ?  139 ARG B NE  1 
ATOM   753  C CZ  . ARG B 1 42 ? 1.769   1.881   1.913   1.00 34.30 ?  139 ARG B CZ  1 
ATOM   754  N NH1 . ARG B 1 42 ? 2.966   2.439   2.031   1.00 33.23 ?  139 ARG B NH1 1 
ATOM   755  N NH2 . ARG B 1 42 ? 1.333   1.047   2.846   1.00 33.94 ?  139 ARG B NH2 1 
ATOM   756  N N   . ARG B 1 43 ? -4.241  4.246   -1.237  1.00 19.81 ?  140 ARG B N   1 
ATOM   757  C CA  . ARG B 1 43 ? -5.585  3.736   -1.484  1.00 20.89 ?  140 ARG B CA  1 
ATOM   758  C C   . ARG B 1 43 ? -6.096  4.155   -2.852  1.00 20.54 ?  140 ARG B C   1 
ATOM   759  O O   . ARG B 1 43 ? -6.703  3.344   -3.557  1.00 20.29 ?  140 ARG B O   1 
ATOM   760  C CB  . ARG B 1 43 ? -6.528  4.217   -0.393  1.00 21.11 ?  140 ARG B CB  1 
ATOM   761  C CG  . ARG B 1 43 ? -6.298  3.522   0.916   1.00 20.94 ?  140 ARG B CG  1 
ATOM   762  C CD  . ARG B 1 43 ? -7.089  4.240   1.984   1.00 24.69 ?  140 ARG B CD  1 
ATOM   763  N NE  . ARG B 1 43 ? -6.718  3.762   3.307   1.00 23.20 ?  140 ARG B NE  1 
ATOM   764  C CZ  . ARG B 1 43 ? -6.720  4.521   4.388   1.00 31.12 ?  140 ARG B CZ  1 
ATOM   765  N NH1 . ARG B 1 43 ? -7.049  5.809   4.298   1.00 33.71 ?  140 ARG B NH1 1 
ATOM   766  N NH2 . ARG B 1 43 ? -6.370  4.002   5.556   1.00 31.82 ?  140 ARG B NH2 1 
ATOM   767  N N   . ARG B 1 44 ? -5.854  5.412   -3.254  1.00 19.34 ?  141 ARG B N   1 
ATOM   768  C CA  . ARG B 1 44 ? -6.241  5.841   -4.600  1.00 21.83 ?  141 ARG B CA  1 
ATOM   769  C C   . ARG B 1 44 ? -5.522  5.046   -5.669  1.00 22.48 ?  141 ARG B C   1 
ATOM   770  O O   . ARG B 1 44 ? -6.097  4.748   -6.723  1.00 22.56 ?  141 ARG B O   1 
ATOM   771  C CB  . ARG B 1 44 ? -5.941  7.320   -4.799  1.00 23.12 ?  141 ARG B CB  1 
ATOM   772  C CG  . ARG B 1 44 ? -6.879  8.209   -4.037  1.00 22.34 ?  141 ARG B CG  1 
ATOM   773  C CD  . ARG B 1 44 ? -6.812  9.635   -4.591  1.00 19.10 ?  141 ARG B CD  1 
ATOM   774  N NE  . ARG B 1 44 ? -5.454  10.143  -4.685  1.00 19.73 ?  141 ARG B NE  1 
ATOM   775  C CZ  . ARG B 1 44 ? -4.771  10.699  -3.680  1.00 19.85 ?  141 ARG B CZ  1 
ATOM   776  N NH1 . ARG B 1 44 ? -5.321  10.845  -2.479  1.00 22.05 ?  141 ARG B NH1 1 
ATOM   777  N NH2 . ARG B 1 44 ? -3.525  11.108  -3.880  1.00 23.72 ?  141 ARG B NH2 1 
ATOM   778  N N   . GLN B 1 45 ? -4.248  4.726   -5.445  1.00 20.54 ?  142 GLN B N   1 
ATOM   779  C CA  . GLN B 1 45 ? -3.520  3.951   -6.435  1.00 22.48 ?  142 GLN B CA  1 
ATOM   780  C C   . GLN B 1 45 ? -4.151  2.573   -6.586  1.00 22.20 ?  142 GLN B C   1 
ATOM   781  O O   . GLN B 1 45 ? -4.420  2.119   -7.707  1.00 21.71 ?  142 GLN B O   1 
ATOM   782  C CB  . GLN B 1 45 ? -2.043  3.864   -6.036  1.00 21.94 ?  142 GLN B CB  1 
ATOM   783  C CG  . GLN B 1 45 ? -1.190  2.960   -6.931  1.00 27.82 ?  142 GLN B CG  1 
ATOM   784  C CD  . GLN B 1 45 ? -0.965  3.509   -8.332  1.00 38.74 ?  142 GLN B CD  1 
ATOM   785  O OE1 . GLN B 1 45 ? -0.746  4.707   -8.522  1.00 36.90 ?  142 GLN B OE1 1 
ATOM   786  N NE2 . GLN B 1 45 ? -0.994  2.622   -9.323  1.00 40.61 ?  142 GLN B NE2 1 
ATOM   787  N N   . ARG B 1 46 ? -4.437  1.911   -5.460  1.00 19.30 ?  143 ARG B N   1 
ATOM   788  C CA  . ARG B 1 46 ? -5.070  0.593   -5.507  1.00 19.76 ?  143 ARG B CA  1 
ATOM   789  C C   . ARG B 1 46 ? -6.484  0.661   -6.083  1.00 21.69 ?  143 ARG B C   1 
ATOM   790  O O   . ARG B 1 46 ? -6.879  -0.210  -6.867  1.00 23.33 ?  143 ARG B O   1 
ATOM   791  C CB  . ARG B 1 46 ? -5.055  -0.057  -4.123  1.00 23.06 ?  143 ARG B CB  1 
ATOM   792  C CG  . ARG B 1 46 ? -3.654  -0.512  -3.699  1.00 22.57 ?  143 ARG B CG  1 
ATOM   793  C CD  . ARG B 1 46 ? -3.160  -1.693  -4.565  1.00 24.82 ?  143 ARG B CD  1 
ATOM   794  N NE  . ARG B 1 46 ? -3.971  -2.895  -4.394  1.00 28.75 ?  143 ARG B NE  1 
ATOM   795  C CZ  . ARG B 1 46 ? -4.673  -3.482  -5.356  1.00 39.02 ?  143 ARG B CZ  1 
ATOM   796  N NH1 . ARG B 1 46 ? -4.646  -3.003  -6.592  1.00 35.85 ?  143 ARG B NH1 1 
ATOM   797  N NH2 . ARG B 1 46 ? -5.394  -4.566  -5.082  1.00 41.66 ?  143 ARG B NH2 1 
ATOM   798  N N   . LEU B 1 47 ? -7.255  1.686   -5.704  1.00 24.46 ?  144 LEU B N   1 
ATOM   799  C CA  . LEU B 1 47 ? -8.598  1.865   -6.251  1.00 22.86 ?  144 LEU B CA  1 
ATOM   800  C C   . LEU B 1 47 ? -8.563  2.106   -7.748  1.00 26.78 ?  144 LEU B C   1 
ATOM   801  O O   . LEU B 1 47 ? -9.419  1.596   -8.481  1.00 27.57 ?  144 LEU B O   1 
ATOM   802  C CB  . LEU B 1 47 ? -9.282  3.037   -5.560  1.00 25.51 ?  144 LEU B CB  1 
ATOM   803  C CG  . LEU B 1 47 ? -10.108 2.681   -4.340  1.00 29.04 ?  144 LEU B CG  1 
ATOM   804  C CD1 . LEU B 1 47 ? -10.705 3.944   -3.768  1.00 38.14 ?  144 LEU B CD1 1 
ATOM   805  C CD2 . LEU B 1 47 ? -11.220 1.712   -4.740  1.00 27.74 ?  144 LEU B CD2 1 
ATOM   806  N N   . GLY B 1 48 ? -7.598  2.909   -8.212  1.00 23.09 ?  145 GLY B N   1 
ATOM   807  C CA  . GLY B 1 48 ? -7.448  3.138   -9.637  1.00 25.23 ?  145 GLY B CA  1 
ATOM   808  C C   . GLY B 1 48 ? -7.147  1.859   -10.385 1.00 32.71 ?  145 GLY B C   1 
ATOM   809  O O   . GLY B 1 48 ? -7.660  1.632   -11.481 1.00 29.68 ?  145 GLY B O   1 
ATOM   810  N N   . GLU B 1 49 ? -6.324  0.993   -9.791  1.00 25.06 ?  146 GLU B N   1 
ATOM   811  C CA  . GLU B 1 49 ? -6.072  -0.305  -10.399 1.00 25.23 ?  146 GLU B CA  1 
ATOM   812  C C   . GLU B 1 49 ? -7.338  -1.166  -10.416 1.00 22.77 ?  146 GLU B C   1 
ATOM   813  O O   . GLU B 1 49 ? -7.705  -1.727  -11.455 1.00 29.64 ?  146 GLU B O   1 
ATOM   814  C CB  . GLU B 1 49 ? -4.914  -0.989  -9.662  1.00 23.33 ?  146 GLU B CB  1 
ATOM   815  C CG  . GLU B 1 49 ? -3.611  -0.210  -9.750  1.00 28.14 ?  146 GLU B CG  1 
ATOM   816  C CD  . GLU B 1 49 ? -2.548  -0.697  -8.762  1.00 32.46 ?  146 GLU B CD  1 
ATOM   817  O OE1 . GLU B 1 49 ? -2.779  -1.719  -8.082  1.00 36.73 ?  146 GLU B OE1 1 
ATOM   818  O OE2 . GLU B 1 49 ? -1.490  -0.040  -8.654  1.00 33.50 -1 146 GLU B OE2 1 
ATOM   819  N N   . GLU B 1 50 ? -8.043  -1.258  -9.287  1.00 25.32 ?  147 GLU B N   1 
ATOM   820  C CA  . GLU B 1 50 ? -9.199  -2.152  -9.198  1.00 24.77 ?  147 GLU B CA  1 
ATOM   821  C C   . GLU B 1 50 ? -10.345 -1.688  -10.091 1.00 29.73 ?  147 GLU B C   1 
ATOM   822  O O   . GLU B 1 50 ? -11.021 -2.511  -10.727 1.00 29.82 ?  147 GLU B O   1 
ATOM   823  C CB  . GLU B 1 50 ? -9.680  -2.244  -7.754  1.00 29.76 ?  147 GLU B CB  1 
ATOM   824  C CG  . GLU B 1 50 ? -8.779  -3.075  -6.848  1.00 38.78 ?  147 GLU B CG  1 
ATOM   825  C CD  . GLU B 1 50 ? -8.533  -4.467  -7.397  1.00 50.77 ?  147 GLU B CD  1 
ATOM   826  O OE1 . GLU B 1 50 ? -7.347  -4.850  -7.524  1.00 46.52 ?  147 GLU B OE1 1 
ATOM   827  O OE2 . GLU B 1 50 ? -9.524  -5.168  -7.708  1.00 58.41 -1 147 GLU B OE2 1 
ATOM   828  N N   . LEU B 1 51 ? -10.597 -0.381  -10.134 1.00 26.69 ?  148 LEU B N   1 
ATOM   829  C CA  . LEU B 1 51 ? -11.664 0.175   -10.962 1.00 25.55 ?  148 LEU B CA  1 
ATOM   830  C C   . LEU B 1 51 ? -11.219 0.417   -12.395 1.00 28.05 ?  148 LEU B C   1 
ATOM   831  O O   . LEU B 1 51 ? -12.055 0.794   -13.228 1.00 27.12 ?  148 LEU B O   1 
ATOM   832  C CB  . LEU B 1 51 ? -12.168 1.487   -10.358 1.00 23.69 ?  148 LEU B CB  1 
ATOM   833  C CG  . LEU B 1 51 ? -12.835 1.421   -8.983  1.00 27.00 ?  148 LEU B CG  1 
ATOM   834  C CD1 . LEU B 1 51 ? -13.078 2.821   -8.416  1.00 26.56 ?  148 LEU B CD1 1 
ATOM   835  C CD2 . LEU B 1 51 ? -14.143 0.627   -9.040  1.00 26.01 ?  148 LEU B CD2 1 
ATOM   836  N N   . LYS B 1 52 ? -9.931  0.233   -12.690 1.00 26.40 ?  149 LYS B N   1 
ATOM   837  C CA  . LYS B 1 52 ? -9.393  0.409   -14.036 1.00 27.44 ?  149 LYS B CA  1 
ATOM   838  C C   . LYS B 1 52 ? -9.567  1.839   -14.535 1.00 31.66 ?  149 LYS B C   1 
ATOM   839  O O   . LYS B 1 52 ? -9.914  2.083   -15.694 1.00 29.11 ?  149 LYS B O   1 
ATOM   840  C CB  . LYS B 1 52 ? -9.932  -0.641  -15.012 1.00 32.29 ?  149 LYS B CB  1 
ATOM   841  C CG  . LYS B 1 52 ? -9.797  -2.056  -14.466 1.00 31.68 ?  149 LYS B CG  1 
ATOM   842  C CD  . LYS B 1 52 ? -9.994  -3.111  -15.536 1.00 45.93 ?  149 LYS B CD  1 
ATOM   843  C CE  . LYS B 1 52 ? -10.516 -4.411  -14.943 1.00 52.40 ?  149 LYS B CE  1 
ATOM   844  N NZ  . LYS B 1 52 ? -11.488 -5.092  -15.847 1.00 56.16 ?  149 LYS B NZ  1 
ATOM   845  N N   . ILE B 1 53 ? -9.282  2.797   -13.658 1.00 25.58 ?  150 ILE B N   1 
ATOM   846  C CA  . ILE B 1 53 ? -9.356  4.216   -13.987 1.00 24.11 ?  150 ILE B CA  1 
ATOM   847  C C   . ILE B 1 53 ? -8.018  4.942   -13.843 1.00 25.06 ?  150 ILE B C   1 
ATOM   848  O O   . ILE B 1 53 ? -7.957  6.149   -14.085 1.00 26.31 ?  150 ILE B O   1 
ATOM   849  C CB  . ILE B 1 53 ? -10.476 4.929   -13.200 1.00 24.10 ?  150 ILE B CB  1 
ATOM   850  C CG1 . ILE B 1 53 ? -10.185 4.883   -11.694 1.00 23.76 ?  150 ILE B CG1 1 
ATOM   851  C CG2 . ILE B 1 53 ? -11.820 4.281   -13.473 1.00 24.95 ?  150 ILE B CG2 1 
ATOM   852  C CD1 . ILE B 1 53 ? -11.105 5.733   -10.884 1.00 24.26 ?  150 ILE B CD1 1 
ATOM   853  N N   . GLY B 1 54 ? -6.938  4.251   -13.470 1.00 24.25 ?  151 GLY B N   1 
ATOM   854  C CA  . GLY B 1 54 ? -5.639  4.893   -13.430 1.00 25.41 ?  151 GLY B CA  1 
ATOM   855  C C   . GLY B 1 54 ? -5.439  5.726   -12.176 1.00 22.43 ?  151 GLY B C   1 
ATOM   856  O O   . GLY B 1 54 ? -6.322  5.868   -11.341 1.00 27.51 ?  151 GLY B O   1 
ATOM   857  N N   . TYR B 1 55 ? -4.233  6.282   -12.034 1.00 24.90 ?  152 TYR B N   1 
ATOM   858  C CA  . TYR B 1 55 ? -3.923  7.013   -10.815 1.00 28.33 ?  152 TYR B CA  1 
ATOM   859  C C   . TYR B 1 55 ? -4.316  8.476   -10.958 1.00 25.36 ?  152 TYR B C   1 
ATOM   860  O O   . TYR B 1 55 ? -4.032  9.112   -11.977 1.00 27.61 ?  152 TYR B O   1 
ATOM   861  C CB  . TYR B 1 55 ? -2.453  6.910   -10.396 1.00 26.80 ?  152 TYR B CB  1 
ATOM   862  C CG  . TYR B 1 55 ? -2.229  7.823   -9.216  1.00 25.66 ?  152 TYR B CG  1 
ATOM   863  C CD1 . TYR B 1 55 ? -2.670  7.462   -7.940  1.00 26.68 ?  152 TYR B CD1 1 
ATOM   864  C CD2 . TYR B 1 55 ? -1.667  9.085   -9.386  1.00 25.15 ?  152 TYR B CD2 1 
ATOM   865  C CE1 . TYR B 1 55 ? -2.521  8.325   -6.867  1.00 27.62 ?  152 TYR B CE1 1 
ATOM   866  C CE2 . TYR B 1 55 ? -1.511  9.943   -8.326  1.00 31.89 ?  152 TYR B CE2 1 
ATOM   867  C CZ  . TYR B 1 55 ? -1.934  9.560   -7.073  1.00 32.00 ?  152 TYR B CZ  1 
ATOM   868  O OH  . TYR B 1 55 ? -1.767  10.433  -6.036  1.00 27.72 ?  152 TYR B OH  1 
ATOM   869  N N   . ALA B 1 56 ? -4.977  9.004   -9.930  1.00 25.52 ?  153 ALA B N   1 
ATOM   870  C CA  . ALA B 1 56 ? -5.375  10.399  -9.883  1.00 23.82 ?  153 ALA B CA  1 
ATOM   871  C C   . ALA B 1 56 ? -5.068  10.948  -8.498  1.00 23.81 ?  153 ALA B C   1 
ATOM   872  O O   . ALA B 1 56 ? -5.191  10.236  -7.496  1.00 25.47 ?  153 ALA B O   1 
ATOM   873  C CB  . ALA B 1 56 ? -6.878  10.515  -10.141 1.00 31.36 ?  153 ALA B CB  1 
ATOM   874  N N   . ASN B 1 57 ? -4.667  12.218  -8.438  1.00 21.89 ?  154 ASN B N   1 
ATOM   875  C CA  . ASN B 1 57 ? -4.546  12.854  -7.131  1.00 24.13 ?  154 ASN B CA  1 
ATOM   876  C C   . ASN B 1 57 ? -5.934  13.091  -6.544  1.00 27.05 ?  154 ASN B C   1 
ATOM   877  O O   . ASN B 1 57 ? -6.959  12.815  -7.174  1.00 26.62 ?  154 ASN B O   1 
ATOM   878  C CB  . ASN B 1 57 ? -3.644  14.095  -7.176  1.00 26.17 ?  154 ASN B CB  1 
ATOM   879  C CG  . ASN B 1 57 ? -4.235  15.234  -7.975  1.00 27.12 ?  154 ASN B CG  1 
ATOM   880  O OD1 . ASN B 1 57 ? -5.427  15.505  -7.904  1.00 30.19 ?  154 ASN B OD1 1 
ATOM   881  N ND2 . ASN B 1 57 ? -3.397  15.905  -8.757  1.00 30.94 ?  154 ASN B ND2 1 
ATOM   882  N N   A GLY B 1 58 ? -5.927  13.515  -5.280  0.54 28.79 ?  155 GLY B N   1 
ATOM   883  N N   B GLY B 1 58 ? -5.993  13.667  -5.347  0.46 28.87 ?  155 GLY B N   1 
ATOM   884  C CA  A GLY B 1 58 ? -7.133  13.802  -4.542  0.54 31.95 ?  155 GLY B CA  1 
ATOM   885  C CA  B GLY B 1 58 ? -7.273  13.916  -4.695  0.46 32.42 ?  155 GLY B CA  1 
ATOM   886  C C   A GLY B 1 58 ? -7.898  14.996  -5.055  0.54 28.83 ?  155 GLY B C   1 
ATOM   887  C C   B GLY B 1 58 ? -8.426  14.433  -5.551  0.46 32.60 ?  155 GLY B C   1 
ATOM   888  O O   A GLY B 1 58 ? -9.050  15.185  -4.656  0.54 27.77 ?  155 GLY B O   1 
ATOM   889  O O   B GLY B 1 58 ? -9.400  13.709  -5.795  0.46 30.65 ?  155 GLY B O   1 
ATOM   890  N N   A ARG B 1 59 ? -7.291  15.798  -5.929  0.54 27.22 ?  156 ARG B N   1 
ATOM   891  N N   B ARG B 1 59 ? -8.331  15.683  -6.015  0.46 35.20 ?  156 ARG B N   1 
ATOM   892  C CA  A ARG B 1 59 ? -8.020  16.871  -6.592  0.54 29.08 ?  156 ARG B CA  1 
ATOM   893  C CA  B ARG B 1 59 ? -9.408  16.268  -6.813  0.46 33.29 ?  156 ARG B CA  1 
ATOM   894  C C   A ARG B 1 59 ? -8.678  16.430  -7.897  0.54 30.58 ?  156 ARG B C   1 
ATOM   895  C C   B ARG B 1 59 ? -9.497  15.622  -8.191  0.46 32.82 ?  156 ARG B C   1 
ATOM   896  O O   A ARG B 1 59 ? -9.618  17.100  -8.345  0.54 25.57 ?  156 ARG B O   1 
ATOM   897  O O   B ARG B 1 59 ? -10.595 15.461  -8.738  0.46 32.45 ?  156 ARG B O   1 
ATOM   898  C CB  A ARG B 1 59 ? -7.114  18.094  -6.809  0.54 24.62 ?  156 ARG B CB  1 
ATOM   899  C CB  B ARG B 1 59 ? -9.217  17.785  -6.928  0.46 31.48 ?  156 ARG B CB  1 
ATOM   900  C CG  A ARG B 1 59 ? -6.742  18.843  -5.519  0.54 23.15 ?  156 ARG B CG  1 
ATOM   901  C CG  B ARG B 1 59 ? -10.501 18.594  -7.066  0.46 36.84 ?  156 ARG B CG  1 
ATOM   902  C CD  A ARG B 1 59 ? -5.754  20.006  -5.760  0.54 17.00 ?  156 ARG B CD  1 
ATOM   903  C CD  B ARG B 1 59 ? -11.530 18.188  -6.033  0.46 33.48 ?  156 ARG B CD  1 
ATOM   904  N NE  A ARG B 1 59 ? -5.377  20.658  -4.502  0.54 19.71 ?  156 ARG B NE  1 
ATOM   905  N NE  B ARG B 1 59 ? -11.685 19.177  -4.970  0.46 23.37 ?  156 ARG B NE  1 
ATOM   906  C CZ  A ARG B 1 59 ? -6.021  21.702  -3.981  0.54 22.59 ?  156 ARG B CZ  1 
ATOM   907  C CZ  B ARG B 1 59 ? -12.853 19.710  -4.621  0.46 28.08 ?  156 ARG B CZ  1 
ATOM   908  N NH1 A ARG B 1 59 ? -7.059  22.228  -4.619  0.54 22.98 ?  156 ARG B NH1 1 
ATOM   909  N NH1 B ARG B 1 59 ? -12.919 20.595  -3.635  0.46 25.08 ?  156 ARG B NH1 1 
ATOM   910  N NH2 A ARG B 1 59 ? -5.634  22.229  -2.823  0.54 22.65 ?  156 ARG B NH2 1 
ATOM   911  N NH2 B ARG B 1 59 ? -13.958 19.352  -5.255  0.46 28.99 ?  156 ARG B NH2 1 
ATOM   912  N N   A GLN B 1 60 ? -8.242  15.303  -8.495  0.54 29.41 ?  157 GLN B N   1 
ATOM   913  N N   B GLN B 1 60 ? -8.351  15.244  -8.768  0.46 29.32 ?  157 GLN B N   1 
ATOM   914  C CA  A GLN B 1 60 ? -8.780  14.813  -9.767  0.54 26.78 ?  157 GLN B CA  1 
ATOM   915  C CA  B GLN B 1 60 ? -8.373  14.488  -10.013 0.46 28.25 ?  157 GLN B CA  1 
ATOM   916  C C   A GLN B 1 60 ? -9.562  13.507  -9.681  0.54 28.45 ?  157 GLN B C   1 
ATOM   917  C C   B GLN B 1 60 ? -9.224  13.237  -9.875  0.46 29.40 ?  157 GLN B C   1 
ATOM   918  O O   A GLN B 1 60 ? -10.343 13.217  -10.590 0.54 27.89 ?  157 GLN B O   1 
ATOM   919  O O   B GLN B 1 60 ? -9.802  12.762  -10.863 0.46 29.54 ?  157 GLN B O   1 
ATOM   920  C CB  A GLN B 1 60 ? -7.657  14.566  -10.787 0.54 29.46 ?  157 GLN B CB  1 
ATOM   921  C CB  B GLN B 1 60 ? -6.955  14.062  -10.400 0.46 27.99 ?  157 GLN B CB  1 
ATOM   922  C CG  A GLN B 1 60 ? -6.554  15.590  -10.832 0.54 29.46 ?  157 GLN B CG  1 
ATOM   923  C CG  B GLN B 1 60 ? -6.181  15.014  -11.300 0.46 30.66 ?  157 GLN B CG  1 
ATOM   924  C CD  A GLN B 1 60 ? -5.260  14.982  -11.338 0.54 33.15 ?  157 GLN B CD  1 
ATOM   925  C CD  B GLN B 1 60 ? -4.834  14.435  -11.737 0.46 33.79 ?  157 GLN B CD  1 
ATOM   926  O OE1 A GLN B 1 60 ? -4.856  13.900  -10.900 0.54 31.87 ?  157 GLN B OE1 1 
ATOM   927  O OE1 B GLN B 1 60 ? -4.304  13.503  -11.116 0.46 25.79 ?  157 GLN B OE1 1 
ATOM   928  N NE2 A GLN B 1 60 ? -4.602  15.674  -12.260 0.54 30.44 ?  157 GLN B NE2 1 
ATOM   929  N NE2 B GLN B 1 60 ? -4.270  14.994  -12.805 0.46 33.33 ?  157 GLN B NE2 1 
ATOM   930  N N   . PHE B 1 61 ? -9.320  12.691  -8.655  1.00 31.50 ?  158 PHE B N   1 
ATOM   931  C CA  . PHE B 1 61 ? -9.978  11.395  -8.506  1.00 32.44 ?  158 PHE B CA  1 
ATOM   932  C C   . PHE B 1 61 ? -11.489 11.507  -8.663  1.00 26.52 ?  158 PHE B C   1 
ATOM   933  O O   . PHE B 1 61 ? -12.119 10.654  -9.305  1.00 26.36 ?  158 PHE B O   1 
ATOM   934  C CB  . PHE B 1 61 ? -9.588  10.807  -7.147  1.00 26.95 ?  158 PHE B CB  1 
ATOM   935  C CG  . PHE B 1 61 ? -9.995  9.381   -6.952  1.00 25.57 ?  158 PHE B CG  1 
ATOM   936  C CD1 . PHE B 1 61 ? -9.198  8.343   -7.398  1.00 25.24 ?  158 PHE B CD1 1 
ATOM   937  C CD2 . PHE B 1 61 ? -11.149 9.084   -6.278  1.00 26.10 ?  158 PHE B CD2 1 
ATOM   938  C CE1 . PHE B 1 61 ? -9.574  7.017   -7.185  1.00 25.90 ?  158 PHE B CE1 1 
ATOM   939  C CE2 . PHE B 1 61 ? -11.537 7.778   -6.068  1.00 26.91 ?  158 PHE B CE2 1 
ATOM   940  C CZ  . PHE B 1 61 ? -10.747 6.737   -6.518  1.00 24.52 ?  158 PHE B CZ  1 
ATOM   941  N N   . HIS B 1 62 ? -12.080 12.573  -8.127  1.00 28.96 ?  159 HIS B N   1 
ATOM   942  C CA  . HIS B 1 62 ? -13.528 12.726  -8.185  1.00 24.22 ?  159 HIS B CA  1 
ATOM   943  C C   . HIS B 1 62 ? -14.017 12.796  -9.630  1.00 23.61 ?  159 HIS B C   1 
ATOM   944  O O   . HIS B 1 62 ? -14.987 12.116  -10.000 1.00 25.43 ?  159 HIS B O   1 
ATOM   945  C CB  . HIS B 1 62 ? -13.932 13.957  -7.382  1.00 27.49 ?  159 HIS B CB  1 
ATOM   946  C CG  . HIS B 1 62 ? -15.401 14.086  -7.170  1.00 32.88 ?  159 HIS B CG  1 
ATOM   947  N ND1 . HIS B 1 62 ? -16.052 15.299  -7.205  1.00 37.98 ?  159 HIS B ND1 1 
ATOM   948  C CD2 . HIS B 1 62 ? -16.351 13.157  -6.915  1.00 36.69 ?  159 HIS B CD2 1 
ATOM   949  C CE1 . HIS B 1 62 ? -17.341 15.112  -6.985  1.00 37.25 ?  159 HIS B CE1 1 
ATOM   950  N NE2 . HIS B 1 62 ? -17.548 13.822  -6.803  1.00 38.07 ?  159 HIS B NE2 1 
ATOM   951  N N   . LYS B 1 63 ? -13.348 13.607  -10.465 1.00 27.47 ?  160 LYS B N   1 
ATOM   952  C CA  . LYS B 1 63 ? -13.727 13.711  -11.875 1.00 24.44 ?  160 LYS B CA  1 
ATOM   953  C C   . LYS B 1 63 ? -13.495 12.396  -12.594 1.00 27.79 ?  160 LYS B C   1 
ATOM   954  O O   . LYS B 1 63 ? -14.281 12.000  -13.463 1.00 26.28 ?  160 LYS B O   1 
ATOM   955  C CB  . LYS B 1 63 ? -12.926 14.830  -12.550 1.00 30.45 ?  160 LYS B CB  1 
ATOM   956  C CG  . LYS B 1 63 ? -13.312 15.095  -14.014 1.00 30.68 ?  160 LYS B CG  1 
ATOM   957  C CD  . LYS B 1 63 ? -12.362 16.120  -14.630 1.00 39.69 ?  160 LYS B CD  1 
ATOM   958  C CE  . LYS B 1 63 ? -12.875 16.686  -15.943 1.00 45.40 ?  160 LYS B CE  1 
ATOM   959  N NZ  . LYS B 1 63 ? -12.004 17.802  -16.422 1.00 52.56 ?  160 LYS B NZ  1 
ATOM   960  N N   . ARG B 1 64 ? -12.433 11.681  -12.220 1.00 25.41 ?  161 ARG B N   1 
ATOM   961  C CA  . ARG B 1 64 ? -12.158 10.396  -12.839 1.00 25.93 ?  161 ARG B CA  1 
ATOM   962  C C   . ARG B 1 64 ? -13.322 9.428   -12.643 1.00 23.09 ?  161 ARG B C   1 
ATOM   963  O O   . ARG B 1 64 ? -13.696 8.697   -13.569 1.00 26.41 ?  161 ARG B O   1 
ATOM   964  C CB  . ARG B 1 64 ? -10.852 9.849   -12.256 1.00 28.70 ?  161 ARG B CB  1 
ATOM   965  C CG  . ARG B 1 64 ? -10.171 8.767   -13.070 1.00 33.90 ?  161 ARG B CG  1 
ATOM   966  C CD  . ARG B 1 64 ? -9.460  9.289   -14.317 1.00 36.03 ?  161 ARG B CD  1 
ATOM   967  N NE  . ARG B 1 64 ? -8.403  10.264  -14.053 1.00 32.12 ?  161 ARG B NE  1 
ATOM   968  C CZ  . ARG B 1 64 ? -7.135  9.959   -13.792 1.00 33.42 ?  161 ARG B CZ  1 
ATOM   969  N NH1 . ARG B 1 64 ? -6.729  8.698   -13.747 1.00 32.56 ?  161 ARG B NH1 1 
ATOM   970  N NH2 . ARG B 1 64 ? -6.260  10.938  -13.582 1.00 37.89 ?  161 ARG B NH2 1 
ATOM   971  N N   . LEU B 1 65 ? -13.938 9.430   -11.454 1.00 21.42 ?  162 LEU B N   1 
ATOM   972  C CA  . LEU B 1 65 ? -15.080 8.558   -11.224 1.00 19.57 ?  162 LEU B CA  1 
ATOM   973  C C   . LEU B 1 65 ? -16.243 8.921   -12.137 1.00 22.48 ?  162 LEU B C   1 
ATOM   974  O O   . LEU B 1 65 ? -16.997 8.042   -12.567 1.00 26.19 ?  162 LEU B O   1 
ATOM   975  C CB  . LEU B 1 65 ? -15.558 8.659   -9.766  1.00 24.71 ?  162 LEU B CB  1 
ATOM   976  C CG  . LEU B 1 65 ? -14.613 8.109   -8.700  1.00 23.77 ?  162 LEU B CG  1 
ATOM   977  C CD1 . LEU B 1 65 ? -15.207 8.395   -7.327  1.00 24.71 ?  162 LEU B CD1 1 
ATOM   978  C CD2 . LEU B 1 65 ? -14.400 6.626   -8.876  1.00 23.57 ?  162 LEU B CD2 1 
ATOM   979  N N   . LYS B 1 66 ? -16.412 10.211  -12.433 1.00 24.85 ?  163 LYS B N   1 
ATOM   980  C CA  . LYS B 1 66 ? -17.504 10.628  -13.305 1.00 25.73 ?  163 LYS B CA  1 
ATOM   981  C C   . LYS B 1 66 ? -17.205 10.295  -14.762 1.00 23.66 ?  163 LYS B C   1 
ATOM   982  O O   . LYS B 1 66 ? -18.090 9.789   -15.464 1.00 27.18 ?  163 LYS B O   1 
ATOM   983  C CB  . LYS B 1 66 ? -17.750 12.127  -13.114 1.00 31.35 ?  163 LYS B CB  1 
ATOM   984  C CG  . LYS B 1 66 ? -18.544 12.410  -11.851 1.00 47.17 ?  163 LYS B CG  1 
ATOM   985  C CD  . LYS B 1 66 ? -18.945 13.854  -11.703 1.00 57.69 ?  163 LYS B CD  1 
ATOM   986  C CE  . LYS B 1 66 ? -18.899 14.183  -10.230 1.00 61.13 ?  163 LYS B CE  1 
ATOM   987  N NZ  . LYS B 1 66 ? -18.235 15.478  -9.982  1.00 58.78 ?  163 LYS B NZ  1 
ATOM   988  N N   . VAL B 1 67 ? -15.959 10.531  -15.200 1.00 21.18 ?  164 VAL B N   1 
ATOM   989  C CA  . VAL B 1 67 ? -15.571 10.247  -16.582 1.00 21.47 ?  164 VAL B CA  1 
ATOM   990  C C   . VAL B 1 67 ? -15.788 8.773   -16.912 1.00 28.68 ?  164 VAL B C   1 
ATOM   991  O O   . VAL B 1 67 ? -16.264 8.424   -17.997 1.00 27.19 ?  164 VAL B O   1 
ATOM   992  C CB  . VAL B 1 67 ? -14.115 10.680  -16.811 1.00 27.59 ?  164 VAL B CB  1 
ATOM   993  C CG1 . VAL B 1 67 ? -13.594 10.121  -18.123 1.00 30.71 ?  164 VAL B CG1 1 
ATOM   994  C CG2 . VAL B 1 67 ? -13.998 12.197  -16.777 1.00 30.78 ?  164 VAL B CG2 1 
ATOM   995  N N   . PHE B 1 68 ? -15.450 7.885   -15.987 1.00 22.32 ?  165 PHE B N   1 
ATOM   996  C CA  . PHE B 1 68 ? -15.583 6.457   -16.248 1.00 23.14 ?  165 PHE B CA  1 
ATOM   997  C C   . PHE B 1 68 ? -16.907 5.869   -15.773 1.00 23.34 ?  165 PHE B C   1 
ATOM   998  O O   . PHE B 1 68 ? -17.078 4.639   -15.804 1.00 27.77 ?  165 PHE B O   1 
ATOM   999  C CB  . PHE B 1 68 ? -14.379 5.703   -15.675 1.00 22.27 ?  165 PHE B CB  1 
ATOM   1000 C CG  . PHE B 1 68 ? -13.096 5.947   -16.438 1.00 20.31 ?  165 PHE B CG  1 
ATOM   1001 C CD1 . PHE B 1 68 ? -12.861 5.247   -17.620 1.00 27.09 ?  165 PHE B CD1 1 
ATOM   1002 C CD2 . PHE B 1 68 ? -12.145 6.841   -15.994 1.00 22.99 ?  165 PHE B CD2 1 
ATOM   1003 C CE1 . PHE B 1 68 ? -11.695 5.442   -18.331 1.00 27.30 ?  165 PHE B CE1 1 
ATOM   1004 C CE2 . PHE B 1 68 ? -10.972 7.051   -16.700 1.00 24.02 ?  165 PHE B CE2 1 
ATOM   1005 C CZ  . PHE B 1 68 ? -10.751 6.347   -17.885 1.00 27.40 ?  165 PHE B CZ  1 
ATOM   1006 N N   . ARG B 1 69 ? -17.844 6.719   -15.349 1.00 23.97 ?  166 ARG B N   1 
ATOM   1007 C CA  . ARG B 1 69 ? -19.194 6.312   -14.959 1.00 27.20 ?  166 ARG B CA  1 
ATOM   1008 C C   . ARG B 1 69 ? -19.215 5.215   -13.891 1.00 25.16 ?  166 ARG B C   1 
ATOM   1009 O O   . ARG B 1 69 ? -20.022 4.286   -13.917 1.00 28.75 ?  166 ARG B O   1 
ATOM   1010 C CB  . ARG B 1 69 ? -20.079 5.989   -16.155 1.00 36.78 ?  166 ARG B CB  1 
ATOM   1011 C CG  . ARG B 1 69 ? -19.934 6.953   -17.306 1.00 41.51 ?  166 ARG B CG  1 
ATOM   1012 C CD  . ARG B 1 69 ? -20.965 6.599   -18.340 1.00 53.62 ?  166 ARG B CD  1 
ATOM   1013 N NE  . ARG B 1 69 ? -21.565 7.827   -18.846 1.00 64.96 ?  166 ARG B NE  1 
ATOM   1014 C CZ  . ARG B 1 69 ? -21.773 8.073   -20.130 1.00 72.41 ?  166 ARG B CZ  1 
ATOM   1015 N NH1 . ARG B 1 69 ? -21.463 7.146   -21.030 1.00 78.81 ?  166 ARG B NH1 1 
ATOM   1016 N NH2 . ARG B 1 69 ? -22.297 9.229   -20.511 1.00 70.07 ?  166 ARG B NH2 1 
ATOM   1017 N N   . ILE B 1 70 ? -18.345 5.369   -12.891 1.00 25.04 ?  167 ILE B N   1 
ATOM   1018 C CA  . ILE B 1 70 ? -18.262 4.382   -11.817 1.00 25.16 ?  167 ILE B CA  1 
ATOM   1019 C C   . ILE B 1 70 ? -19.505 4.473   -10.940 1.00 23.64 ?  167 ILE B C   1 
ATOM   1020 O O   . ILE B 1 70 ? -19.824 5.533   -10.387 1.00 26.52 ?  167 ILE B O   1 
ATOM   1021 C CB  . ILE B 1 70 ? -16.975 4.552   -11.000 1.00 23.53 ?  167 ILE B CB  1 
ATOM   1022 C CG1 . ILE B 1 70 ? -15.764 4.528   -11.938 1.00 26.14 ?  167 ILE B CG1 1 
ATOM   1023 C CG2 . ILE B 1 70 ? -16.880 3.460   -9.906  1.00 28.58 ?  167 ILE B CG2 1 
ATOM   1024 C CD1 . ILE B 1 70 ? -15.563 3.179   -12.654 1.00 26.07 ?  167 ILE B CD1 1 
ATOM   1025 N N   . SER B 1 71 ? -20.213 3.358   -10.808 1.00 23.23 ?  168 SER B N   1 
ATOM   1026 C CA  . SER B 1 71 ? -21.412 3.362   -9.984  1.00 24.75 ?  168 SER B CA  1 
ATOM   1027 C C   . SER B 1 71 ? -21.047 3.319   -8.503  1.00 26.88 ?  168 SER B C   1 
ATOM   1028 O O   . SER B 1 71 ? -19.933 2.940   -8.121  1.00 25.74 ?  168 SER B O   1 
ATOM   1029 C CB  . SER B 1 71 ? -22.277 2.141   -10.290 1.00 26.54 ?  168 SER B CB  1 
ATOM   1030 O OG  . SER B 1 71 ? -21.590 0.945   -9.930  1.00 28.32 ?  168 SER B OG  1 
ATOM   1031 N N   . ARG B 1 72 ? -22.016 3.699   -7.661  1.00 23.67 ?  169 ARG B N   1 
ATOM   1032 C CA  . ARG B 1 72 ? -21.810 3.652   -6.211  1.00 22.41 ?  169 ARG B CA  1 
ATOM   1033 C C   . ARG B 1 72 ? -21.479 2.240   -5.752  1.00 29.33 ?  169 ARG B C   1 
ATOM   1034 O O   . ARG B 1 72 ? -20.572 2.042   -4.930  1.00 23.86 ?  169 ARG B O   1 
ATOM   1035 C CB  . ARG B 1 72 ? -23.065 4.180   -5.499  1.00 23.87 ?  169 ARG B CB  1 
ATOM   1036 C CG  . ARG B 1 72 ? -23.155 3.931   -3.999  1.00 28.55 ?  169 ARG B CG  1 
ATOM   1037 C CD  . ARG B 1 72 ? -24.262 4.799   -3.361  1.00 30.30 ?  169 ARG B CD  1 
ATOM   1038 N NE  . ARG B 1 72 ? -24.003 6.216   -3.565  1.00 27.67 ?  169 ARG B NE  1 
ATOM   1039 C CZ  . ARG B 1 72 ? -23.254 6.945   -2.743  1.00 25.68 ?  169 ARG B CZ  1 
ATOM   1040 N NH1 . ARG B 1 72 ? -22.717 6.384   -1.657  1.00 26.34 ?  169 ARG B NH1 1 
ATOM   1041 N NH2 . ARG B 1 72 ? -23.028 8.224   -3.022  1.00 29.89 ?  169 ARG B NH2 1 
ATOM   1042 N N   . ASP B 1 73 ? -22.181 1.235   -6.287  1.00 24.63 ?  170 ASP B N   1 
ATOM   1043 C CA  . ASP B 1 73 ? -21.905 -0.141  -5.887  1.00 27.89 ?  170 ASP B CA  1 
ATOM   1044 C C   . ASP B 1 73 ? -20.521 -0.595  -6.339  1.00 28.38 ?  170 ASP B C   1 
ATOM   1045 O O   . ASP B 1 73 ? -19.807 -1.266  -5.580  1.00 26.97 ?  170 ASP B O   1 
ATOM   1046 C CB  . ASP B 1 73 ? -22.989 -1.078  -6.424  1.00 27.52 ?  170 ASP B CB  1 
ATOM   1047 C CG  . ASP B 1 73 ? -24.251 -1.048  -5.590  1.00 38.04 ?  170 ASP B CG  1 
ATOM   1048 O OD1 . ASP B 1 73 ? -24.212 -0.563  -4.435  1.00 36.59 ?  170 ASP B OD1 1 
ATOM   1049 O OD2 . ASP B 1 73 ? -25.297 -1.513  -6.094  1.00 40.77 -1 170 ASP B OD2 1 
ATOM   1050 N N   . ALA B 1 74 ? -20.113 -0.249  -7.563  1.00 25.97 ?  171 ALA B N   1 
ATOM   1051 C CA  . ALA B 1 74 ? -18.773 -0.631  -8.001  1.00 27.30 ?  171 ALA B CA  1 
ATOM   1052 C C   . ALA B 1 74 ? -17.706 0.036   -7.139  1.00 26.78 ?  171 ALA B C   1 
ATOM   1053 O O   . ALA B 1 74 ? -16.718 -0.604  -6.746  1.00 23.83 ?  171 ALA B O   1 
ATOM   1054 C CB  . ALA B 1 74 ? -18.573 -0.294  -9.477  1.00 27.10 ?  171 ALA B CB  1 
ATOM   1055 N N   . PHE B 1 75 ? -17.885 1.322   -6.837  1.00 27.23 ?  172 PHE B N   1 
ATOM   1056 C CA  . PHE B 1 75 ? -16.902 2.041   -6.033  1.00 24.35 ?  172 PHE B CA  1 
ATOM   1057 C C   . PHE B 1 75 ? -16.747 1.409   -4.658  1.00 22.28 ?  172 PHE B C   1 
ATOM   1058 O O   . PHE B 1 75 ? -15.624 1.129   -4.212  1.00 21.03 ?  172 PHE B O   1 
ATOM   1059 C CB  . PHE B 1 75 ? -17.328 3.507   -5.894  1.00 23.69 ?  172 PHE B CB  1 
ATOM   1060 C CG  . PHE B 1 75 ? -16.432 4.314   -4.985  1.00 19.84 ?  172 PHE B CG  1 
ATOM   1061 C CD1 . PHE B 1 75 ? -15.219 4.804   -5.432  1.00 28.65 ?  172 PHE B CD1 1 
ATOM   1062 C CD2 . PHE B 1 75 ? -16.810 4.581   -3.681  1.00 25.57 ?  172 PHE B CD2 1 
ATOM   1063 C CE1 . PHE B 1 75 ? -14.376 5.529   -4.582  1.00 27.50 ?  172 PHE B CE1 1 
ATOM   1064 C CE2 . PHE B 1 75 ? -15.979 5.321   -2.831  1.00 25.57 ?  172 PHE B CE2 1 
ATOM   1065 C CZ  . PHE B 1 75 ? -14.763 5.796   -3.289  1.00 22.25 ?  172 PHE B CZ  1 
ATOM   1066 N N   . TYR B 1 76 ? -17.863 1.168   -3.965  1.00 21.93 ?  173 TYR B N   1 
ATOM   1067 C CA  . TYR B 1 76 ? -17.768 0.659   -2.599  1.00 22.41 ?  173 TYR B CA  1 
ATOM   1068 C C   . TYR B 1 76 ? -17.373 -0.811  -2.549  1.00 23.02 ?  173 TYR B C   1 
ATOM   1069 O O   . TYR B 1 76 ? -16.751 -1.250  -1.570  1.00 21.37 ?  173 TYR B O   1 
ATOM   1070 C CB  . TYR B 1 76 ? -19.037 0.978   -1.799  1.00 25.43 ?  173 TYR B CB  1 
ATOM   1071 C CG  . TYR B 1 76 ? -19.017 2.415   -1.340  1.00 22.21 ?  173 TYR B CG  1 
ATOM   1072 C CD1 . TYR B 1 76 ? -18.095 2.819   -0.392  1.00 23.69 ?  173 TYR B CD1 1 
ATOM   1073 C CD2 . TYR B 1 76 ? -19.862 3.379   -1.888  1.00 22.16 ?  173 TYR B CD2 1 
ATOM   1074 C CE1 . TYR B 1 76 ? -18.003 4.119   0.004   1.00 23.31 ?  173 TYR B CE1 1 
ATOM   1075 C CE2 . TYR B 1 76 ? -19.784 4.708   -1.469  1.00 24.30 ?  173 TYR B CE2 1 
ATOM   1076 C CZ  . TYR B 1 76 ? -18.854 5.060   -0.514  1.00 22.75 ?  173 TYR B CZ  1 
ATOM   1077 O OH  . TYR B 1 76 ? -18.748 6.355   -0.077  1.00 25.89 ?  173 TYR B OH  1 
ATOM   1078 N N   . ALA B 1 77 ? -17.691 -1.586  -3.585  1.00 21.83 ?  174 ALA B N   1 
ATOM   1079 C CA  . ALA B 1 77 ? -17.179 -2.954  -3.617  1.00 23.73 ?  174 ALA B CA  1 
ATOM   1080 C C   . ALA B 1 77 ? -15.662 -2.959  -3.775  1.00 24.47 ?  174 ALA B C   1 
ATOM   1081 O O   . ALA B 1 77 ? -14.961 -3.746  -3.117  1.00 24.04 ?  174 ALA B O   1 
ATOM   1082 C CB  . ALA B 1 77 ? -17.835 -3.744  -4.750  1.00 26.55 ?  174 ALA B CB  1 
ATOM   1083 N N   . ALA B 1 78 ? -15.138 -2.071  -4.629  1.00 22.88 ?  175 ALA B N   1 
ATOM   1084 C CA  . ALA B 1 78 ? -13.688 -1.949  -4.775  1.00 23.87 ?  175 ALA B CA  1 
ATOM   1085 C C   . ALA B 1 78 ? -13.034 -1.425  -3.498  1.00 23.57 ?  175 ALA B C   1 
ATOM   1086 O O   . ALA B 1 78 ? -11.975 -1.922  -3.088  1.00 22.32 ?  175 ALA B O   1 
ATOM   1087 C CB  . ALA B 1 78 ? -13.352 -1.056  -5.970  1.00 26.03 ?  175 ALA B CB  1 
ATOM   1088 N N   . LEU B 1 79 ? -13.638 -0.416  -2.860  1.00 19.85 ?  176 LEU B N   1 
ATOM   1089 C CA  . LEU B 1 79 ? -13.062 0.122   -1.630  1.00 21.12 ?  176 LEU B CA  1 
ATOM   1090 C C   . LEU B 1 79 ? -13.040 -0.930  -0.537  1.00 21.36 ?  176 LEU B C   1 
ATOM   1091 O O   . LEU B 1 79 ? -12.073 -1.020  0.225   1.00 20.01 ?  176 LEU B O   1 
ATOM   1092 C CB  . LEU B 1 79 ? -13.829 1.360   -1.177  1.00 21.20 ?  176 LEU B CB  1 
ATOM   1093 C CG  . LEU B 1 79 ? -13.286 2.006   0.098   1.00 20.20 ?  176 LEU B CG  1 
ATOM   1094 C CD1 . LEU B 1 79 ? -11.848 2.541   -0.127  1.00 23.48 ?  176 LEU B CD1 1 
ATOM   1095 C CD2 . LEU B 1 79 ? -14.221 3.109   0.539   1.00 21.35 ?  176 LEU B CD2 1 
ATOM   1096 N N   . ALA B 1 80 ? -14.072 -1.774  -0.471  1.00 20.28 ?  177 ALA B N   1 
ATOM   1097 C CA  . ALA B 1 80 ? -14.043 -2.849  0.516   1.00 18.29 ?  177 ALA B CA  1 
ATOM   1098 C C   . ALA B 1 80 ? -12.889 -3.808  0.270   1.00 22.14 ?  177 ALA B C   1 
ATOM   1099 O O   . ALA B 1 80 ? -12.240 -4.245  1.223   1.00 22.14 ?  177 ALA B O   1 
ATOM   1100 C CB  . ALA B 1 80 ? -15.373 -3.609  0.530   1.00 22.05 ?  177 ALA B CB  1 
ATOM   1101 N N   . GLN B 1 81 ? -12.609 -4.128  -0.994  1.00 21.40 ?  178 GLN B N   1 
ATOM   1102 C CA  . GLN B 1 81 ? -11.492 -5.009  -1.313  1.00 21.42 ?  178 GLN B CA  1 
ATOM   1103 C C   . GLN B 1 81 ? -10.165 -4.356  -0.942  1.00 21.53 ?  178 GLN B C   1 
ATOM   1104 O O   . GLN B 1 81 ? -9.295  -4.998  -0.346  1.00 22.08 ?  178 GLN B O   1 
ATOM   1105 C CB  . GLN B 1 81 ? -11.518 -5.355  -2.800  1.00 26.33 ?  178 GLN B CB  1 
ATOM   1106 C CG  . GLN B 1 81 ? -10.444 -6.340  -3.236  1.00 36.97 ?  178 GLN B CG  1 
ATOM   1107 C CD  . GLN B 1 81 ? -10.465 -7.624  -2.427  1.00 55.63 ?  178 GLN B CD  1 
ATOM   1108 O OE1 . GLN B 1 81 ? -11.465 -8.343  -2.407  1.00 65.94 ?  178 GLN B OE1 1 
ATOM   1109 N NE2 . GLN B 1 81 ? -9.357  -7.917  -1.750  1.00 58.37 ?  178 GLN B NE2 1 
ATOM   1110 N N   . VAL B 1 82 ? -10.002 -3.078  -1.266  1.00 22.80 ?  179 VAL B N   1 
ATOM   1111 C CA  . VAL B 1 82 ? -8.775  -2.362  -0.911  1.00 21.24 ?  179 VAL B CA  1 
ATOM   1112 C C   . VAL B 1 82 ? -8.578  -2.333  0.601   1.00 22.31 ?  179 VAL B C   1 
ATOM   1113 O O   . VAL B 1 82 ? -7.460  -2.539  1.107   1.00 23.17 ?  179 VAL B O   1 
ATOM   1114 C CB  . VAL B 1 82 ? -8.808  -0.948  -1.522  1.00 21.79 ?  179 VAL B CB  1 
ATOM   1115 C CG1 . VAL B 1 82 ? -7.728  -0.041  -0.908  1.00 22.71 ?  179 VAL B CG1 1 
ATOM   1116 C CG2 . VAL B 1 82 ? -8.707  -1.026  -3.061  1.00 22.41 ?  179 VAL B CG2 1 
ATOM   1117 N N   . MET B 1 83 ? -9.647  -2.063  1.349   1.00 21.26 ?  180 MET B N   1 
ATOM   1118 C CA  . MET B 1 83 ? -9.526  -1.985  2.799   1.00 21.52 ?  180 MET B CA  1 
ATOM   1119 C C   . MET B 1 83 ? -9.286  -3.355  3.422   1.00 24.27 ?  180 MET B C   1 
ATOM   1120 O O   . MET B 1 83 ? -8.584  -3.453  4.438   1.00 24.62 ?  180 MET B O   1 
ATOM   1121 C CB  . MET B 1 83 ? -10.739 -1.270  3.387   1.00 22.15 ?  180 MET B CB  1 
ATOM   1122 C CG  . MET B 1 83 ? -10.836 0.172   2.913   1.00 21.81 ?  180 MET B CG  1 
ATOM   1123 S SD  . MET B 1 83 ? -9.329  1.142   3.224   1.00 25.36 ?  180 MET B SD  1 
ATOM   1124 C CE  . MET B 1 83 ? -9.150  0.932   4.991   1.00 27.39 ?  180 MET B CE  1 
ATOM   1125 N N   . ARG B 1 84 ? -9.863  -4.411  2.843   1.00 21.83 ?  181 ARG B N   1 
ATOM   1126 C CA  . ARG B 1 84 ? -9.575  -5.772  3.295   1.00 27.03 ?  181 ARG B CA  1 
ATOM   1127 C C   . ARG B 1 84 ? -8.091  -6.071  3.156   1.00 30.14 ?  181 ARG B C   1 
ATOM   1128 O O   . ARG B 1 84 ? -7.462  -6.638  4.059   1.00 32.87 ?  181 ARG B O   1 
ATOM   1129 C CB  . ARG B 1 84 ? -10.365 -6.772  2.447   1.00 28.95 ?  181 ARG B CB  1 
ATOM   1130 C CG  . ARG B 1 84 ? -11.574 -7.409  3.107   1.00 39.47 ?  181 ARG B CG  1 
ATOM   1131 C CD  . ARG B 1 84 ? -12.279 -8.348  2.114   1.00 42.42 ?  181 ARG B CD  1 
ATOM   1132 N NE  . ARG B 1 84 ? -13.377 -7.684  1.413   1.00 48.60 ?  181 ARG B NE  1 
ATOM   1133 C CZ  . ARG B 1 84 ? -13.775 -7.986  0.179   1.00 49.10 ?  181 ARG B CZ  1 
ATOM   1134 N NH1 . ARG B 1 84 ? -14.787 -7.327  -0.373  1.00 40.82 ?  181 ARG B NH1 1 
ATOM   1135 N NH2 . ARG B 1 84 ? -13.153 -8.937  -0.509  1.00 52.83 ?  181 ARG B NH2 1 
ATOM   1136 N N   . GLU B 1 85 ? -7.519  -5.711  2.009   1.00 24.17 ?  182 GLU B N   1 
ATOM   1137 C CA  . GLU B 1 85 ? -6.106  -5.980  1.758   1.00 24.87 ?  182 GLU B CA  1 
ATOM   1138 C C   . GLU B 1 85 ? -5.230  -5.141  2.678   1.00 27.02 ?  182 GLU B C   1 
ATOM   1139 O O   . GLU B 1 85 ? -4.201  -5.616  3.185   1.00 25.86 ?  182 GLU B O   1 
ATOM   1140 C CB  . GLU B 1 85 ? -5.825  -5.696  0.285   1.00 24.26 ?  182 GLU B CB  1 
ATOM   1141 C CG  . GLU B 1 85 ? -4.374  -5.663  -0.134  1.00 32.06 ?  182 GLU B CG  1 
ATOM   1142 C CD  . GLU B 1 85 ? -4.238  -5.196  -1.570  1.00 51.37 ?  182 GLU B CD  1 
ATOM   1143 O OE1 . GLU B 1 85 ? -4.030  -6.056  -2.457  1.00 54.85 ?  182 GLU B OE1 1 
ATOM   1144 O OE2 . GLU B 1 85 ? -4.366  -3.976  -1.814  1.00 37.92 -1 182 GLU B OE2 1 
ATOM   1145 N N   . GLU B 1 86 ? -5.638  -3.901  2.931   1.00 25.18 ?  183 GLU B N   1 
ATOM   1146 C CA  . GLU B 1 86 ? -4.859  -3.021  3.791   1.00 23.23 ?  183 GLU B CA  1 
ATOM   1147 C C   . GLU B 1 86 ? -4.743  -3.603  5.189   1.00 30.85 ?  183 GLU B C   1 
ATOM   1148 O O   . GLU B 1 86 ? -3.664  -3.571  5.796   1.00 29.62 ?  183 GLU B O   1 
ATOM   1149 C CB  . GLU B 1 86 ? -5.508  -1.636  3.832   1.00 27.35 ?  183 GLU B CB  1 
ATOM   1150 C CG  . GLU B 1 86 ? -4.813  -0.664  4.788   1.00 26.01 ?  183 GLU B CG  1 
ATOM   1151 C CD  . GLU B 1 86 ? -5.311  0.764   4.665   1.00 25.64 ?  183 GLU B CD  1 
ATOM   1152 O OE1 . GLU B 1 86 ? -5.598  1.387   5.715   1.00 27.49 ?  183 GLU B OE1 1 
ATOM   1153 O OE2 . GLU B 1 86 ? -5.378  1.275   3.523   1.00 26.91 -1 183 GLU B OE2 1 
ATOM   1154 N N   . ALA B 1 87 ? -5.839  -4.169  5.705   1.00 28.66 ?  184 ALA B N   1 
ATOM   1155 C CA  . ALA B 1 87 ? -5.863  -4.750  7.041   1.00 28.66 ?  184 ALA B CA  1 
ATOM   1156 C C   . ALA B 1 87 ? -5.202  -6.115  7.111   1.00 36.98 ?  184 ALA B C   1 
ATOM   1157 O O   . ALA B 1 87 ? -5.028  -6.638  8.216   1.00 43.88 ?  184 ALA B O   1 
ATOM   1158 C CB  . ALA B 1 87 ? -7.300  -4.874  7.548   1.00 28.96 ?  184 ALA B CB  1 
ATOM   1159 N N   . GLY B 1 88 ? -4.838  -6.707  5.975   1.00 33.91 ?  185 GLY B N   1 
ATOM   1160 C CA  . GLY B 1 88 ? -4.267  -8.037  5.973   1.00 42.05 ?  185 GLY B CA  1 
ATOM   1161 C C   . GLY B 1 88 ? -5.274  -9.162  6.027   1.00 47.88 ?  185 GLY B C   1 
ATOM   1162 O O   . GLY B 1 88 ? -4.894  -10.301 6.320   1.00 56.37 ?  185 GLY B O   1 
ATOM   1163 N N   . ASP B 1 89 ? -6.545  -8.881  5.763   1.00 46.12 ?  186 ASP B N   1 
ATOM   1164 C CA  . ASP B 1 89 ? -7.571  -9.914  5.728   1.00 50.48 ?  186 ASP B CA  1 
ATOM   1165 C C   . ASP B 1 89 ? -7.628  -10.551 4.343   1.00 53.04 ?  186 ASP B C   1 
ATOM   1166 O O   . ASP B 1 89 ? -8.631  -11.154 3.966   1.00 56.95 ?  186 ASP B O   1 
ATOM   1167 C CB  . ASP B 1 89 ? -8.932  -9.322  6.099   1.00 49.49 ?  186 ASP B CB  1 
HETATM 1168 O O   . HOH C 2 .  ? 14.030  3.368   -5.494  1.00 36.97 ?  201 HOH A O   1 
HETATM 1169 O O   . HOH C 2 .  ? 21.528  -2.082  21.389  1.00 52.56 ?  202 HOH A O   1 
HETATM 1170 O O   . HOH C 2 .  ? 14.753  -2.027  15.081  1.00 40.03 ?  203 HOH A O   1 
HETATM 1171 O O   . HOH C 2 .  ? 14.117  -5.049  14.769  1.00 41.01 ?  204 HOH A O   1 
HETATM 1172 O O   . HOH C 2 .  ? 17.200  -13.523 6.399   1.00 31.85 ?  205 HOH A O   1 
HETATM 1173 O O   . HOH C 2 .  ? 4.334   -15.174 10.279  1.00 31.12 ?  206 HOH A O   1 
HETATM 1174 O O   . HOH C 2 .  ? 9.708   -11.016 -7.204  1.00 38.04 ?  207 HOH A O   1 
HETATM 1175 O O   . HOH C 2 .  ? 5.055   4.455   9.521   1.00 42.92 ?  208 HOH A O   1 
HETATM 1176 O O   . HOH C 2 .  ? 23.124  -15.485 0.029   1.00 30.89 ?  209 HOH A O   1 
HETATM 1177 O O   . HOH C 2 .  ? 4.391   -18.968 3.722   1.00 32.37 ?  210 HOH A O   1 
HETATM 1178 O O   . HOH C 2 .  ? -0.458  -0.098  -5.914  1.00 31.41 ?  211 HOH A O   1 
HETATM 1179 O O   . HOH C 2 .  ? 17.196  5.175   7.412   1.00 35.51 ?  212 HOH A O   1 
HETATM 1180 O O   . HOH C 2 .  ? 16.692  -9.141  -6.239  1.00 38.70 ?  213 HOH A O   1 
HETATM 1181 O O   . HOH C 2 .  ? 5.643   -7.133  8.030   1.00 33.08 ?  214 HOH A O   1 
HETATM 1182 O O   . HOH C 2 .  ? 11.341  4.524   3.823   1.00 30.42 ?  215 HOH A O   1 
HETATM 1183 O O   . HOH C 2 .  ? 9.718   -14.947 20.450  1.00 40.69 ?  216 HOH A O   1 
HETATM 1184 O O   . HOH C 2 .  ? 19.055  -7.669  8.641   1.00 25.69 ?  217 HOH A O   1 
HETATM 1185 O O   . HOH C 2 .  ? 7.984   -15.823 11.810  1.00 30.87 ?  218 HOH A O   1 
HETATM 1186 O O   . HOH C 2 .  ? 21.009  -14.607 -3.732  1.00 33.93 ?  219 HOH A O   1 
HETATM 1187 O O   . HOH C 2 .  ? 9.969   -12.367 16.952  1.00 31.62 ?  220 HOH A O   1 
HETATM 1188 O O   . HOH C 2 .  ? 23.270  -9.680  0.150   1.00 35.41 ?  221 HOH A O   1 
HETATM 1189 O O   . HOH C 2 .  ? 18.962  -7.717  0.313   1.00 18.76 ?  222 HOH A O   1 
HETATM 1190 O O   . HOH C 2 .  ? 15.115  -8.164  15.334  1.00 26.14 ?  223 HOH A O   1 
HETATM 1191 O O   . HOH C 2 .  ? 14.247  -8.586  -9.733  1.00 38.00 ?  224 HOH A O   1 
HETATM 1192 O O   . HOH C 2 .  ? 8.420   -7.546  -3.990  1.00 32.08 ?  225 HOH A O   1 
HETATM 1193 O O   . HOH C 2 .  ? 18.044  -15.332 8.794   1.00 32.78 ?  226 HOH A O   1 
HETATM 1194 O O   . HOH C 2 .  ? 6.654   -16.832 4.335   1.00 26.73 ?  227 HOH A O   1 
HETATM 1195 O O   . HOH C 2 .  ? 4.001   -4.753  11.588  1.00 39.95 ?  228 HOH A O   1 
HETATM 1196 O O   . HOH C 2 .  ? 8.618   -10.403 17.865  1.00 42.11 ?  229 HOH A O   1 
HETATM 1197 O O   . HOH C 2 .  ? 10.917  -15.137 10.777  1.00 25.52 ?  230 HOH A O   1 
HETATM 1198 O O   . HOH C 2 .  ? 17.201  -12.792 -6.565  1.00 39.80 ?  231 HOH A O   1 
HETATM 1199 O O   . HOH C 2 .  ? 16.404  -14.707 12.751  1.00 29.62 ?  232 HOH A O   1 
HETATM 1200 O O   . HOH C 2 .  ? 17.657  4.575   0.504   1.00 38.74 ?  233 HOH A O   1 
HETATM 1201 O O   . HOH C 2 .  ? 7.755   3.683   -2.068  1.00 34.96 ?  234 HOH A O   1 
HETATM 1202 O O   . HOH C 2 .  ? 18.859  6.965   15.563  1.00 43.15 ?  235 HOH A O   1 
HETATM 1203 O O   . HOH C 2 .  ? 18.417  -1.471  -4.420  1.00 38.83 ?  236 HOH A O   1 
HETATM 1204 O O   . HOH C 2 .  ? 19.405  3.008   3.545   1.00 31.79 ?  237 HOH A O   1 
HETATM 1205 O O   . HOH C 2 .  ? -0.152  -5.708  11.315  1.00 41.94 ?  238 HOH A O   1 
HETATM 1206 O O   . HOH C 2 .  ? 16.583  -1.854  -11.302 1.00 54.85 ?  239 HOH A O   1 
HETATM 1207 O O   . HOH C 2 .  ? 11.031  -14.004 -5.693  1.00 29.50 ?  240 HOH A O   1 
HETATM 1208 O O   . HOH C 2 .  ? 16.891  4.282   13.615  1.00 46.53 ?  241 HOH A O   1 
HETATM 1209 O O   . HOH C 2 .  ? 4.774   3.480   -2.821  1.00 39.84 ?  242 HOH A O   1 
HETATM 1210 O O   . HOH C 2 .  ? 13.623  -15.150 -5.143  1.00 28.15 ?  243 HOH A O   1 
HETATM 1211 O O   . HOH C 2 .  ? 9.064   -5.463  -5.607  1.00 26.71 ?  244 HOH A O   1 
HETATM 1212 O O   . HOH C 2 .  ? 23.106  3.527   11.231  1.00 35.64 ?  245 HOH A O   1 
HETATM 1213 O O   . HOH C 2 .  ? 1.310   2.881   -4.244  1.00 38.30 ?  246 HOH A O   1 
HETATM 1214 O O   . HOH C 2 .  ? 10.945  -16.589 8.003   1.00 23.61 ?  247 HOH A O   1 
HETATM 1215 O O   . HOH C 2 .  ? 11.819  -7.188  -12.217 1.00 50.92 ?  248 HOH A O   1 
HETATM 1216 O O   . HOH C 2 .  ? 2.079   -9.272  -5.445  1.00 41.21 ?  249 HOH A O   1 
HETATM 1217 O O   . HOH C 2 .  ? 1.496   -0.930  9.625   1.00 39.74 ?  250 HOH A O   1 
HETATM 1218 O O   . HOH C 2 .  ? 1.887   -16.745 14.815  1.00 47.89 ?  251 HOH A O   1 
HETATM 1219 O O   . HOH C 2 .  ? 7.702   -4.843  -7.953  1.00 46.50 ?  252 HOH A O   1 
HETATM 1220 O O   . HOH C 2 .  ? 0.764   -16.536 -5.451  1.00 60.18 ?  253 HOH A O   1 
HETATM 1221 O O   . HOH C 2 .  ? 2.940   -17.397 12.516  1.00 35.40 ?  254 HOH A O   1 
HETATM 1222 O O   . HOH C 2 .  ? -0.733  -9.036  5.452   1.00 42.59 ?  255 HOH A O   1 
HETATM 1223 O O   . HOH C 2 .  ? 2.085   -11.078 15.067  1.00 55.87 ?  256 HOH A O   1 
HETATM 1224 O O   . HOH C 2 .  ? -3.639  -15.939 5.290   1.00 39.34 ?  257 HOH A O   1 
HETATM 1225 O O   . HOH C 2 .  ? 2.137   -2.642  11.448  1.00 42.35 ?  258 HOH A O   1 
HETATM 1226 O O   . HOH C 2 .  ? 1.559   -7.610  14.225  1.00 56.89 ?  259 HOH A O   1 
HETATM 1227 O O   . HOH C 2 .  ? 9.157   -15.723 -5.026  1.00 39.20 ?  260 HOH A O   1 
HETATM 1228 O O   . HOH C 2 .  ? -0.434  -10.443 -4.883  1.00 58.54 ?  261 HOH A O   1 
HETATM 1229 O O   . HOH D 2 .  ? -13.304 6.072   6.528   1.00 40.36 ?  201 HOH B O   1 
HETATM 1230 O O   . HOH D 2 .  ? -15.991 2.305   -15.901 1.00 37.31 ?  202 HOH B O   1 
HETATM 1231 O O   . HOH D 2 .  ? -9.485  11.275  3.397   1.00 29.76 ?  203 HOH B O   1 
HETATM 1232 O O   . HOH D 2 .  ? -0.647  -3.119  -7.446  1.00 38.91 ?  204 HOH B O   1 
HETATM 1233 O O   . HOH D 2 .  ? -14.458 0.267   -14.158 1.00 34.59 ?  205 HOH B O   1 
HETATM 1234 O O   . HOH D 2 .  ? -20.671 10.258  -15.134 1.00 47.19 ?  206 HOH B O   1 
HETATM 1235 O O   . HOH D 2 .  ? -3.683  9.378   4.376   1.00 25.80 ?  207 HOH B O   1 
HETATM 1236 O O   . HOH D 2 .  ? -18.652 -2.876  -0.618  1.00 32.70 ?  208 HOH B O   1 
HETATM 1237 O O   . HOH D 2 .  ? -19.345 8.158   -10.715 1.00 40.37 ?  209 HOH B O   1 
HETATM 1238 O O   . HOH D 2 .  ? -6.601  0.661   8.117   1.00 46.17 ?  210 HOH B O   1 
HETATM 1239 O O   . HOH D 2 .  ? -27.433 6.203   -8.293  1.00 57.74 ?  211 HOH B O   1 
HETATM 1240 O O   . HOH D 2 .  ? -16.050 -2.863  -8.143  1.00 32.35 ?  212 HOH B O   1 
HETATM 1241 O O   . HOH D 2 .  ? -2.087  5.794   -13.681 1.00 44.30 ?  213 HOH B O   1 
HETATM 1242 O O   . HOH D 2 .  ? -18.936 9.524   8.608   1.00 35.86 ?  214 HOH B O   1 
HETATM 1243 O O   . HOH D 2 .  ? 0.027   12.514  -6.269  1.00 37.42 ?  215 HOH B O   1 
HETATM 1244 O O   . HOH D 2 .  ? -6.548  6.796   -8.736  1.00 24.90 ?  216 HOH B O   1 
HETATM 1245 O O   . HOH D 2 .  ? -3.717  0.385   1.486   1.00 29.32 ?  217 HOH B O   1 
HETATM 1246 O O   . HOH D 2 .  ? -7.836  3.332   -17.070 1.00 42.27 ?  218 HOH B O   1 
HETATM 1247 O O   . HOH D 2 .  ? -22.645 -1.549  -10.625 1.00 46.86 ?  219 HOH B O   1 
HETATM 1248 O O   . HOH D 2 .  ? -21.524 13.806  0.985   1.00 35.68 ?  220 HOH B O   1 
HETATM 1249 O O   . HOH D 2 .  ? -21.555 8.637   6.102   1.00 28.53 ?  221 HOH B O   1 
HETATM 1250 O O   . HOH D 2 .  ? -9.724  -2.067  6.646   1.00 30.78 ?  222 HOH B O   1 
HETATM 1251 O O   . HOH D 2 .  ? -24.501 4.546   -8.761  1.00 36.45 ?  223 HOH B O   1 
HETATM 1252 O O   . HOH D 2 .  ? -5.753  17.225  -14.357 1.00 51.15 ?  224 HOH B O   1 
HETATM 1253 O O   . HOH D 2 .  ? -18.007 11.343  -8.634  1.00 37.09 ?  225 HOH B O   1 
HETATM 1254 O O   . HOH D 2 .  ? -1.424  -1.980  4.961   1.00 40.10 ?  226 HOH B O   1 
HETATM 1255 O O   . HOH D 2 .  ? -3.897  3.649   -10.081 1.00 34.16 ?  227 HOH B O   1 
HETATM 1256 O O   . HOH D 2 .  ? 1.773   6.424   -0.535  1.00 37.42 ?  228 HOH B O   1 
HETATM 1257 O O   . HOH D 2 .  ? -1.970  -5.312  7.387   1.00 44.83 ?  229 HOH B O   1 
HETATM 1258 O O   . HOH D 2 .  ? -9.357  13.827  -13.533 1.00 44.20 ?  230 HOH B O   1 
HETATM 1259 O O   . HOH D 2 .  ? -22.886 4.055   -13.205 1.00 47.48 ?  231 HOH B O   1 
HETATM 1260 O O   . HOH D 2 .  ? -18.893 17.110  -1.591  1.00 26.52 ?  232 HOH B O   1 
HETATM 1261 O O   . HOH D 2 .  ? -19.209 1.123   -12.487 1.00 33.31 ?  233 HOH B O   1 
HETATM 1262 O O   . HOH D 2 .  ? -24.792 1.564   -7.665  1.00 29.07 ?  234 HOH B O   1 
HETATM 1263 O O   . HOH D 2 .  ? -5.260  14.283  -1.572  1.00 38.16 ?  235 HOH B O   1 
HETATM 1264 O O   . HOH D 2 .  ? -15.913 7.892   7.730   1.00 39.83 ?  236 HOH B O   1 
HETATM 1265 O O   . HOH D 2 .  ? -7.152  7.352   -16.726 1.00 38.79 ?  237 HOH B O   1 
HETATM 1266 O O   . HOH D 2 .  ? -5.729  1.504   -14.002 1.00 38.66 ?  238 HOH B O   1 
HETATM 1267 O O   . HOH D 2 .  ? -4.113  18.550  -10.130 1.00 34.55 ?  239 HOH B O   1 
HETATM 1268 O O   . HOH D 2 .  ? -18.969 16.990  -4.436  1.00 31.73 ?  240 HOH B O   1 
HETATM 1269 O O   . HOH D 2 .  ? -22.944 3.614   -0.285  1.00 40.96 ?  241 HOH B O   1 
HETATM 1270 O O   . HOH D 2 .  ? -1.332  8.826   5.853   1.00 31.08 ?  242 HOH B O   1 
HETATM 1271 O O   . HOH D 2 .  ? -19.299 18.036  -8.489  1.00 53.82 ?  243 HOH B O   1 
HETATM 1272 O O   . HOH D 2 .  ? -6.171  7.516   6.815   1.00 46.59 ?  244 HOH B O   1 
HETATM 1273 O O   . HOH D 2 .  ? -1.389  -0.664  2.766   1.00 36.50 ?  245 HOH B O   1 
HETATM 1274 O O   . HOH D 2 .  ? -0.675  1.530   -3.922  1.00 33.36 ?  246 HOH B O   1 
HETATM 1275 O O   . HOH D 2 .  ? -24.535 -3.780  -8.279  1.00 43.75 ?  247 HOH B O   1 
HETATM 1276 O O   . HOH D 2 .  ? -16.220 20.269  -3.075  1.00 41.92 ?  248 HOH B O   1 
HETATM 1277 O O   . HOH D 2 .  ? -17.336 19.126  -5.259  1.00 40.73 ?  249 HOH B O   1 
HETATM 1278 O O   . HOH D 2 .  ? -14.506 -4.784  -6.755  1.00 41.31 ?  250 HOH B O   1 
HETATM 1279 O O   . HOH D 2 .  ? -20.700 -1.339  -12.466 1.00 49.38 ?  251 HOH B O   1 
HETATM 1280 O O   . HOH D 2 .  ? -6.100  18.915  -11.591 1.00 43.02 ?  252 HOH B O   1 
HETATM 1281 O O   . HOH D 2 .  ? -21.321 16.646  -0.202  1.00 32.21 ?  253 HOH B O   1 
HETATM 1282 O O   . HOH D 2 .  ? 1.655   5.547   -2.815  1.00 42.54 ?  254 HOH B O   1 
HETATM 1283 O O   . HOH D 2 .  ? -23.219 0.190   -13.436 1.00 57.40 ?  255 HOH B O   1 
HETATM 1284 O O   . HOH D 2 .  ? -3.322  17.161  -4.630  1.00 23.76 ?  256 HOH B O   1 
HETATM 1285 O O   . HOH D 2 .  ? -21.232 8.905   -12.718 1.00 46.40 ?  257 HOH B O   1 
HETATM 1286 O O   . HOH D 2 .  ? -25.093 1.729   -12.438 1.00 52.02 ?  258 HOH B O   1 
HETATM 1287 O O   . HOH D 2 .  ? -15.520 -2.579  -11.210 1.00 42.67 ?  259 HOH B O   1 
# 
